data_8ROR
#
_entry.id   8ROR
#
_cell.length_a   1.00
_cell.length_b   1.00
_cell.length_c   1.00
_cell.angle_alpha   90.00
_cell.angle_beta   90.00
_cell.angle_gamma   90.00
#
_symmetry.space_group_name_H-M   'P 1'
#
loop_
_entity.id
_entity.type
_entity.pdbx_description
1 polymer 'Adhesin P1'
2 polymer 'Light Chain Fab'
3 polymer 'Heavy Chain Fab'
4 water water
#
loop_
_entity_poly.entity_id
_entity_poly.type
_entity_poly.pdbx_seq_one_letter_code
_entity_poly.pdbx_strand_id
1 'polypeptide(L)'
;NAINPRLTPWTYRNTSFSSLPLTGENPGAWALVRDNSAKGITAGSGSQQTTYDPTRTEAALTASTTFALRRYDLAGRALY
DLDFSKLNPQTPTRDQTGQITFNPFGGFGLSGAAPQQWNEVKNKVPVEVAQDPSNPYRFAVLLVPRSVVYYEQLQRGLGL
PQQRTESGQNTSTTGAMFGLKVKNAEADTAKSNEKLQGAEATGSSTTSGSGQSTQRGGSSGDTKVKALKIEVKKKSDSED
NGQLQLEKNDLANAPIKRSEESGQSVQLKADDFGTALSSSGSGGNSNPGSPTPWRPWLATEQIHKDLPKWSASILILYDA
PYARNRTAIDRVDHLDPKAMTANYPPSWRTPKWNHHGLWDWKARDVLLQTTGFFNPRRHPEWFDGGQTVADNEKTGFDVD
NSENTKQGFQKEADSDKSAPIALPFEAYFANIGNLTWFGQALLVFGGNGHVTKSAHTAPLSIGVFRVRYNATGTSATVTG
WPYALLFSGMVNKQTDGLKDLPFNNNRWFEYVPRMAVAGAKFVGRELVLAGTITMGDTATVPRLLYDELESNLNLVAQGQ
GLLREDLQLFTPYGWANRPDLPIGAWSSSSSSSHNAPYYFHNNPDWQDRPIQNVVDAFIKPWEDKNGKDDAKYIYPYRYS
GMWAWQVYNWSNKLTDQPLSADFVNENAYQPNSLFAAILNPELLAALPDKVKYGKENEFAANEYERFNQKLTVAPTQGTN
WSHFSPTLSRFSTGFNLVGSVLDQVLDYVPWIGNGYRYGNNHRGVDDITAPQTSAGSSSGISTNTSGSRSFLPTFSNIGV
GLKANVQATLGGSQTMITGGSPRRTLDQANLQLWTGAGWRNDKASSGQSDENHTKFTSATGMDQQGQSGTSAGNPDSLKQ
DNISKSGDSLTTQDGNAIDQQEATNYTNLPPNLTPTADWPNALSFTNKNNAQRAQLFLRGLLGSIPVLVNRSGSDSNKFQ
ATDQKWSYTDLHSDQTKLNLPAYGEVNGLLNPALVETYFGNTRAGGSGSNTTSSPGIGFKIPEQNNDSKATLITPGLAWT
PQDVGNLVVSGTTVSFQLGGWLVTFTDFVKPRAGYLGLQLTGLDASDATQRALIWAPRPWAAFRGSWVNRLGRVESVWDL
KGVWADQAQSDSQGSTTTATRNALPEHPNALAFQVSVVEASAYKPNTSSGQTQSTNSSPYLHLVKPKKVTQSDKLDDDLK
NLLDPNQVRTKLRQSFGTDHSTQPQPQSLKTTTPVFGTSSGNLSSVLSGGGAGGGSSGSGQSGVDLSPVEKVSGWLVGQL
PSTSDGNTSSTNNLAPNTNTGNDVVGVGRLSESNAAKMNDDVDGIVRTPLAELLDGEGQTADTGPQSVKFKSPDQIDFNR
LFTHPVTDLFDPVTMLVYDQYIPLFIDIPASVNPKMVRLKVLSFDTNEQSLGLRLEFFKPDQDTQPNNNVQVNPNNGDFL
PLLTASSQGPQTLFSPF
;
1
2 'polypeptide(L)'
;VLMTQTPLSLPVSLGDQASISCRFSQTIVHSNGATYLEWYLQRPGQSPKLLIYKVSNRFSGVPDRFSGSGSGTDFTLKIS
RVEAEDLGVYYCFQGSHVPWTFGGGTKLEIKRADAAPTVSIFPPSSEQLTSGGASVVCFLNNFYPKDINVKWKIDGSERQ
NGVLNSWTDQDSKDSTYSMSSTLTLTKDEYERHNSYTCEATHKTSTSPIVKSFNRNEC
;
L
3 'polypeptide(L)'
;EVQLQQSGPELVKPGTSMKISCKASGYSFTGYTMNWVKQSHGKSLEWIGLINPYNGGTNYNQKFRGTATLTVDKSSSTAY
MELLSLTSEDSAVYYCARSNYAYDLLMDYWGQGTSVTVSSAKTTPPSVYPLAPGSAAQTNSMVTLGCLVKGYFPEPVTVT
WNSGSLSSGVHTFPAVLQSDLYTLSSSVTVPSSTWPSETVTCNVAHPASSTKVDKKIVPRDC
;
H
#
# COMPACT_ATOMS: atom_id res chain seq x y z
N ASN A 1 18.72 31.27 15.54
CA ASN A 1 18.90 31.78 16.90
C ASN A 1 18.23 30.86 17.91
N ALA A 2 18.06 31.37 19.14
CA ALA A 2 17.56 30.57 20.24
C ALA A 2 16.06 30.32 20.08
N ILE A 3 15.43 29.78 21.12
CA ILE A 3 14.00 29.50 21.11
C ILE A 3 13.22 30.76 20.80
N ASN A 4 12.10 30.59 20.10
CA ASN A 4 11.12 31.64 19.92
C ASN A 4 9.83 31.18 20.59
N PRO A 5 9.57 31.57 21.83
CA PRO A 5 8.39 31.05 22.54
C PRO A 5 7.08 31.40 21.86
N ARG A 6 7.05 32.47 21.07
CA ARG A 6 5.84 32.86 20.37
C ARG A 6 5.50 31.90 19.24
N LEU A 7 6.41 30.98 18.91
CA LEU A 7 6.17 29.93 17.93
C LEU A 7 5.91 28.61 18.64
N THR A 8 4.85 27.93 18.23
CA THR A 8 4.50 26.63 18.76
C THR A 8 4.49 25.61 17.63
N PRO A 9 4.72 24.32 17.94
CA PRO A 9 4.73 23.31 16.89
C PRO A 9 3.40 23.26 16.14
N TRP A 10 3.50 23.06 14.82
CA TRP A 10 2.33 23.00 13.96
C TRP A 10 2.50 21.88 12.96
N THR A 11 1.39 21.42 12.42
CA THR A 11 1.35 20.27 11.53
C THR A 11 1.06 20.73 10.10
N TYR A 12 1.92 20.35 9.18
CA TYR A 12 1.71 20.63 7.77
C TYR A 12 0.54 19.81 7.27
N ARG A 13 -0.57 20.48 6.96
CA ARG A 13 -1.80 19.77 6.60
C ARG A 13 -1.63 18.95 5.33
N ASN A 14 -0.72 19.36 4.44
CA ASN A 14 -0.49 18.61 3.22
C ASN A 14 0.04 17.21 3.50
N THR A 15 0.88 17.08 4.52
CA THR A 15 1.56 15.81 4.78
C THR A 15 1.37 15.32 6.20
N SER A 16 0.55 16.00 7.00
CA SER A 16 0.38 15.68 8.42
C SER A 16 1.72 15.69 9.15
N PHE A 17 2.70 16.39 8.57
CA PHE A 17 4.04 16.45 9.14
C PHE A 17 4.10 17.61 10.12
N SER A 18 4.47 17.31 11.34
CA SER A 18 4.74 18.33 12.35
C SER A 18 6.19 18.29 12.81
N SER A 19 6.72 17.11 13.10
CA SER A 19 8.11 16.94 13.46
C SER A 19 8.67 15.71 12.77
N LEU A 20 9.96 15.78 12.43
CA LEU A 20 10.69 14.64 11.93
C LEU A 20 11.47 14.03 13.06
N PRO A 21 11.17 12.80 13.48
CA PRO A 21 12.03 12.13 14.46
C PRO A 21 13.41 11.90 13.90
N LEU A 22 14.41 11.97 14.78
CA LEU A 22 15.82 11.86 14.39
C LEU A 22 16.48 10.84 15.30
N THR A 23 16.62 9.62 14.81
CA THR A 23 17.27 8.55 15.54
C THR A 23 18.64 8.28 14.92
N GLY A 24 19.68 8.35 15.75
CA GLY A 24 21.01 8.08 15.27
C GLY A 24 22.04 9.08 15.70
N GLU A 25 23.02 9.35 14.84
CA GLU A 25 24.13 10.22 15.20
C GLU A 25 23.65 11.66 15.41
N ASN A 26 22.64 12.09 14.65
CA ASN A 26 21.99 13.39 14.84
C ASN A 26 20.58 13.14 15.35
N PRO A 27 20.38 13.00 16.66
CA PRO A 27 19.04 12.67 17.18
C PRO A 27 18.22 13.89 17.54
N GLY A 28 16.97 13.65 17.94
CA GLY A 28 16.07 14.71 18.35
C GLY A 28 14.84 14.77 17.46
N ALA A 29 14.40 15.98 17.17
CA ALA A 29 13.28 16.17 16.27
C ALA A 29 13.49 17.46 15.49
N TRP A 30 12.99 17.48 14.27
CA TRP A 30 12.92 18.70 13.48
C TRP A 30 11.44 19.05 13.37
N ALA A 31 10.97 19.89 14.29
CA ALA A 31 9.56 20.21 14.37
C ALA A 31 9.26 21.48 13.57
N LEU A 32 8.11 21.50 12.93
CA LEU A 32 7.61 22.71 12.30
C LEU A 32 6.98 23.56 13.39
N VAL A 33 7.56 24.74 13.66
CA VAL A 33 6.94 25.66 14.60
C VAL A 33 6.50 26.89 13.82
N ARG A 34 5.41 27.49 14.27
CA ARG A 34 4.87 28.66 13.62
C ARG A 34 4.17 29.52 14.65
N ASP A 35 3.90 30.76 14.26
CA ASP A 35 3.08 31.65 15.08
C ASP A 35 1.64 31.15 14.95
N ASN A 36 1.32 30.11 15.73
CA ASN A 36 -0.01 29.53 15.70
C ASN A 36 -1.07 30.52 16.15
N SER A 37 -0.68 31.57 16.86
CA SER A 37 -1.60 32.63 17.23
C SER A 37 -1.84 33.61 16.08
N ALA A 38 -1.01 33.58 15.04
CA ALA A 38 -1.24 34.43 13.89
C ALA A 38 -2.49 33.99 13.15
N LYS A 39 -3.34 34.96 12.80
CA LYS A 39 -4.59 34.66 12.12
C LYS A 39 -4.39 34.15 10.70
N GLY A 40 -3.19 34.25 10.16
CA GLY A 40 -2.95 33.82 8.80
C GLY A 40 -3.36 34.90 7.83
N ILE A 41 -4.11 34.52 6.79
CA ILE A 41 -4.54 35.46 5.76
C ILE A 41 -5.89 36.02 6.22
N THR A 42 -5.82 36.99 7.13
CA THR A 42 -6.97 37.76 7.62
C THR A 42 -8.21 36.89 7.80
N ALA A 43 -8.03 35.75 8.47
CA ALA A 43 -9.10 34.78 8.63
C ALA A 43 -9.11 34.26 10.06
N GLY A 44 -10.28 33.76 10.47
CA GLY A 44 -10.45 33.21 11.80
C GLY A 44 -11.15 31.88 11.80
N GLN A 48 -17.05 38.48 2.94
CA GLN A 48 -17.48 38.89 1.60
C GLN A 48 -16.82 38.05 0.52
N GLN A 49 -16.02 37.07 0.96
CA GLN A 49 -15.28 36.18 0.05
C GLN A 49 -14.43 36.99 -0.93
N THR A 50 -13.75 38.00 -0.40
CA THR A 50 -12.88 38.82 -1.23
C THR A 50 -11.68 38.03 -1.73
N THR A 51 -11.27 38.29 -2.96
CA THR A 51 -10.10 37.64 -3.51
C THR A 51 -8.83 38.22 -2.86
N TYR A 52 -7.76 37.43 -2.90
CA TYR A 52 -6.50 37.79 -2.30
C TYR A 52 -5.41 37.76 -3.37
N ASP A 53 -4.76 38.90 -3.57
CA ASP A 53 -3.63 38.95 -4.49
C ASP A 53 -2.49 38.11 -3.94
N PRO A 54 -1.98 37.14 -4.69
CA PRO A 54 -0.93 36.26 -4.14
C PRO A 54 0.30 37.01 -3.64
N THR A 55 0.77 38.03 -4.38
CA THR A 55 1.98 38.72 -3.95
C THR A 55 1.75 39.49 -2.65
N ARG A 56 0.66 40.26 -2.58
CA ARG A 56 0.37 41.00 -1.36
C ARG A 56 0.08 40.06 -0.21
N THR A 57 -0.62 38.96 -0.47
CA THR A 57 -0.88 37.99 0.59
C THR A 57 0.41 37.38 1.13
N GLU A 58 1.33 37.04 0.22
CA GLU A 58 2.62 36.50 0.65
C GLU A 58 3.40 37.52 1.46
N ALA A 59 3.39 38.78 1.03
CA ALA A 59 4.09 39.82 1.79
C ALA A 59 3.47 40.00 3.17
N ALA A 60 2.14 40.01 3.24
CA ALA A 60 1.46 40.18 4.53
C ALA A 60 1.74 39.00 5.45
N LEU A 61 1.78 37.79 4.92
CA LEU A 61 2.06 36.63 5.74
C LEU A 61 3.51 36.63 6.21
N THR A 62 4.44 37.07 5.36
CA THR A 62 5.82 37.20 5.78
C THR A 62 5.95 38.23 6.89
N ALA A 63 5.23 39.34 6.79
CA ALA A 63 5.30 40.39 7.80
C ALA A 63 4.57 40.02 9.08
N SER A 64 3.59 39.11 9.02
CA SER A 64 2.76 38.79 10.17
C SER A 64 3.01 37.39 10.70
N THR A 65 2.87 36.37 9.86
CA THR A 65 3.07 35.00 10.30
C THR A 65 4.56 34.70 10.41
N THR A 66 4.93 33.98 11.46
CA THR A 66 6.32 33.62 11.73
C THR A 66 6.44 32.10 11.75
N PHE A 67 7.37 31.57 10.96
CA PHE A 67 7.59 30.14 10.85
C PHE A 67 9.06 29.83 11.11
N ALA A 68 9.31 28.62 11.59
CA ALA A 68 10.66 28.20 11.89
C ALA A 68 10.73 26.68 11.97
N LEU A 69 11.95 26.18 11.90
CA LEU A 69 12.26 24.80 12.23
C LEU A 69 12.81 24.76 13.64
N ARG A 70 12.04 24.21 14.57
CA ARG A 70 12.53 24.02 15.92
C ARG A 70 13.34 22.75 15.99
N ARG A 71 14.61 22.87 16.35
CA ARG A 71 15.40 21.70 16.65
C ARG A 71 15.11 21.25 18.08
N TYR A 72 14.94 19.95 18.25
CA TYR A 72 14.73 19.35 19.54
C TYR A 72 15.83 18.33 19.78
N ASP A 73 16.43 18.36 20.96
CA ASP A 73 17.35 17.30 21.31
C ASP A 73 16.57 16.00 21.50
N LEU A 74 17.29 14.90 21.69
CA LEU A 74 16.66 13.60 21.69
C LEU A 74 15.65 13.45 22.82
N ALA A 75 15.82 14.21 23.90
CA ALA A 75 14.92 14.15 25.05
C ALA A 75 13.69 15.04 24.88
N GLY A 76 13.59 15.77 23.78
CA GLY A 76 12.46 16.64 23.56
C GLY A 76 12.59 18.05 24.09
N ARG A 77 13.72 18.39 24.71
CA ARG A 77 13.93 19.77 25.11
C ARG A 77 14.05 20.66 23.89
N ALA A 78 13.30 21.75 23.88
CA ALA A 78 13.22 22.62 22.71
C ALA A 78 14.54 23.38 22.55
N LEU A 79 15.36 22.94 21.61
CA LEU A 79 16.59 23.64 21.29
C LEU A 79 16.29 24.82 20.38
N TYR A 80 17.35 25.39 19.80
CA TYR A 80 17.26 26.57 18.96
C TYR A 80 16.19 26.42 17.88
N ASP A 81 15.49 27.52 17.61
CA ASP A 81 14.64 27.61 16.45
C ASP A 81 15.47 27.93 15.22
N LEU A 82 14.98 27.51 14.05
CA LEU A 82 15.57 27.91 12.78
C LEU A 82 14.53 28.72 12.01
N ASP A 83 14.48 30.00 12.32
CA ASP A 83 13.58 30.95 11.65
C ASP A 83 14.29 31.42 10.39
N PHE A 84 14.01 30.72 9.28
CA PHE A 84 14.75 30.97 8.05
C PHE A 84 14.66 32.43 7.62
N SER A 85 13.51 33.07 7.85
CA SER A 85 13.41 34.50 7.56
C SER A 85 14.35 35.32 8.44
N LYS A 86 14.43 34.98 9.73
CA LYS A 86 15.34 35.65 10.64
C LYS A 86 16.72 35.01 10.66
N LEU A 87 16.88 33.84 10.03
CA LEU A 87 18.17 33.18 9.99
C LEU A 87 19.10 33.89 9.01
N ASN A 88 20.40 33.89 9.33
CA ASN A 88 21.45 34.41 8.47
C ASN A 88 22.38 33.26 8.17
N PRO A 89 21.99 32.34 7.29
CA PRO A 89 22.73 31.10 7.10
C PRO A 89 24.01 31.33 6.32
N GLN A 90 24.81 30.27 6.26
CA GLN A 90 26.04 30.25 5.50
C GLN A 90 26.18 28.89 4.85
N THR A 91 26.62 28.87 3.60
CA THR A 91 26.88 27.60 2.94
C THR A 91 28.03 26.88 3.65
N PRO A 92 27.84 25.64 4.07
CA PRO A 92 28.95 24.90 4.68
C PRO A 92 30.09 24.70 3.68
N THR A 93 31.31 24.83 4.18
CA THR A 93 32.46 24.59 3.33
C THR A 93 32.64 23.09 3.11
N ARG A 94 33.47 22.75 2.12
CA ARG A 94 33.72 21.37 1.76
C ARG A 94 35.21 21.15 1.56
N ASP A 95 35.64 19.92 1.85
CA ASP A 95 37.05 19.56 1.70
C ASP A 95 37.31 19.19 0.24
N GLN A 96 38.53 18.72 -0.04
CA GLN A 96 38.90 18.38 -1.41
C GLN A 96 38.11 17.18 -1.94
N THR A 97 37.57 16.35 -1.07
CA THR A 97 36.81 15.17 -1.48
C THR A 97 35.35 15.46 -1.75
N GLY A 98 34.90 16.69 -1.50
CA GLY A 98 33.51 17.06 -1.71
C GLY A 98 32.61 16.85 -0.51
N GLN A 99 33.11 16.22 0.55
CA GLN A 99 32.31 16.07 1.75
C GLN A 99 32.19 17.41 2.48
N ILE A 100 31.15 17.53 3.29
CA ILE A 100 30.90 18.76 4.02
C ILE A 100 31.93 18.89 5.13
N THR A 101 32.65 20.02 5.15
CA THR A 101 33.55 20.30 6.25
C THR A 101 32.71 20.45 7.51
N PHE A 102 32.82 19.51 8.43
CA PHE A 102 31.94 19.45 9.60
C PHE A 102 32.71 18.90 10.78
N ASN A 103 33.07 19.77 11.71
CA ASN A 103 33.50 19.20 12.98
C ASN A 103 32.30 18.98 13.88
N PRO A 104 32.25 17.87 14.63
CA PRO A 104 31.11 17.64 15.54
C PRO A 104 30.95 18.71 16.60
N PHE A 105 31.96 19.54 16.83
CA PHE A 105 31.91 20.60 17.82
C PHE A 105 32.04 21.99 17.20
N GLY A 106 32.89 22.15 16.19
CA GLY A 106 32.93 23.39 15.45
C GLY A 106 31.82 23.56 14.47
N GLY A 107 31.01 22.52 14.28
CA GLY A 107 29.93 22.58 13.32
C GLY A 107 30.45 22.49 11.90
N PHE A 108 29.53 22.79 10.99
CA PHE A 108 29.86 22.83 9.58
C PHE A 108 30.63 24.10 9.28
N GLY A 109 31.76 23.96 8.59
CA GLY A 109 32.57 25.11 8.25
C GLY A 109 31.80 26.10 7.43
N LEU A 110 31.44 27.23 8.03
CA LEU A 110 30.61 28.22 7.37
C LEU A 110 31.47 29.05 6.41
N SER A 111 31.05 29.11 5.14
CA SER A 111 31.80 29.85 4.15
C SER A 111 31.68 31.35 4.30
N GLY A 112 30.81 31.83 5.17
CA GLY A 112 30.58 33.26 5.33
C GLY A 112 29.63 33.86 4.34
N ALA A 113 29.12 33.08 3.40
CA ALA A 113 28.18 33.55 2.39
C ALA A 113 26.88 32.75 2.50
N ALA A 114 25.76 33.45 2.43
CA ALA A 114 24.47 32.79 2.48
C ALA A 114 24.27 31.93 1.23
N PRO A 115 23.41 30.92 1.30
CA PRO A 115 23.14 30.10 0.12
C PRO A 115 22.58 30.94 -1.03
N GLN A 116 22.75 30.42 -2.24
CA GLN A 116 22.33 31.16 -3.42
C GLN A 116 20.84 31.46 -3.37
N GLN A 117 20.48 32.67 -3.81
CA GLN A 117 19.10 33.16 -3.80
C GLN A 117 18.37 32.86 -2.49
N TRP A 118 19.10 32.94 -1.39
CA TRP A 118 18.50 32.76 -0.08
C TRP A 118 17.66 33.97 0.32
N ASN A 119 18.11 35.17 -0.04
CA ASN A 119 17.42 36.37 0.39
C ASN A 119 15.98 36.42 -0.11
N GLU A 120 15.72 35.78 -1.25
CA GLU A 120 14.37 35.63 -1.77
C GLU A 120 13.72 34.33 -1.35
N VAL A 121 14.33 33.59 -0.43
CA VAL A 121 13.85 32.28 0.00
C VAL A 121 13.63 32.27 1.50
N LYS A 122 14.35 33.15 2.23
CA LYS A 122 14.30 33.11 3.68
C LYS A 122 12.87 33.21 4.20
N ASN A 123 12.05 34.03 3.54
CA ASN A 123 10.68 34.29 3.93
C ASN A 123 9.77 33.14 3.72
N LYS A 124 10.24 32.03 3.15
CA LYS A 124 9.41 30.87 2.95
C LYS A 124 9.31 30.10 4.27
N VAL A 125 8.75 28.90 4.23
CA VAL A 125 8.24 28.23 5.41
C VAL A 125 8.69 26.78 5.43
N PRO A 126 9.35 26.32 6.49
CA PRO A 126 9.64 24.89 6.63
C PRO A 126 8.36 24.12 6.93
N VAL A 127 8.02 23.20 6.02
CA VAL A 127 6.83 22.39 6.16
C VAL A 127 7.11 20.91 6.11
N GLU A 128 8.35 20.51 5.82
CA GLU A 128 8.72 19.10 5.82
C GLU A 128 10.22 19.01 5.98
N VAL A 129 10.66 18.11 6.86
CA VAL A 129 12.08 17.84 7.06
C VAL A 129 12.31 16.37 6.75
N ALA A 130 13.31 16.08 5.94
CA ALA A 130 13.72 14.72 5.65
C ALA A 130 15.21 14.60 5.94
N GLN A 131 15.56 13.80 6.94
CA GLN A 131 16.95 13.56 7.26
C GLN A 131 17.58 12.67 6.20
N ASP A 132 18.75 13.06 5.73
CA ASP A 132 19.48 12.23 4.79
C ASP A 132 20.01 11.01 5.52
N PRO A 133 19.66 9.79 5.11
CA PRO A 133 20.31 8.62 5.72
C PRO A 133 21.81 8.60 5.48
N SER A 134 22.25 9.08 4.33
CA SER A 134 23.67 9.15 4.04
C SER A 134 24.41 10.16 4.91
N ASN A 135 23.70 11.14 5.44
CA ASN A 135 24.29 12.16 6.29
C ASN A 135 23.26 12.56 7.33
N PRO A 136 23.37 12.06 8.56
CA PRO A 136 22.36 12.37 9.58
C PRO A 136 22.26 13.85 9.88
N TYR A 137 23.34 14.60 9.69
CA TYR A 137 23.31 16.05 9.86
C TYR A 137 22.73 16.78 8.67
N ARG A 138 22.54 16.10 7.54
CA ARG A 138 21.96 16.70 6.35
C ARG A 138 20.45 16.45 6.35
N PHE A 139 19.69 17.52 6.13
CA PHE A 139 18.24 17.46 6.13
C PHE A 139 17.72 18.16 4.88
N ALA A 140 16.68 17.59 4.30
CA ALA A 140 15.94 18.28 3.24
C ALA A 140 14.78 19.01 3.90
N VAL A 141 14.89 20.33 3.99
CA VAL A 141 13.84 21.15 4.57
C VAL A 141 13.02 21.72 3.43
N LEU A 142 11.77 21.29 3.35
CA LEU A 142 10.86 21.77 2.33
C LEU A 142 10.35 23.15 2.71
N LEU A 143 10.53 24.12 1.82
CA LEU A 143 10.07 25.49 2.02
C LEU A 143 8.92 25.75 1.06
N VAL A 144 7.80 26.18 1.61
CA VAL A 144 6.69 26.64 0.78
C VAL A 144 6.42 28.10 1.13
N PRO A 145 5.82 28.88 0.25
CA PRO A 145 5.37 30.21 0.65
C PRO A 145 4.47 30.13 1.87
N ARG A 146 4.52 31.17 2.71
CA ARG A 146 3.62 31.23 3.85
C ARG A 146 2.17 31.07 3.42
N SER A 147 1.85 31.56 2.22
CA SER A 147 0.50 31.47 1.68
C SER A 147 0.05 30.03 1.46
N VAL A 148 0.99 29.12 1.19
CA VAL A 148 0.63 27.71 1.10
C VAL A 148 0.05 27.22 2.41
N VAL A 149 0.71 27.55 3.51
CA VAL A 149 0.28 27.09 4.83
C VAL A 149 -1.12 27.57 5.14
N TYR A 150 -1.44 28.80 4.73
CA TYR A 150 -2.72 29.41 5.03
C TYR A 150 -3.64 29.50 3.81
N TYR A 151 -3.37 28.68 2.78
CA TYR A 151 -4.26 28.69 1.62
C TYR A 151 -5.67 28.26 2.00
N GLU A 152 -5.79 27.34 2.96
CA GLU A 152 -7.12 26.90 3.41
C GLU A 152 -7.94 28.07 3.94
N GLN A 153 -7.28 29.12 4.41
CA GLN A 153 -7.96 30.31 4.90
C GLN A 153 -8.44 31.22 3.77
N LEU A 154 -7.94 31.03 2.55
CA LEU A 154 -8.39 31.85 1.43
C LEU A 154 -9.83 31.52 1.02
N GLN A 155 -10.33 30.35 1.39
CA GLN A 155 -11.70 29.93 1.08
C GLN A 155 -11.96 30.02 -0.41
N ARG A 156 -10.98 29.59 -1.21
CA ARG A 156 -11.07 29.64 -2.67
C ARG A 156 -11.84 28.41 -3.16
N GLY A 157 -13.13 28.40 -2.87
CA GLY A 157 -13.97 27.29 -3.30
C GLY A 157 -14.07 27.20 -4.81
N LEU A 158 -14.22 25.97 -5.28
CA LEU A 158 -14.42 25.76 -6.72
C LEU A 158 -15.76 26.32 -7.14
N GLY A 159 -15.75 27.11 -8.21
CA GLY A 159 -16.98 27.73 -8.68
C GLY A 159 -17.85 26.76 -9.46
N LEU A 160 -19.14 26.82 -9.20
CA LEU A 160 -20.09 26.09 -10.01
C LEU A 160 -20.37 26.86 -11.30
N PRO A 161 -20.75 26.16 -12.36
CA PRO A 161 -21.20 26.87 -13.58
C PRO A 161 -22.44 27.68 -13.28
N GLN A 162 -22.53 28.86 -13.90
CA GLN A 162 -23.74 29.64 -13.80
C GLN A 162 -24.86 28.98 -14.60
N GLN A 163 -26.10 29.30 -14.24
CA GLN A 163 -27.24 28.65 -14.90
C GLN A 163 -27.26 28.96 -16.39
N ARG A 164 -27.44 30.23 -16.74
CA ARG A 164 -27.43 30.66 -18.13
C ARG A 164 -27.00 32.12 -18.25
N ASN A 170 -31.37 31.27 -13.58
CA ASN A 170 -32.32 31.38 -14.68
C ASN A 170 -33.17 30.12 -14.80
N THR A 171 -34.43 30.28 -15.17
CA THR A 171 -35.34 29.15 -15.31
C THR A 171 -34.84 28.21 -16.41
N SER A 172 -34.86 26.91 -16.12
CA SER A 172 -34.40 25.90 -17.05
C SER A 172 -35.44 24.80 -17.16
N THR A 173 -35.67 24.33 -18.39
CA THR A 173 -36.59 23.23 -18.64
C THR A 173 -35.96 21.88 -18.45
N THR A 174 -34.65 21.81 -18.17
CA THR A 174 -33.95 20.55 -18.01
C THR A 174 -33.92 20.06 -16.57
N GLY A 175 -34.41 20.85 -15.62
CA GLY A 175 -34.39 20.44 -14.23
C GLY A 175 -33.01 20.22 -13.66
N ALA A 176 -31.99 20.78 -14.29
CA ALA A 176 -30.62 20.60 -13.83
C ALA A 176 -30.40 21.34 -12.51
N MET A 177 -29.24 21.13 -11.92
CA MET A 177 -28.93 21.73 -10.63
C MET A 177 -27.45 22.06 -10.59
N PHE A 178 -27.12 23.08 -9.79
CA PHE A 178 -25.74 23.54 -9.63
C PHE A 178 -25.14 23.94 -10.97
N GLY A 179 -25.93 24.62 -11.79
CA GLY A 179 -25.46 25.06 -13.09
C GLY A 179 -25.12 23.94 -14.05
N LEU A 180 -25.73 22.76 -13.86
CA LEU A 180 -25.50 21.66 -14.78
C LEU A 180 -25.99 22.02 -16.18
N LYS A 181 -25.14 21.82 -17.17
N LYS A 181 -25.14 21.82 -17.17
CA LYS A 181 -25.49 22.02 -18.56
CA LYS A 181 -25.50 22.01 -18.56
C LYS A 181 -25.87 20.65 -19.12
C LYS A 181 -25.87 20.64 -19.12
N VAL A 182 -27.17 20.34 -19.10
CA VAL A 182 -27.68 19.08 -19.59
C VAL A 182 -28.82 19.35 -20.57
N LYS A 183 -28.76 18.71 -21.72
CA LYS A 183 -29.88 18.70 -22.65
C LYS A 183 -29.64 17.56 -23.63
N ASN A 184 -30.70 16.81 -23.92
CA ASN A 184 -30.58 15.69 -24.84
C ASN A 184 -30.04 16.17 -26.17
N ALA A 185 -28.86 15.66 -26.52
CA ALA A 185 -28.25 16.02 -27.80
C ALA A 185 -29.18 15.63 -28.94
N GLU A 186 -29.42 16.56 -29.85
CA GLU A 186 -30.36 16.36 -30.94
C GLU A 186 -29.62 15.99 -32.21
N ALA A 187 -30.31 15.27 -33.09
CA ALA A 187 -29.73 14.90 -34.37
C ALA A 187 -29.51 16.15 -35.22
N ASP A 188 -28.29 16.33 -35.71
CA ASP A 188 -27.99 17.46 -36.57
C ASP A 188 -28.64 17.26 -37.93
N THR A 189 -29.66 18.07 -38.23
CA THR A 189 -30.35 17.94 -39.50
C THR A 189 -29.42 18.22 -40.67
N ALA A 190 -28.56 19.23 -40.54
CA ALA A 190 -27.59 19.52 -41.59
C ALA A 190 -26.59 18.37 -41.75
N LYS A 191 -26.14 17.81 -40.64
CA LYS A 191 -25.17 16.72 -40.65
C LYS A 191 -25.82 15.35 -40.53
N SER A 192 -27.06 15.22 -41.01
CA SER A 192 -27.74 13.93 -40.97
C SER A 192 -27.06 12.90 -41.86
N ASN A 193 -26.44 13.35 -42.96
CA ASN A 193 -25.71 12.45 -43.84
C ASN A 193 -24.45 11.89 -43.20
N GLU A 194 -24.02 12.44 -42.06
CA GLU A 194 -22.82 11.97 -41.39
C GLU A 194 -23.06 10.73 -40.53
N LYS A 195 -24.28 10.21 -40.48
CA LYS A 195 -24.51 8.94 -39.81
C LYS A 195 -23.63 7.87 -40.42
N LEU A 196 -22.98 7.07 -39.57
CA LEU A 196 -22.12 6.01 -40.06
C LEU A 196 -22.91 5.03 -40.89
N GLN A 197 -22.38 4.70 -42.06
CA GLN A 197 -23.05 3.81 -42.98
C GLN A 197 -22.63 2.37 -42.72
N GLY A 198 -23.61 1.50 -42.55
CA GLY A 198 -23.33 0.10 -42.35
C GLY A 198 -22.70 -0.52 -43.59
N ALA A 199 -21.66 -1.32 -43.37
CA ALA A 199 -20.96 -2.02 -44.44
C ALA A 199 -21.22 -3.51 -44.28
N GLU A 200 -21.76 -4.14 -45.33
CA GLU A 200 -22.04 -5.56 -45.28
C GLU A 200 -20.74 -6.36 -45.40
N ALA A 201 -20.82 -7.64 -45.07
CA ALA A 201 -19.70 -8.54 -45.24
C ALA A 201 -19.38 -8.73 -46.71
N THR A 202 -18.09 -8.69 -47.05
CA THR A 202 -17.63 -8.87 -48.42
C THR A 202 -17.44 -10.35 -48.71
N GLY A 203 -18.54 -11.07 -48.69
CA GLY A 203 -18.54 -12.50 -48.94
C GLY A 203 -19.63 -13.18 -48.13
N SER A 204 -20.05 -14.35 -48.62
CA SER A 204 -21.10 -15.15 -47.99
C SER A 204 -22.38 -14.35 -47.77
N GLY A 209 -26.31 -14.01 -45.56
CA GLY A 209 -27.15 -14.57 -46.61
C GLY A 209 -28.54 -13.98 -46.63
N SER A 210 -28.63 -12.67 -46.83
CA SER A 210 -29.90 -11.95 -46.89
C SER A 210 -30.72 -12.16 -45.62
N GLY A 211 -31.77 -12.98 -45.71
CA GLY A 211 -32.61 -13.23 -44.56
C GLY A 211 -33.46 -12.01 -44.23
N GLN A 212 -33.90 -11.94 -42.97
CA GLN A 212 -34.71 -10.83 -42.51
C GLN A 212 -34.04 -10.14 -41.33
N SER A 213 -32.73 -9.91 -41.43
CA SER A 213 -31.95 -9.32 -40.34
C SER A 213 -32.13 -7.80 -40.39
N THR A 214 -33.19 -7.33 -39.74
CA THR A 214 -33.43 -5.89 -39.61
C THR A 214 -32.81 -5.31 -38.34
N GLN A 215 -32.08 -6.12 -37.57
CA GLN A 215 -31.51 -5.70 -36.31
C GLN A 215 -29.99 -5.58 -36.36
N ARG A 216 -29.39 -5.66 -37.54
CA ARG A 216 -27.94 -5.63 -37.69
C ARG A 216 -27.53 -4.60 -38.74
N GLY A 217 -28.30 -3.52 -38.87
CA GLY A 217 -27.96 -2.47 -39.81
C GLY A 217 -29.00 -2.26 -40.88
N GLY A 218 -29.62 -3.33 -41.35
CA GLY A 218 -30.65 -3.21 -42.36
C GLY A 218 -31.87 -2.47 -41.82
N SER A 219 -32.05 -1.23 -42.26
CA SER A 219 -33.12 -0.39 -41.74
C SER A 219 -34.50 -0.97 -42.03
N SER A 220 -34.89 -0.98 -43.31
CA SER A 220 -36.15 -1.58 -43.72
C SER A 220 -36.06 -2.46 -44.96
N GLY A 221 -35.13 -2.20 -45.87
CA GLY A 221 -35.03 -2.97 -47.09
C GLY A 221 -33.66 -3.59 -47.28
N ASP A 222 -32.65 -3.01 -46.61
CA ASP A 222 -31.30 -3.56 -46.70
C ASP A 222 -31.25 -4.97 -46.11
N THR A 223 -31.75 -5.14 -44.89
CA THR A 223 -31.95 -6.42 -44.22
C THR A 223 -30.65 -7.19 -44.04
N LYS A 224 -29.53 -6.60 -44.46
CA LYS A 224 -28.23 -7.25 -44.37
C LYS A 224 -27.59 -7.00 -43.01
N VAL A 225 -26.61 -7.84 -42.69
CA VAL A 225 -25.79 -7.67 -41.49
C VAL A 225 -24.69 -6.70 -41.86
N LYS A 226 -24.80 -5.46 -41.39
CA LYS A 226 -23.89 -4.39 -41.77
C LYS A 226 -23.20 -3.84 -40.54
N ALA A 227 -21.88 -3.74 -40.59
CA ALA A 227 -21.11 -3.05 -39.56
C ALA A 227 -20.86 -1.62 -39.98
N LEU A 228 -20.93 -0.70 -39.02
CA LEU A 228 -20.71 0.70 -39.32
C LEU A 228 -19.26 0.92 -39.71
N LYS A 229 -19.04 1.31 -40.97
CA LYS A 229 -17.71 1.46 -41.53
C LYS A 229 -17.19 2.85 -41.22
N ILE A 230 -16.26 2.94 -40.27
CA ILE A 230 -15.58 4.19 -39.96
C ILE A 230 -14.37 4.28 -40.89
N GLU A 231 -14.41 5.20 -41.84
CA GLU A 231 -13.31 5.43 -42.76
C GLU A 231 -12.64 6.75 -42.43
N VAL A 232 -11.39 6.69 -42.00
CA VAL A 232 -10.56 7.86 -41.81
C VAL A 232 -9.35 7.67 -42.72
N LYS A 233 -9.35 8.37 -43.85
CA LYS A 233 -8.34 8.18 -44.88
C LYS A 233 -7.63 9.50 -45.16
N LYS A 234 -6.39 9.38 -45.62
CA LYS A 234 -5.69 10.56 -46.11
C LYS A 234 -6.19 10.91 -47.51
N LYS A 235 -5.92 12.15 -47.91
CA LYS A 235 -6.19 12.55 -49.28
C LYS A 235 -5.23 11.86 -50.23
N SER A 236 -5.66 11.72 -51.49
CA SER A 236 -4.83 11.03 -52.48
C SER A 236 -3.50 11.73 -52.69
N ASP A 237 -3.49 13.07 -52.62
CA ASP A 237 -2.25 13.83 -52.78
C ASP A 237 -1.35 13.61 -51.57
N SER A 238 -0.28 12.84 -51.74
CA SER A 238 0.65 12.55 -50.66
C SER A 238 1.65 13.67 -50.41
N GLU A 239 1.66 14.70 -51.25
CA GLU A 239 2.59 15.81 -51.07
C GLU A 239 2.31 16.55 -49.77
N ASP A 240 3.38 17.05 -49.14
CA ASP A 240 3.30 17.69 -47.84
C ASP A 240 3.26 19.21 -47.93
N ASN A 241 2.67 19.76 -48.99
CA ASN A 241 2.49 21.21 -49.05
C ASN A 241 1.59 21.70 -47.93
N GLY A 242 0.48 21.00 -47.69
CA GLY A 242 -0.36 21.24 -46.54
C GLY A 242 -0.33 20.06 -45.60
N GLN A 243 0.88 19.50 -45.41
CA GLN A 243 1.14 18.27 -44.66
C GLN A 243 0.12 17.18 -45.00
N LEU A 244 -0.21 16.33 -44.04
CA LEU A 244 -1.18 15.28 -44.30
C LEU A 244 -2.58 15.87 -44.40
N GLN A 245 -3.32 15.43 -45.42
CA GLN A 245 -4.66 15.94 -45.68
C GLN A 245 -5.66 14.80 -45.60
N LEU A 246 -6.87 15.13 -45.13
CA LEU A 246 -7.95 14.16 -44.99
C LEU A 246 -9.02 14.43 -46.03
N GLU A 247 -9.47 13.38 -46.71
CA GLU A 247 -10.62 13.48 -47.60
C GLU A 247 -11.86 12.79 -47.05
N LYS A 248 -11.69 11.83 -46.15
CA LYS A 248 -12.81 11.21 -45.45
C LYS A 248 -12.41 10.98 -44.01
N ASN A 249 -13.30 11.35 -43.08
CA ASN A 249 -13.04 11.17 -41.65
C ASN A 249 -14.38 10.88 -40.98
N ASP A 250 -14.69 9.60 -40.83
CA ASP A 250 -15.93 9.20 -40.19
C ASP A 250 -15.89 9.36 -38.68
N LEU A 251 -14.70 9.53 -38.11
CA LEU A 251 -14.59 9.97 -36.72
C LEU A 251 -15.09 11.40 -36.55
N ALA A 252 -14.91 12.23 -37.57
CA ALA A 252 -15.44 13.58 -37.56
C ALA A 252 -16.95 13.63 -37.69
N ASN A 253 -17.57 12.52 -38.11
CA ASN A 253 -19.00 12.50 -38.33
C ASN A 253 -19.74 12.77 -37.03
N ALA A 254 -20.57 13.82 -37.03
CA ALA A 254 -21.36 14.21 -35.87
C ALA A 254 -22.80 14.45 -36.29
N PRO A 255 -23.54 13.39 -36.63
CA PRO A 255 -24.97 13.56 -36.92
C PRO A 255 -25.77 14.00 -35.71
N ILE A 256 -25.25 13.82 -34.50
CA ILE A 256 -25.86 14.34 -33.29
C ILE A 256 -25.00 15.47 -32.77
N LYS A 257 -25.61 16.63 -32.56
CA LYS A 257 -24.92 17.82 -32.12
C LYS A 257 -25.45 18.25 -30.75
N ARG A 258 -24.76 19.21 -30.15
CA ARG A 258 -25.28 19.84 -28.94
C ARG A 258 -26.56 20.57 -29.27
N SER A 259 -27.61 20.31 -28.49
CA SER A 259 -28.91 20.93 -28.74
C SER A 259 -28.84 22.43 -28.48
N GLU A 260 -29.64 23.19 -29.23
CA GLU A 260 -29.69 24.64 -29.07
C GLU A 260 -30.60 24.96 -27.90
N GLU A 261 -30.00 25.10 -26.72
CA GLU A 261 -30.74 25.42 -25.51
C GLU A 261 -31.19 26.89 -25.53
N SER A 262 -32.45 27.12 -25.91
CA SER A 262 -33.00 28.47 -26.03
C SER A 262 -32.15 29.32 -26.98
N GLY A 263 -31.91 28.79 -28.16
CA GLY A 263 -31.11 29.46 -29.18
C GLY A 263 -29.63 29.18 -29.10
N GLN A 264 -29.05 29.32 -27.91
CA GLN A 264 -27.64 29.05 -27.69
C GLN A 264 -27.47 27.55 -27.49
N SER A 265 -26.50 26.95 -28.18
CA SER A 265 -26.26 25.53 -28.08
C SER A 265 -25.65 25.19 -26.73
N VAL A 266 -26.36 24.37 -25.95
CA VAL A 266 -25.88 23.99 -24.62
C VAL A 266 -24.51 23.34 -24.79
N GLN A 267 -23.50 23.95 -24.18
CA GLN A 267 -22.11 23.58 -24.45
C GLN A 267 -21.27 23.87 -23.21
N LEU A 268 -20.39 22.93 -22.89
CA LEU A 268 -19.44 23.14 -21.80
C LEU A 268 -18.56 24.33 -22.14
N LYS A 269 -18.70 25.42 -21.38
CA LYS A 269 -17.96 26.64 -21.62
C LYS A 269 -17.26 27.07 -20.35
N ALA A 270 -16.09 27.70 -20.51
CA ALA A 270 -15.39 28.24 -19.36
C ALA A 270 -16.20 29.36 -18.70
N ASP A 271 -16.84 30.20 -19.52
CA ASP A 271 -17.61 31.31 -19.00
C ASP A 271 -18.83 30.85 -18.19
N ASP A 272 -19.18 29.56 -18.27
CA ASP A 272 -20.18 29.02 -17.36
C ASP A 272 -19.80 29.27 -15.91
N PHE A 273 -18.51 29.13 -15.60
CA PHE A 273 -18.04 29.38 -14.24
C PHE A 273 -17.86 30.86 -13.95
N GLY A 274 -17.97 31.72 -14.94
CA GLY A 274 -17.84 33.15 -14.78
C GLY A 274 -16.66 33.70 -15.55
N THR A 275 -16.47 35.01 -15.42
CA THR A 275 -15.39 35.72 -16.07
C THR A 275 -14.34 36.12 -15.03
N ALA A 276 -13.08 35.81 -15.33
CA ALA A 276 -11.99 36.18 -14.43
C ALA A 276 -11.84 37.68 -14.35
N LEU A 277 -11.67 38.20 -13.15
CA LEU A 277 -11.51 39.64 -12.94
C LEU A 277 -10.44 39.93 -11.89
N SER A 290 -22.71 36.84 -8.74
CA SER A 290 -21.28 37.04 -9.00
C SER A 290 -20.55 35.70 -8.99
N PRO A 291 -20.66 34.95 -10.08
CA PRO A 291 -19.97 33.65 -10.17
C PRO A 291 -18.52 33.83 -10.60
N THR A 292 -17.60 33.54 -9.68
CA THR A 292 -16.18 33.65 -9.97
C THR A 292 -15.63 32.31 -10.43
N PRO A 293 -15.07 32.22 -11.64
CA PRO A 293 -14.48 30.95 -12.07
C PRO A 293 -13.25 30.63 -11.21
N TRP A 294 -13.16 29.39 -10.80
CA TRP A 294 -12.03 28.99 -9.95
C TRP A 294 -10.77 28.96 -10.80
N ARG A 295 -10.00 30.01 -10.73
CA ARG A 295 -8.65 29.94 -11.23
C ARG A 295 -7.74 29.43 -10.12
N PRO A 296 -6.61 28.83 -10.47
CA PRO A 296 -5.60 28.56 -9.45
C PRO A 296 -5.08 29.87 -8.90
N TRP A 297 -4.66 29.85 -7.64
CA TRP A 297 -4.19 31.07 -7.01
C TRP A 297 -2.99 31.64 -7.75
N LEU A 298 -2.09 30.78 -8.19
CA LEU A 298 -0.98 31.17 -9.05
C LEU A 298 -0.85 30.15 -10.16
N ALA A 299 -0.59 30.65 -11.37
CA ALA A 299 -0.32 29.77 -12.49
C ALA A 299 1.01 29.07 -12.29
N THR A 300 1.22 28.00 -13.07
CA THR A 300 2.51 27.32 -13.04
C THR A 300 3.62 28.25 -13.52
N GLU A 301 3.32 29.09 -14.51
CA GLU A 301 4.26 30.14 -14.89
C GLU A 301 4.46 31.14 -13.76
N GLN A 302 3.38 31.49 -13.05
CA GLN A 302 3.48 32.41 -11.94
C GLN A 302 4.35 31.88 -10.82
N ILE A 303 4.52 30.57 -10.73
CA ILE A 303 5.43 29.98 -9.75
C ILE A 303 6.83 29.82 -10.33
N HIS A 304 6.92 29.40 -11.60
CA HIS A 304 8.21 29.31 -12.27
C HIS A 304 8.89 30.67 -12.34
N LYS A 305 8.14 31.70 -12.70
CA LYS A 305 8.61 33.07 -12.49
C LYS A 305 8.57 33.36 -11.00
N ASP A 306 9.68 33.87 -10.47
CA ASP A 306 9.86 34.02 -9.03
C ASP A 306 9.71 32.66 -8.33
N LEU A 307 10.55 31.71 -8.76
CA LEU A 307 10.63 30.42 -8.07
C LEU A 307 10.94 30.57 -6.59
N PRO A 308 11.92 31.39 -6.17
CA PRO A 308 12.20 31.50 -4.73
C PRO A 308 11.00 31.93 -3.91
N LYS A 309 10.21 32.87 -4.41
CA LYS A 309 9.07 33.35 -3.65
C LYS A 309 7.90 32.36 -3.67
N TRP A 310 7.68 31.69 -4.80
CA TRP A 310 6.43 30.98 -5.02
C TRP A 310 6.56 29.48 -5.13
N SER A 311 7.75 28.94 -5.31
CA SER A 311 7.93 27.50 -5.36
C SER A 311 8.21 26.96 -3.97
N ALA A 312 8.24 25.64 -3.88
CA ALA A 312 8.58 24.95 -2.64
C ALA A 312 10.03 24.50 -2.74
N SER A 313 10.94 25.39 -2.33
CA SER A 313 12.35 25.07 -2.38
C SER A 313 12.66 23.88 -1.47
N ILE A 314 13.82 23.30 -1.66
CA ILE A 314 14.33 22.25 -0.77
C ILE A 314 15.68 22.74 -0.26
N LEU A 315 15.68 23.42 0.86
CA LEU A 315 16.94 23.87 1.42
C LEU A 315 17.63 22.69 2.09
N ILE A 316 18.92 22.53 1.80
CA ILE A 316 19.71 21.48 2.41
C ILE A 316 20.26 22.04 3.70
N LEU A 317 19.62 21.68 4.80
CA LEU A 317 19.98 22.17 6.12
C LEU A 317 20.97 21.21 6.74
N TYR A 318 22.19 21.67 6.97
CA TYR A 318 23.16 20.89 7.72
C TYR A 318 23.02 21.30 9.17
N ASP A 319 22.61 20.36 10.01
CA ASP A 319 22.24 20.63 11.39
C ASP A 319 23.08 19.81 12.35
N ALA A 320 23.70 20.49 13.30
CA ALA A 320 24.45 19.83 14.39
C ALA A 320 24.16 20.59 15.66
N PRO A 321 23.13 20.19 16.40
CA PRO A 321 22.63 21.05 17.50
C PRO A 321 23.67 21.38 18.56
N TYR A 322 24.55 20.44 18.88
CA TYR A 322 25.50 20.61 19.97
C TYR A 322 26.87 21.07 19.48
N ALA A 323 26.98 21.43 18.21
CA ALA A 323 28.20 21.99 17.66
C ALA A 323 28.12 23.52 17.67
N ARG A 324 29.29 24.16 17.56
CA ARG A 324 29.31 25.62 17.54
C ARG A 324 28.60 26.18 16.31
N ASN A 325 28.81 25.57 15.15
CA ASN A 325 28.08 25.97 13.94
C ASN A 325 26.97 24.95 13.70
N ARG A 326 25.86 25.14 14.43
CA ARG A 326 24.75 24.21 14.32
C ARG A 326 24.13 24.23 12.92
N THR A 327 23.94 25.42 12.36
CA THR A 327 23.15 25.60 11.15
C THR A 327 24.05 25.89 9.97
N ALA A 328 23.79 25.20 8.86
CA ALA A 328 24.47 25.46 7.59
C ALA A 328 23.55 25.03 6.47
N ILE A 329 23.13 25.98 5.64
CA ILE A 329 22.25 25.69 4.52
C ILE A 329 23.08 25.80 3.25
N ASP A 330 23.20 24.69 2.52
CA ASP A 330 24.05 24.62 1.35
C ASP A 330 23.30 24.98 0.07
N ARG A 331 22.23 24.27 -0.23
CA ARG A 331 21.47 24.46 -1.45
C ARG A 331 20.05 24.89 -1.11
N VAL A 332 19.38 25.48 -2.09
CA VAL A 332 17.99 25.92 -1.95
C VAL A 332 17.06 25.11 -2.86
N ASP A 333 17.42 24.96 -4.13
CA ASP A 333 16.82 23.98 -5.03
C ASP A 333 15.30 24.09 -5.07
N HIS A 334 14.83 25.21 -5.63
CA HIS A 334 13.39 25.39 -5.84
C HIS A 334 12.83 24.20 -6.61
N LEU A 335 11.78 23.60 -6.05
CA LEU A 335 11.04 22.55 -6.76
C LEU A 335 10.18 23.25 -7.81
N ASP A 336 10.78 23.50 -8.96
CA ASP A 336 10.09 24.20 -10.02
C ASP A 336 8.90 23.36 -10.48
N PRO A 337 7.67 23.87 -10.40
CA PRO A 337 6.54 23.13 -10.96
C PRO A 337 6.70 22.87 -12.44
N LYS A 338 7.29 23.80 -13.18
CA LYS A 338 7.62 23.55 -14.58
C LYS A 338 8.66 22.46 -14.75
N ALA A 339 9.50 22.20 -13.74
CA ALA A 339 10.39 21.05 -13.79
C ALA A 339 9.60 19.75 -13.77
N MET A 340 8.36 19.79 -13.30
CA MET A 340 7.50 18.62 -13.36
C MET A 340 6.60 18.66 -14.59
N THR A 341 6.10 19.84 -14.96
CA THR A 341 5.28 19.95 -16.16
C THR A 341 6.11 19.79 -17.42
N ALA A 342 7.43 20.05 -17.33
CA ALA A 342 8.30 19.73 -18.46
C ALA A 342 8.35 18.22 -18.68
N ASN A 343 8.29 17.46 -17.61
CA ASN A 343 8.22 16.00 -17.68
C ASN A 343 6.80 15.48 -17.82
N TYR A 344 5.81 16.38 -17.90
CA TYR A 344 4.47 15.95 -18.22
C TYR A 344 4.45 15.30 -19.60
N PRO A 345 3.63 14.27 -19.79
CA PRO A 345 3.51 13.68 -21.11
C PRO A 345 3.01 14.71 -22.10
N PRO A 346 3.43 14.61 -23.36
CA PRO A 346 2.99 15.59 -24.36
C PRO A 346 1.49 15.64 -24.51
N SER A 347 0.82 14.50 -24.33
CA SER A 347 -0.64 14.47 -24.37
C SER A 347 -1.23 15.37 -23.30
N TRP A 348 -0.48 15.63 -22.22
CA TRP A 348 -0.97 16.50 -21.16
C TRP A 348 -0.97 17.97 -21.57
N ARG A 349 -0.27 18.32 -22.65
CA ARG A 349 -0.42 19.67 -23.17
C ARG A 349 -1.79 19.88 -23.80
N THR A 350 -2.45 18.81 -24.24
CA THR A 350 -3.79 18.86 -24.79
C THR A 350 -4.64 17.86 -24.03
N PRO A 351 -5.05 18.20 -22.80
CA PRO A 351 -5.78 17.26 -21.95
C PRO A 351 -7.29 17.21 -22.20
N LYS A 352 -7.86 18.20 -22.87
CA LYS A 352 -9.22 18.10 -23.39
C LYS A 352 -9.30 17.21 -24.60
N TRP A 353 -8.21 16.50 -24.90
CA TRP A 353 -8.08 15.58 -26.01
C TRP A 353 -7.62 14.24 -25.46
N ASN A 354 -7.98 13.17 -26.14
CA ASN A 354 -7.47 11.84 -25.80
C ASN A 354 -7.11 11.13 -27.09
N HIS A 355 -6.48 9.96 -26.95
CA HIS A 355 -6.08 9.22 -28.14
C HIS A 355 -7.26 8.68 -28.92
N HIS A 356 -8.46 8.71 -28.35
CA HIS A 356 -9.64 8.52 -29.18
C HIS A 356 -9.89 9.74 -30.04
N GLY A 357 -9.27 10.87 -29.71
CA GLY A 357 -9.19 11.98 -30.64
C GLY A 357 -10.53 12.63 -30.88
N LEU A 358 -10.83 12.85 -32.17
CA LEU A 358 -11.94 13.71 -32.53
C LEU A 358 -13.28 13.06 -32.25
N TRP A 359 -13.41 11.75 -32.50
CA TRP A 359 -14.68 11.10 -32.22
C TRP A 359 -15.03 11.21 -30.75
N ASP A 360 -14.05 11.03 -29.87
CA ASP A 360 -14.32 11.08 -28.43
C ASP A 360 -14.61 12.50 -27.98
N TRP A 361 -13.88 13.48 -28.50
CA TRP A 361 -14.18 14.86 -28.18
C TRP A 361 -15.60 15.20 -28.58
N LYS A 362 -15.98 14.85 -29.81
CA LYS A 362 -17.33 15.16 -30.27
C LYS A 362 -18.38 14.42 -29.45
N ALA A 363 -18.13 13.14 -29.15
CA ALA A 363 -19.07 12.34 -28.39
C ALA A 363 -19.31 12.94 -27.01
N ARG A 364 -18.24 13.31 -26.31
CA ARG A 364 -18.39 13.87 -24.97
C ARG A 364 -18.97 15.28 -25.03
N ASP A 365 -18.59 16.06 -26.05
CA ASP A 365 -19.04 17.44 -26.15
C ASP A 365 -20.54 17.51 -26.40
N VAL A 366 -21.05 16.67 -27.32
CA VAL A 366 -22.49 16.66 -27.56
C VAL A 366 -23.22 16.02 -26.40
N LEU A 367 -22.55 15.15 -25.65
CA LEU A 367 -23.14 14.57 -24.45
C LEU A 367 -23.05 15.50 -23.26
N LEU A 368 -22.57 16.72 -23.45
CA LEU A 368 -22.31 17.66 -22.36
C LEU A 368 -21.46 16.97 -21.31
N GLN A 369 -20.32 16.47 -21.76
CA GLN A 369 -19.38 15.74 -20.93
C GLN A 369 -17.98 16.26 -21.23
N THR A 370 -17.15 16.30 -20.19
CA THR A 370 -15.78 16.76 -20.37
C THR A 370 -15.05 15.88 -21.39
N THR A 371 -14.33 16.53 -22.28
CA THR A 371 -13.60 15.81 -23.31
C THR A 371 -12.16 15.57 -22.89
N GLY A 372 -11.54 14.59 -23.51
CA GLY A 372 -10.18 14.25 -23.20
C GLY A 372 -10.07 13.44 -21.93
N PHE A 373 -8.82 13.23 -21.52
CA PHE A 373 -8.52 12.42 -20.35
C PHE A 373 -8.45 13.25 -19.08
N PHE A 374 -8.17 14.53 -19.19
CA PHE A 374 -8.01 15.41 -18.03
C PHE A 374 -8.68 16.73 -18.37
N ASN A 375 -9.97 16.83 -18.09
CA ASN A 375 -10.45 18.12 -18.55
C ASN A 375 -10.32 19.14 -17.42
N PRO A 376 -9.98 20.39 -17.75
CA PRO A 376 -9.96 21.43 -16.72
C PRO A 376 -11.31 21.65 -16.06
N ARG A 377 -12.40 21.28 -16.72
CA ARG A 377 -13.71 21.31 -16.06
C ARG A 377 -13.76 20.29 -14.94
N ARG A 378 -13.21 19.09 -15.18
CA ARG A 378 -13.14 18.09 -14.14
C ARG A 378 -12.08 18.40 -13.10
N HIS A 379 -10.91 18.84 -13.54
CA HIS A 379 -9.76 19.07 -12.66
C HIS A 379 -9.19 20.44 -12.92
N PRO A 380 -9.85 21.50 -12.45
CA PRO A 380 -9.29 22.84 -12.63
C PRO A 380 -7.99 23.06 -11.89
N GLU A 381 -7.67 22.20 -10.91
CA GLU A 381 -6.52 22.43 -10.06
C GLU A 381 -5.21 22.36 -10.83
N TRP A 382 -5.16 21.60 -11.93
CA TRP A 382 -3.94 21.40 -12.69
C TRP A 382 -3.87 22.26 -13.94
N PHE A 383 -4.65 23.34 -14.00
CA PHE A 383 -4.67 24.21 -15.17
C PHE A 383 -4.49 25.64 -14.72
N ASP A 384 -3.54 26.33 -15.36
CA ASP A 384 -3.27 27.72 -15.01
C ASP A 384 -4.51 28.59 -15.19
N GLY A 385 -5.38 28.24 -16.14
CA GLY A 385 -6.66 28.90 -16.25
C GLY A 385 -7.70 28.40 -15.29
N GLY A 386 -7.47 27.23 -14.68
CA GLY A 386 -8.41 26.65 -13.75
C GLY A 386 -9.76 26.40 -14.37
N GLN A 387 -10.76 27.16 -13.95
CA GLN A 387 -12.10 27.07 -14.52
C GLN A 387 -12.32 28.06 -15.65
N THR A 388 -11.35 28.91 -15.96
CA THR A 388 -11.44 29.80 -17.11
C THR A 388 -10.97 29.12 -18.39
N VAL A 389 -10.52 27.88 -18.32
CA VAL A 389 -10.20 27.08 -19.50
C VAL A 389 -11.01 25.80 -19.42
N ALA A 390 -11.92 25.75 -18.45
CA ALA A 390 -12.68 24.55 -18.14
C ALA A 390 -13.84 24.41 -19.11
N ASP A 391 -13.56 23.81 -20.26
CA ASP A 391 -14.58 23.56 -21.26
C ASP A 391 -14.08 22.41 -22.14
N ASN A 392 -14.74 22.22 -23.28
CA ASN A 392 -14.29 21.28 -24.29
C ASN A 392 -13.69 22.00 -25.50
N GLU A 393 -13.54 23.31 -25.43
CA GLU A 393 -12.96 24.09 -26.51
C GLU A 393 -11.47 24.30 -26.26
N LYS A 394 -10.77 24.72 -27.31
CA LYS A 394 -9.33 24.94 -27.28
C LYS A 394 -8.61 23.68 -26.77
N THR A 395 -8.77 22.61 -27.53
CA THR A 395 -8.18 21.32 -27.19
C THR A 395 -6.80 21.13 -27.80
N GLY A 396 -6.30 22.12 -28.52
CA GLY A 396 -5.04 21.96 -29.22
C GLY A 396 -5.23 21.15 -30.49
N PHE A 397 -6.49 20.81 -30.77
CA PHE A 397 -6.86 20.06 -31.95
C PHE A 397 -8.07 20.71 -32.59
N ASP A 398 -8.15 20.63 -33.92
CA ASP A 398 -9.26 21.22 -34.64
C ASP A 398 -10.53 20.43 -34.34
N VAL A 399 -11.53 21.10 -33.79
CA VAL A 399 -12.78 20.46 -33.39
C VAL A 399 -13.98 21.07 -34.10
N ASP A 400 -14.03 22.40 -34.19
CA ASP A 400 -15.12 23.11 -34.84
C ASP A 400 -14.59 23.70 -36.14
N ASN A 401 -14.75 22.94 -37.22
CA ASN A 401 -14.32 23.38 -38.54
C ASN A 401 -15.45 23.17 -39.52
N SER A 402 -15.50 24.03 -40.55
CA SER A 402 -16.51 23.88 -41.59
C SER A 402 -16.37 22.55 -42.30
N GLU A 403 -15.14 22.14 -42.59
CA GLU A 403 -14.86 20.85 -43.20
C GLU A 403 -14.56 19.85 -42.09
N ASN A 404 -15.37 18.79 -42.01
CA ASN A 404 -15.15 17.78 -40.99
C ASN A 404 -13.83 17.06 -41.19
N THR A 405 -13.38 16.95 -42.44
CA THR A 405 -12.09 16.29 -42.71
C THR A 405 -10.94 17.05 -42.06
N LYS A 406 -11.03 18.37 -41.98
CA LYS A 406 -9.98 19.16 -41.34
C LYS A 406 -10.07 19.13 -39.82
N GLN A 407 -11.15 18.63 -39.25
CA GLN A 407 -11.27 18.50 -37.81
C GLN A 407 -10.38 17.38 -37.30
N GLY A 408 -10.02 17.46 -36.03
CA GLY A 408 -9.17 16.48 -35.39
C GLY A 408 -7.69 16.69 -35.62
N PHE A 409 -7.30 17.64 -36.46
CA PHE A 409 -5.90 17.95 -36.68
C PHE A 409 -5.36 18.76 -35.51
N GLN A 410 -4.13 18.46 -35.13
CA GLN A 410 -3.49 19.21 -34.04
C GLN A 410 -3.36 20.67 -34.41
N LYS A 411 -3.81 21.54 -33.51
CA LYS A 411 -3.68 22.98 -33.73
C LYS A 411 -2.20 23.37 -33.65
N GLU A 412 -1.79 24.25 -34.56
CA GLU A 412 -0.39 24.65 -34.62
C GLU A 412 -0.05 25.54 -33.42
N ALA A 413 1.26 25.74 -33.22
CA ALA A 413 1.71 26.58 -32.12
C ALA A 413 1.23 28.02 -32.28
N ASP A 414 1.26 28.53 -33.51
CA ASP A 414 0.74 29.88 -33.76
C ASP A 414 -0.76 29.94 -33.49
N SER A 415 -1.47 28.84 -33.67
CA SER A 415 -2.90 28.80 -33.39
C SER A 415 -3.14 28.91 -31.88
N ASP A 416 -4.41 29.05 -31.52
CA ASP A 416 -4.81 29.16 -30.12
C ASP A 416 -4.38 27.93 -29.35
N LYS A 417 -3.43 28.09 -28.43
CA LYS A 417 -2.91 26.96 -27.68
C LYS A 417 -3.96 26.42 -26.71
N SER A 418 -3.93 25.11 -26.51
CA SER A 418 -4.78 24.49 -25.52
C SER A 418 -4.27 24.81 -24.12
N ALA A 419 -5.11 24.54 -23.12
CA ALA A 419 -4.68 24.68 -21.75
C ALA A 419 -4.07 23.37 -21.29
N PRO A 420 -2.76 23.31 -21.11
CA PRO A 420 -2.11 22.05 -20.75
C PRO A 420 -2.40 21.68 -19.31
N ILE A 421 -2.24 20.39 -19.01
CA ILE A 421 -2.09 20.00 -17.61
C ILE A 421 -0.86 20.73 -17.09
N ALA A 422 -1.04 21.44 -15.98
CA ALA A 422 0.06 22.21 -15.43
C ALA A 422 0.23 21.84 -13.97
N LEU A 423 1.05 22.58 -13.25
CA LEU A 423 1.21 22.40 -11.82
C LEU A 423 1.04 23.75 -11.13
N PRO A 424 -0.19 24.28 -11.13
CA PRO A 424 -0.42 25.60 -10.54
C PRO A 424 -0.37 25.52 -9.03
N PHE A 425 -0.62 26.65 -8.36
CA PHE A 425 -0.36 26.76 -6.93
C PHE A 425 -1.00 25.62 -6.14
N GLU A 426 -2.28 25.38 -6.36
CA GLU A 426 -2.99 24.36 -5.59
C GLU A 426 -2.45 22.97 -5.89
N ALA A 427 -2.39 22.62 -7.18
CA ALA A 427 -1.90 21.30 -7.57
C ALA A 427 -0.42 21.15 -7.22
N TYR A 428 0.36 22.21 -7.42
CA TYR A 428 1.79 22.13 -7.14
C TYR A 428 2.04 21.87 -5.67
N PHE A 429 1.40 22.64 -4.79
CA PHE A 429 1.65 22.50 -3.36
C PHE A 429 0.90 21.36 -2.74
N ALA A 430 -0.09 20.80 -3.43
CA ALA A 430 -0.54 19.45 -3.12
C ALA A 430 0.50 18.41 -3.48
N ASN A 431 1.22 18.60 -4.58
CA ASN A 431 2.33 17.75 -4.97
C ASN A 431 3.60 18.13 -4.24
N ILE A 432 3.50 18.89 -3.15
CA ILE A 432 4.65 19.35 -2.40
C ILE A 432 4.53 18.75 -1.00
N GLY A 433 5.51 17.96 -0.60
CA GLY A 433 5.52 17.37 0.71
C GLY A 433 5.92 15.92 0.66
N ASN A 434 5.96 15.32 1.85
CA ASN A 434 6.36 13.93 2.03
C ASN A 434 7.74 13.68 1.42
N LEU A 435 8.69 14.49 1.87
CA LEU A 435 10.07 14.35 1.42
C LEU A 435 10.63 13.00 1.86
N THR A 436 11.29 12.33 0.93
CA THR A 436 11.86 11.00 1.19
C THR A 436 13.23 10.94 0.55
N TRP A 437 14.28 10.85 1.36
CA TRP A 437 15.61 10.73 0.82
C TRP A 437 15.85 9.34 0.27
N PHE A 438 16.76 9.26 -0.70
CA PHE A 438 17.33 7.97 -1.10
C PHE A 438 18.66 8.27 -1.77
N GLY A 439 19.74 7.84 -1.15
CA GLY A 439 21.05 8.12 -1.69
C GLY A 439 21.27 9.61 -1.79
N GLN A 440 21.56 10.09 -2.99
CA GLN A 440 21.78 11.50 -3.26
C GLN A 440 20.56 12.17 -3.88
N ALA A 441 19.40 11.52 -3.88
CA ALA A 441 18.21 12.06 -4.49
C ALA A 441 17.10 12.16 -3.46
N LEU A 442 16.60 13.36 -3.22
CA LEU A 442 15.45 13.56 -2.35
C LEU A 442 14.20 13.60 -3.22
N LEU A 443 13.27 12.69 -2.96
CA LEU A 443 12.04 12.60 -3.72
C LEU A 443 10.91 13.22 -2.90
N VAL A 444 10.35 14.32 -3.42
CA VAL A 444 9.20 14.96 -2.82
C VAL A 444 7.97 14.34 -3.47
N PHE A 445 7.39 13.34 -2.81
CA PHE A 445 6.28 12.60 -3.38
C PHE A 445 4.98 13.40 -3.37
N GLY A 446 4.96 14.55 -2.71
CA GLY A 446 3.75 15.33 -2.60
C GLY A 446 2.99 15.04 -1.32
N GLY A 447 2.03 15.91 -1.04
CA GLY A 447 1.19 15.78 0.13
C GLY A 447 -0.18 15.22 -0.20
N ASN A 448 -1.07 15.28 0.79
CA ASN A 448 -2.43 14.83 0.56
C ASN A 448 -3.28 15.86 -0.15
N GLY A 449 -2.76 17.07 -0.35
CA GLY A 449 -3.49 18.11 -1.04
C GLY A 449 -4.24 19.07 -0.15
N HIS A 450 -4.40 18.74 1.13
CA HIS A 450 -5.23 19.56 2.01
C HIS A 450 -4.65 20.94 2.28
N VAL A 451 -3.34 21.14 2.04
CA VAL A 451 -2.78 22.45 2.27
C VAL A 451 -3.31 23.45 1.26
N THR A 452 -3.75 22.98 0.09
CA THR A 452 -4.32 23.84 -0.93
C THR A 452 -5.69 23.35 -1.38
N LYS A 453 -6.28 22.40 -0.68
CA LYS A 453 -7.57 21.84 -1.06
C LYS A 453 -8.69 22.71 -0.54
N SER A 454 -9.62 23.07 -1.44
CA SER A 454 -10.87 23.69 -1.04
C SER A 454 -11.92 22.60 -0.87
N ALA A 455 -13.16 22.99 -0.62
CA ALA A 455 -14.23 22.01 -0.47
C ALA A 455 -14.45 21.24 -1.77
N HIS A 456 -14.40 21.93 -2.90
CA HIS A 456 -14.69 21.32 -4.20
C HIS A 456 -13.53 21.37 -5.16
N THR A 457 -12.35 21.76 -4.70
CA THR A 457 -11.13 21.55 -5.45
C THR A 457 -10.47 20.29 -4.94
N ALA A 458 -9.76 19.60 -5.82
CA ALA A 458 -9.05 18.38 -5.47
C ALA A 458 -7.59 18.50 -5.90
N PRO A 459 -6.84 19.42 -5.30
CA PRO A 459 -5.41 19.49 -5.59
C PRO A 459 -4.72 18.25 -5.03
N LEU A 460 -3.92 17.60 -5.86
CA LEU A 460 -3.30 16.35 -5.48
C LEU A 460 -1.88 16.31 -6.01
N SER A 461 -1.09 15.39 -5.46
CA SER A 461 0.24 15.14 -5.99
C SER A 461 0.10 14.46 -7.35
N ILE A 462 0.38 15.21 -8.42
CA ILE A 462 0.38 14.61 -9.75
C ILE A 462 1.61 13.75 -9.99
N GLY A 463 2.64 13.88 -9.15
CA GLY A 463 3.84 13.11 -9.37
C GLY A 463 4.84 13.31 -8.25
N VAL A 464 6.06 12.86 -8.53
CA VAL A 464 7.16 12.93 -7.58
C VAL A 464 8.16 13.96 -8.10
N PHE A 465 8.38 15.00 -7.32
CA PHE A 465 9.54 15.84 -7.54
C PHE A 465 10.80 15.12 -7.07
N ARG A 466 11.93 15.49 -7.63
CA ARG A 466 13.19 14.93 -7.16
C ARG A 466 14.28 15.98 -7.28
N VAL A 467 14.86 16.34 -6.14
CA VAL A 467 16.11 17.06 -6.11
C VAL A 467 17.21 16.00 -6.12
N ARG A 468 17.81 15.78 -7.29
CA ARG A 468 18.92 14.85 -7.40
C ARG A 468 20.21 15.61 -7.16
N TYR A 469 20.90 15.28 -6.08
CA TYR A 469 22.17 15.88 -5.72
C TYR A 469 23.31 15.03 -6.23
N ASN A 470 24.47 15.65 -6.44
CA ASN A 470 25.67 14.88 -6.71
C ASN A 470 26.20 14.31 -5.40
N ALA A 471 27.29 13.55 -5.49
CA ALA A 471 27.86 12.94 -4.29
C ALA A 471 28.30 14.01 -3.30
N THR A 472 28.90 15.10 -3.80
CA THR A 472 29.36 16.16 -2.92
C THR A 472 28.19 16.98 -2.37
N GLY A 473 27.12 17.13 -3.15
CA GLY A 473 25.99 17.94 -2.74
C GLY A 473 26.07 19.40 -3.13
N THR A 474 27.15 19.83 -3.78
CA THR A 474 27.27 21.23 -4.18
C THR A 474 26.20 21.63 -5.18
N SER A 475 25.93 20.78 -6.16
CA SER A 475 24.99 21.06 -7.23
C SER A 475 23.87 20.03 -7.21
N ALA A 476 22.64 20.50 -7.38
CA ALA A 476 21.49 19.63 -7.47
C ALA A 476 20.62 20.05 -8.64
N THR A 477 19.93 19.06 -9.21
CA THR A 477 19.00 19.29 -10.30
C THR A 477 17.61 18.91 -9.83
N VAL A 478 16.65 19.80 -10.00
CA VAL A 478 15.27 19.56 -9.61
C VAL A 478 14.48 19.14 -10.83
N THR A 479 13.88 17.95 -10.75
CA THR A 479 12.97 17.46 -11.77
C THR A 479 11.65 17.11 -11.11
N GLY A 480 10.69 16.69 -11.92
CA GLY A 480 9.46 16.15 -11.39
C GLY A 480 8.78 15.30 -12.41
N TRP A 481 8.44 14.06 -12.06
CA TRP A 481 7.79 13.19 -13.00
C TRP A 481 6.36 12.95 -12.56
N PRO A 482 5.39 13.10 -13.45
CA PRO A 482 4.00 12.81 -13.08
C PRO A 482 3.84 11.37 -12.65
N TYR A 483 2.86 11.14 -11.77
CA TYR A 483 2.60 9.78 -11.32
C TYR A 483 2.16 8.88 -12.46
N ALA A 484 1.66 9.47 -13.55
CA ALA A 484 1.39 8.67 -14.75
C ALA A 484 2.67 8.04 -15.27
N LEU A 485 3.75 8.81 -15.29
CA LEU A 485 5.04 8.28 -15.71
C LEU A 485 5.48 7.14 -14.81
N LEU A 486 5.49 7.38 -13.50
CA LEU A 486 5.99 6.38 -12.55
C LEU A 486 5.09 5.14 -12.51
N PHE A 487 3.80 5.32 -12.82
CA PHE A 487 2.82 4.24 -12.73
C PHE A 487 2.47 3.64 -14.08
N SER A 488 3.15 4.06 -15.14
CA SER A 488 2.94 3.46 -16.45
C SER A 488 3.20 1.95 -16.45
N GLY A 489 4.01 1.46 -15.53
CA GLY A 489 4.27 0.04 -15.44
C GLY A 489 3.25 -0.74 -14.64
N MET A 490 2.18 -0.09 -14.20
CA MET A 490 1.17 -0.77 -13.38
C MET A 490 0.49 -1.86 -14.18
N VAL A 491 0.34 -3.03 -13.56
CA VAL A 491 -0.35 -4.17 -14.14
C VAL A 491 -1.11 -4.88 -13.02
N ASN A 492 -1.94 -5.84 -13.43
CA ASN A 492 -2.73 -6.60 -12.44
C ASN A 492 -1.84 -7.41 -11.52
N LYS A 493 -0.78 -8.03 -12.07
CA LYS A 493 0.07 -8.88 -11.24
C LYS A 493 0.87 -8.09 -10.23
N GLN A 494 0.89 -6.77 -10.33
CA GLN A 494 1.59 -5.93 -9.36
C GLN A 494 0.75 -5.62 -8.13
N THR A 495 -0.48 -6.10 -8.06
CA THR A 495 -1.32 -5.93 -6.88
C THR A 495 -1.81 -7.30 -6.40
N ASP A 496 -1.87 -7.45 -5.08
CA ASP A 496 -2.51 -8.61 -4.48
C ASP A 496 -3.98 -8.36 -4.19
N GLY A 497 -4.48 -7.16 -4.46
CA GLY A 497 -5.85 -6.82 -4.21
C GLY A 497 -6.71 -6.84 -5.46
N LEU A 498 -7.41 -5.74 -5.72
CA LEU A 498 -8.35 -5.70 -6.83
C LEU A 498 -7.61 -5.70 -8.16
N LYS A 499 -8.03 -6.58 -9.06
CA LYS A 499 -7.52 -6.60 -10.42
C LYS A 499 -8.40 -5.75 -11.33
N ASP A 500 -7.92 -5.51 -12.54
CA ASP A 500 -8.65 -4.74 -13.55
C ASP A 500 -9.04 -3.36 -13.02
N LEU A 501 -8.20 -2.79 -12.16
CA LEU A 501 -8.46 -1.47 -11.62
C LEU A 501 -8.11 -0.40 -12.65
N PRO A 502 -8.79 0.75 -12.62
CA PRO A 502 -8.52 1.78 -13.63
C PRO A 502 -7.21 2.50 -13.38
N PHE A 503 -6.13 1.72 -13.26
CA PHE A 503 -4.78 2.24 -13.09
C PHE A 503 -3.95 2.12 -14.36
N ASN A 504 -4.43 1.38 -15.35
CA ASN A 504 -3.67 1.24 -16.58
C ASN A 504 -3.55 2.59 -17.26
N ASN A 505 -2.43 2.79 -17.93
CA ASN A 505 -2.22 3.99 -18.70
C ASN A 505 -1.98 3.60 -20.15
N ASN A 506 -1.67 4.60 -20.97
CA ASN A 506 -1.31 4.35 -22.35
C ASN A 506 -0.09 5.20 -22.66
N ARG A 507 0.41 5.10 -23.89
CA ARG A 507 1.61 5.86 -24.25
C ARG A 507 1.39 7.35 -24.06
N TRP A 508 0.16 7.83 -24.27
CA TRP A 508 -0.16 9.22 -24.04
C TRP A 508 -0.33 9.56 -22.57
N PHE A 509 -0.32 8.56 -21.70
CA PHE A 509 -0.54 8.77 -20.26
C PHE A 509 -1.84 9.52 -20.01
N GLU A 510 -2.90 9.06 -20.68
CA GLU A 510 -4.21 9.66 -20.46
C GLU A 510 -4.68 9.47 -19.03
N TYR A 511 -4.41 8.31 -18.45
CA TYR A 511 -4.63 8.15 -17.02
C TYR A 511 -3.67 9.07 -16.28
N VAL A 512 -4.22 9.94 -15.44
CA VAL A 512 -3.42 10.90 -14.69
C VAL A 512 -3.57 10.56 -13.21
N PRO A 513 -2.80 9.60 -12.70
CA PRO A 513 -2.85 9.31 -11.27
C PRO A 513 -2.37 10.52 -10.48
N ARG A 514 -3.25 11.06 -9.66
CA ARG A 514 -2.90 12.13 -8.74
C ARG A 514 -3.22 11.65 -7.34
N MET A 515 -2.22 11.64 -6.49
CA MET A 515 -2.34 11.02 -5.18
C MET A 515 -2.44 12.08 -4.09
N ALA A 516 -3.40 11.91 -3.20
CA ALA A 516 -3.28 12.45 -1.87
C ALA A 516 -2.25 11.59 -1.16
N VAL A 517 -0.99 12.03 -1.18
CA VAL A 517 0.12 11.18 -0.80
C VAL A 517 0.24 11.16 0.72
N ALA A 518 0.10 9.97 1.30
CA ALA A 518 0.42 9.79 2.71
C ALA A 518 1.89 10.06 2.97
N GLY A 519 2.74 9.56 2.10
CA GLY A 519 4.17 9.68 2.24
C GLY A 519 4.87 8.55 1.54
N ALA A 520 6.15 8.74 1.31
CA ALA A 520 7.01 7.70 0.77
C ALA A 520 7.91 7.25 1.91
N LYS A 521 7.47 6.20 2.60
CA LYS A 521 8.20 5.69 3.75
C LYS A 521 8.83 4.36 3.41
N PHE A 522 9.99 4.10 4.00
CA PHE A 522 10.76 2.90 3.72
C PHE A 522 10.47 1.85 4.79
N VAL A 523 9.75 0.80 4.41
CA VAL A 523 9.72 -0.45 5.17
C VAL A 523 10.98 -1.20 4.80
N GLY A 524 12.06 -0.94 5.53
CA GLY A 524 13.35 -1.38 5.07
C GLY A 524 13.76 -0.60 3.84
N ARG A 525 13.66 -1.25 2.69
CA ARG A 525 14.26 -0.76 1.45
C ARG A 525 13.26 -0.56 0.31
N GLU A 526 12.03 -1.02 0.45
CA GLU A 526 11.01 -0.82 -0.58
C GLU A 526 10.33 0.52 -0.33
N LEU A 527 10.36 1.42 -1.31
CA LEU A 527 9.83 2.76 -1.08
C LEU A 527 8.30 2.71 -1.16
N VAL A 528 7.64 2.79 -0.02
CA VAL A 528 6.18 2.72 0.01
C VAL A 528 5.63 4.12 -0.18
N LEU A 529 5.14 4.41 -1.37
CA LEU A 529 4.38 5.62 -1.63
C LEU A 529 2.91 5.26 -1.44
N ALA A 530 2.34 5.66 -0.31
CA ALA A 530 0.98 5.28 0.02
C ALA A 530 0.09 6.52 0.03
N GLY A 531 -1.16 6.30 0.41
CA GLY A 531 -2.13 7.38 0.44
C GLY A 531 -3.39 7.02 -0.30
N THR A 532 -3.95 7.97 -1.02
CA THR A 532 -5.06 7.69 -1.92
C THR A 532 -4.71 8.23 -3.30
N ILE A 533 -5.37 7.68 -4.30
CA ILE A 533 -5.03 7.95 -5.69
C ILE A 533 -6.30 8.15 -6.49
N THR A 534 -6.20 9.01 -7.49
CA THR A 534 -7.23 9.10 -8.52
C THR A 534 -6.91 8.03 -9.55
N MET A 535 -7.69 6.95 -9.56
CA MET A 535 -7.59 6.08 -10.70
C MET A 535 -8.36 6.69 -11.87
N GLY A 536 -8.26 6.06 -13.03
CA GLY A 536 -8.97 6.55 -14.19
C GLY A 536 -10.45 6.63 -13.92
N ASP A 537 -11.05 7.73 -14.35
CA ASP A 537 -12.47 7.96 -14.09
C ASP A 537 -13.30 6.84 -14.68
N THR A 538 -13.93 6.06 -13.82
CA THR A 538 -14.86 5.04 -14.24
C THR A 538 -16.32 5.49 -14.16
N ALA A 539 -16.60 6.51 -13.35
CA ALA A 539 -17.98 6.97 -13.19
C ALA A 539 -18.60 7.40 -14.50
N THR A 540 -17.81 8.03 -15.37
CA THR A 540 -18.29 8.48 -16.66
C THR A 540 -17.78 7.62 -17.80
N VAL A 541 -17.26 6.43 -17.50
CA VAL A 541 -16.91 5.49 -18.56
C VAL A 541 -18.12 5.17 -19.44
N PRO A 542 -19.29 4.79 -18.91
CA PRO A 542 -20.45 4.51 -19.78
C PRO A 542 -21.04 5.81 -20.28
N ARG A 543 -20.80 6.09 -21.56
CA ARG A 543 -21.33 7.32 -22.14
C ARG A 543 -22.83 7.19 -22.34
N LEU A 544 -23.56 8.20 -21.90
CA LEU A 544 -25.01 8.18 -22.01
C LEU A 544 -25.43 8.29 -23.47
N LEU A 545 -26.67 7.90 -23.74
CA LEU A 545 -27.24 8.14 -25.06
C LEU A 545 -27.46 9.63 -25.26
N TYR A 546 -27.39 10.05 -26.52
CA TYR A 546 -27.49 11.47 -26.81
C TYR A 546 -28.85 12.04 -26.43
N ASP A 547 -29.91 11.24 -26.49
CA ASP A 547 -31.24 11.67 -26.09
C ASP A 547 -31.60 11.19 -24.69
N GLU A 548 -30.63 10.70 -23.92
CA GLU A 548 -30.87 10.28 -22.55
C GLU A 548 -30.06 11.11 -21.55
N LEU A 549 -29.51 12.25 -21.99
CA LEU A 549 -28.79 13.12 -21.08
C LEU A 549 -29.74 13.73 -20.04
N GLU A 550 -30.89 14.24 -20.50
CA GLU A 550 -31.83 14.87 -19.59
C GLU A 550 -32.51 13.89 -18.66
N SER A 551 -32.32 12.58 -18.88
CA SER A 551 -32.86 11.58 -17.97
C SER A 551 -31.84 11.20 -16.88
N ASN A 552 -30.59 10.97 -17.29
CA ASN A 552 -29.53 10.60 -16.35
C ASN A 552 -28.69 11.84 -16.06
N LEU A 553 -29.23 12.73 -15.22
CA LEU A 553 -28.56 13.99 -14.95
C LEU A 553 -27.28 13.80 -14.16
N ASN A 554 -27.26 12.82 -13.24
CA ASN A 554 -26.08 12.62 -12.42
C ASN A 554 -24.87 12.22 -13.26
N LEU A 555 -25.08 11.34 -14.24
CA LEU A 555 -23.97 10.95 -15.10
C LEU A 555 -23.57 12.09 -16.03
N VAL A 556 -24.51 12.95 -16.42
CA VAL A 556 -24.14 14.13 -17.20
C VAL A 556 -23.23 15.04 -16.39
N ALA A 557 -23.62 15.30 -15.13
CA ALA A 557 -22.83 16.19 -14.29
C ALA A 557 -21.48 15.59 -13.97
N GLN A 558 -21.42 14.28 -13.77
CA GLN A 558 -20.13 13.62 -13.63
C GLN A 558 -19.31 13.76 -14.90
N GLY A 559 -19.94 13.60 -16.06
CA GLY A 559 -19.21 13.68 -17.31
C GLY A 559 -18.69 15.07 -17.59
N GLN A 560 -19.48 16.10 -17.26
CA GLN A 560 -19.10 17.47 -17.55
C GLN A 560 -18.35 18.13 -16.40
N GLY A 561 -17.77 17.36 -15.50
CA GLY A 561 -16.93 17.91 -14.47
C GLY A 561 -17.66 18.60 -13.35
N LEU A 562 -18.98 18.70 -13.43
CA LEU A 562 -19.73 19.36 -12.37
C LEU A 562 -19.85 18.47 -11.14
N LEU A 563 -20.46 17.31 -11.29
CA LEU A 563 -20.53 16.33 -10.21
C LEU A 563 -19.15 15.71 -10.06
N ARG A 564 -18.39 16.18 -9.08
CA ARG A 564 -17.05 15.68 -8.86
C ARG A 564 -17.02 14.31 -8.21
N GLU A 565 -18.14 13.62 -8.19
CA GLU A 565 -18.18 12.25 -7.69
C GLU A 565 -17.45 11.33 -8.66
N ASP A 566 -16.29 10.84 -8.23
CA ASP A 566 -15.60 9.82 -8.99
C ASP A 566 -16.33 8.49 -8.94
N LEU A 567 -17.16 8.30 -7.93
CA LEU A 567 -17.87 7.03 -7.77
C LEU A 567 -18.80 6.78 -8.94
N GLN A 568 -18.79 5.54 -9.43
CA GLN A 568 -19.70 5.15 -10.48
C GLN A 568 -21.13 5.26 -9.98
N LEU A 569 -21.92 6.12 -10.61
CA LEU A 569 -23.30 6.32 -10.23
C LEU A 569 -24.19 5.49 -11.14
N PHE A 570 -25.12 4.76 -10.54
CA PHE A 570 -25.98 3.88 -11.31
C PHE A 570 -27.03 4.67 -12.07
N THR A 571 -26.74 5.02 -13.31
CA THR A 571 -27.72 5.61 -14.23
C THR A 571 -27.66 4.85 -15.55
N PRO A 572 -27.95 3.55 -15.53
CA PRO A 572 -27.54 2.69 -16.65
C PRO A 572 -28.53 2.61 -17.80
N TYR A 573 -29.80 2.90 -17.55
CA TYR A 573 -30.78 2.84 -18.62
C TYR A 573 -30.42 3.81 -19.74
N GLY A 574 -30.03 5.03 -19.37
CA GLY A 574 -29.68 6.02 -20.34
C GLY A 574 -28.33 5.86 -20.98
N TRP A 575 -27.56 4.86 -20.55
CA TRP A 575 -26.27 4.61 -21.16
C TRP A 575 -26.43 4.21 -22.61
N ALA A 576 -25.46 4.61 -23.43
CA ALA A 576 -25.25 3.90 -24.67
C ALA A 576 -24.76 2.49 -24.36
N ASN A 577 -25.07 1.56 -25.26
CA ASN A 577 -24.63 0.19 -25.08
C ASN A 577 -23.11 0.13 -24.89
N ARG A 578 -22.40 1.00 -25.59
CA ARG A 578 -20.96 1.19 -25.41
C ARG A 578 -20.68 2.68 -25.42
N PRO A 579 -19.59 3.12 -24.79
CA PRO A 579 -19.17 4.51 -24.92
C PRO A 579 -18.23 4.79 -26.09
N ASP A 580 -17.76 3.77 -26.79
CA ASP A 580 -16.72 3.97 -27.80
C ASP A 580 -17.30 4.28 -29.17
N LEU A 581 -18.61 4.39 -29.29
CA LEU A 581 -19.19 4.71 -30.59
C LEU A 581 -18.97 6.18 -30.91
N PRO A 582 -18.39 6.49 -32.07
CA PRO A 582 -18.40 7.89 -32.53
C PRO A 582 -19.82 8.32 -32.84
N ILE A 583 -20.02 9.64 -32.88
CA ILE A 583 -21.36 10.19 -33.08
C ILE A 583 -21.98 9.65 -34.36
N GLY A 584 -21.16 9.41 -35.39
CA GLY A 584 -21.67 8.80 -36.60
C GLY A 584 -22.38 7.50 -36.35
N ALA A 585 -21.97 6.77 -35.31
CA ALA A 585 -22.60 5.52 -34.92
C ALA A 585 -23.82 5.72 -34.04
N TRP A 586 -24.18 6.95 -33.72
CA TRP A 586 -25.24 7.19 -32.74
C TRP A 586 -26.62 7.25 -33.36
N SER A 587 -26.75 7.79 -34.56
CA SER A 587 -28.02 7.90 -35.24
C SER A 587 -28.06 6.94 -36.41
N SER A 588 -29.15 6.18 -36.50
CA SER A 588 -29.36 5.28 -37.63
C SER A 588 -30.10 6.02 -38.74
N SER A 589 -29.87 5.57 -39.97
CA SER A 589 -30.58 6.16 -41.10
C SER A 589 -32.08 5.88 -41.01
N SER A 590 -32.47 4.85 -40.27
CA SER A 590 -33.87 4.54 -40.08
C SER A 590 -34.50 5.46 -39.03
N SER A 591 -35.81 5.29 -38.84
CA SER A 591 -36.53 6.07 -37.84
C SER A 591 -36.34 5.54 -36.43
N SER A 592 -35.52 4.51 -36.25
CA SER A 592 -35.28 3.95 -34.93
C SER A 592 -34.68 5.00 -34.01
N SER A 593 -34.99 4.89 -32.72
CA SER A 593 -34.56 5.88 -31.74
C SER A 593 -33.05 6.02 -31.71
N HIS A 594 -32.35 4.88 -31.74
CA HIS A 594 -30.89 4.90 -31.74
C HIS A 594 -30.35 4.03 -32.86
N ASN A 595 -29.03 3.97 -32.99
CA ASN A 595 -28.41 3.16 -34.04
C ASN A 595 -28.07 1.76 -33.52
N ALA A 596 -29.07 1.04 -33.05
CA ALA A 596 -28.86 -0.36 -32.72
C ALA A 596 -28.56 -1.14 -34.00
N PRO A 597 -27.77 -2.21 -33.92
CA PRO A 597 -27.20 -2.87 -32.73
C PRO A 597 -25.88 -2.26 -32.28
N TYR A 598 -25.45 -1.18 -32.93
CA TYR A 598 -24.19 -0.54 -32.57
C TYR A 598 -24.32 0.42 -31.41
N TYR A 599 -25.43 1.13 -31.32
CA TYR A 599 -25.60 2.22 -30.35
C TYR A 599 -27.06 2.22 -29.92
N PHE A 600 -27.31 1.85 -28.68
CA PHE A 600 -28.67 1.78 -28.16
C PHE A 600 -28.60 1.83 -26.65
N HIS A 601 -29.76 1.80 -26.01
CA HIS A 601 -29.81 1.77 -24.55
C HIS A 601 -29.02 0.57 -24.04
N ASN A 602 -28.09 0.83 -23.13
CA ASN A 602 -27.33 -0.27 -22.55
C ASN A 602 -28.27 -1.26 -21.91
N ASN A 603 -28.16 -2.50 -22.33
CA ASN A 603 -29.03 -3.56 -21.83
C ASN A 603 -28.31 -4.89 -21.99
N PRO A 604 -27.63 -5.37 -20.96
CA PRO A 604 -26.92 -6.66 -21.10
C PRO A 604 -27.84 -7.79 -21.49
N ASP A 605 -29.12 -7.69 -21.13
CA ASP A 605 -30.11 -8.64 -21.64
C ASP A 605 -30.08 -8.66 -23.16
N TRP A 606 -29.98 -7.50 -23.80
CA TRP A 606 -29.99 -7.39 -25.24
C TRP A 606 -28.62 -7.62 -25.87
N GLN A 607 -27.60 -7.86 -25.06
CA GLN A 607 -26.28 -8.11 -25.63
C GLN A 607 -26.28 -9.43 -26.40
N ASP A 608 -25.32 -9.54 -27.32
CA ASP A 608 -25.17 -10.75 -28.10
C ASP A 608 -24.25 -11.74 -27.39
N ARG A 609 -24.58 -13.02 -27.51
CA ARG A 609 -23.71 -14.05 -26.95
C ARG A 609 -22.43 -14.11 -27.77
N PRO A 610 -21.26 -14.15 -27.14
CA PRO A 610 -20.00 -14.37 -27.87
C PRO A 610 -19.79 -15.83 -28.26
N ILE A 611 -20.84 -16.45 -28.79
CA ILE A 611 -20.77 -17.82 -29.28
C ILE A 611 -20.18 -17.78 -30.69
N GLN A 612 -19.81 -18.94 -31.22
CA GLN A 612 -19.08 -18.98 -32.48
C GLN A 612 -19.92 -18.40 -33.62
N ASN A 613 -21.20 -18.76 -33.69
CA ASN A 613 -22.04 -18.26 -34.78
C ASN A 613 -22.21 -16.76 -34.72
N VAL A 614 -22.51 -16.23 -33.53
CA VAL A 614 -22.77 -14.80 -33.40
C VAL A 614 -21.50 -13.99 -33.65
N VAL A 615 -20.38 -14.42 -33.08
CA VAL A 615 -19.12 -13.73 -33.29
C VAL A 615 -18.73 -13.79 -34.76
N ASP A 616 -18.89 -14.95 -35.39
CA ASP A 616 -18.49 -15.11 -36.77
C ASP A 616 -19.45 -14.46 -37.75
N ALA A 617 -20.66 -14.09 -37.30
CA ALA A 617 -21.60 -13.39 -38.15
C ALA A 617 -21.59 -11.88 -37.95
N PHE A 618 -21.20 -11.41 -36.78
CA PHE A 618 -21.20 -9.97 -36.49
C PHE A 618 -19.82 -9.38 -36.31
N ILE A 619 -18.86 -10.14 -35.81
CA ILE A 619 -17.51 -9.64 -35.55
C ILE A 619 -16.53 -10.10 -36.62
N LYS A 620 -16.48 -11.41 -36.86
CA LYS A 620 -15.51 -11.95 -37.82
C LYS A 620 -15.59 -11.32 -39.21
N PRO A 621 -16.76 -11.04 -39.80
CA PRO A 621 -16.76 -10.42 -41.13
C PRO A 621 -16.07 -9.06 -41.17
N TRP A 622 -15.87 -8.42 -40.03
CA TRP A 622 -15.19 -7.13 -39.97
C TRP A 622 -14.05 -7.08 -38.96
N GLU A 623 -13.85 -8.14 -38.17
CA GLU A 623 -12.75 -8.14 -37.21
C GLU A 623 -11.41 -8.07 -37.93
N ASP A 624 -11.24 -8.87 -38.99
CA ASP A 624 -10.03 -8.80 -39.78
C ASP A 624 -9.93 -7.47 -40.51
N LYS A 625 -11.06 -6.97 -41.02
CA LYS A 625 -11.07 -5.70 -41.73
C LYS A 625 -10.91 -4.50 -40.81
N ASN A 626 -11.02 -4.69 -39.49
CA ASN A 626 -10.92 -3.57 -38.56
C ASN A 626 -9.51 -3.00 -38.58
N GLY A 627 -9.40 -1.68 -38.74
CA GLY A 627 -8.12 -1.03 -38.83
C GLY A 627 -7.51 -1.08 -40.21
N LYS A 628 -7.67 -2.22 -40.89
CA LYS A 628 -7.14 -2.37 -42.23
C LYS A 628 -7.91 -1.52 -43.24
N ASP A 629 -7.22 -1.15 -44.32
CA ASP A 629 -7.79 -0.35 -45.39
C ASP A 629 -8.33 0.99 -44.88
N ASP A 630 -7.69 1.52 -43.83
CA ASP A 630 -8.07 2.81 -43.24
C ASP A 630 -9.54 2.84 -42.83
N ALA A 631 -10.08 1.68 -42.42
CA ALA A 631 -11.50 1.56 -42.12
C ALA A 631 -11.67 0.62 -40.93
N LYS A 632 -12.01 1.17 -39.78
CA LYS A 632 -12.45 0.36 -38.67
C LYS A 632 -13.94 0.05 -38.84
N TYR A 633 -14.43 -0.89 -38.05
CA TYR A 633 -15.82 -1.30 -38.16
C TYR A 633 -16.43 -1.45 -36.79
N ILE A 634 -17.63 -0.90 -36.63
CA ILE A 634 -18.44 -1.13 -35.45
C ILE A 634 -19.38 -2.28 -35.76
N TYR A 635 -19.13 -3.41 -35.10
CA TYR A 635 -19.78 -4.66 -35.47
C TYR A 635 -21.28 -4.60 -35.17
N PRO A 636 -22.08 -5.34 -35.95
CA PRO A 636 -23.49 -5.53 -35.58
C PRO A 636 -23.67 -6.32 -34.30
N TYR A 637 -22.59 -6.74 -33.66
CA TYR A 637 -22.66 -7.35 -32.35
C TYR A 637 -23.30 -6.39 -31.36
N ARG A 638 -24.31 -6.86 -30.65
CA ARG A 638 -24.96 -6.05 -29.61
C ARG A 638 -24.05 -6.05 -28.40
N TYR A 639 -23.15 -5.07 -28.37
CA TYR A 639 -22.20 -4.93 -27.26
C TYR A 639 -22.88 -4.13 -26.16
N SER A 640 -23.50 -4.84 -25.22
CA SER A 640 -24.13 -4.22 -24.06
C SER A 640 -23.60 -4.86 -22.79
N GLY A 641 -23.61 -4.10 -21.71
CA GLY A 641 -23.13 -4.61 -20.45
C GLY A 641 -23.32 -3.63 -19.33
N MET A 642 -23.31 -4.16 -18.12
CA MET A 642 -23.57 -3.38 -16.91
C MET A 642 -22.32 -2.60 -16.53
N TRP A 643 -22.31 -2.08 -15.30
CA TRP A 643 -21.23 -1.22 -14.85
C TRP A 643 -19.87 -1.90 -14.96
N ALA A 644 -19.77 -3.15 -14.50
CA ALA A 644 -18.49 -3.84 -14.56
C ALA A 644 -18.04 -4.04 -16.00
N TRP A 645 -18.99 -4.30 -16.91
CA TRP A 645 -18.64 -4.45 -18.31
C TRP A 645 -18.11 -3.15 -18.90
N GLN A 646 -18.79 -2.04 -18.63
CA GLN A 646 -18.33 -0.75 -19.13
C GLN A 646 -16.95 -0.43 -18.59
N VAL A 647 -16.73 -0.68 -17.30
CA VAL A 647 -15.42 -0.41 -16.69
C VAL A 647 -14.36 -1.33 -17.29
N TYR A 648 -14.70 -2.59 -17.51
CA TYR A 648 -13.74 -3.54 -18.04
C TYR A 648 -13.32 -3.16 -19.46
N ASN A 649 -14.28 -2.74 -20.28
CA ASN A 649 -13.97 -2.52 -21.68
C ASN A 649 -13.53 -1.10 -22.01
N TRP A 650 -13.88 -0.11 -21.18
CA TRP A 650 -13.58 1.27 -21.52
C TRP A 650 -13.04 2.11 -20.37
N SER A 651 -12.94 1.58 -19.16
CA SER A 651 -12.08 2.22 -18.20
C SER A 651 -10.65 1.78 -18.45
N ASN A 652 -9.71 2.52 -17.89
CA ASN A 652 -8.31 2.15 -18.01
C ASN A 652 -8.00 1.00 -17.07
N LYS A 653 -8.77 -0.10 -17.19
CA LYS A 653 -8.61 -1.21 -16.27
C LYS A 653 -7.21 -1.79 -16.38
N LEU A 654 -6.67 -2.20 -15.25
CA LEU A 654 -5.34 -2.80 -15.24
C LEU A 654 -5.38 -4.16 -15.92
N THR A 655 -4.46 -4.38 -16.84
CA THR A 655 -4.30 -5.66 -17.52
C THR A 655 -2.95 -6.26 -17.15
N ASP A 656 -2.65 -7.40 -17.75
CA ASP A 656 -1.34 -8.01 -17.55
C ASP A 656 -0.24 -7.28 -18.33
N GLN A 657 -0.60 -6.39 -19.24
CA GLN A 657 0.35 -5.66 -20.05
C GLN A 657 0.42 -4.21 -19.58
N PRO A 658 1.62 -3.69 -19.30
CA PRO A 658 1.73 -2.27 -18.96
C PRO A 658 1.37 -1.39 -20.14
N LEU A 659 0.82 -0.22 -19.83
CA LEU A 659 0.48 0.78 -20.84
C LEU A 659 -0.52 0.23 -21.85
N SER A 660 -1.42 -0.64 -21.39
CA SER A 660 -2.39 -1.30 -22.25
C SER A 660 -3.78 -0.69 -22.14
N ALA A 661 -3.90 0.49 -21.54
CA ALA A 661 -5.20 1.13 -21.40
C ALA A 661 -5.59 1.71 -22.75
N ASP A 662 -6.27 0.89 -23.56
CA ASP A 662 -6.81 1.37 -24.82
C ASP A 662 -7.92 2.37 -24.63
N PHE A 663 -8.42 2.52 -23.40
CA PHE A 663 -9.59 3.36 -23.14
C PHE A 663 -9.44 3.97 -21.76
N VAL A 664 -8.88 5.17 -21.71
CA VAL A 664 -8.89 5.98 -20.50
C VAL A 664 -9.98 7.03 -20.70
N ASN A 665 -11.15 6.78 -20.11
CA ASN A 665 -12.26 7.71 -20.26
C ASN A 665 -11.86 9.10 -19.78
N GLU A 666 -11.57 9.23 -18.50
CA GLU A 666 -11.12 10.49 -17.94
C GLU A 666 -10.40 10.13 -16.64
N ASN A 667 -10.18 11.12 -15.80
CA ASN A 667 -9.52 10.90 -14.52
C ASN A 667 -10.45 11.29 -13.38
N ALA A 668 -10.22 10.70 -12.21
CA ALA A 668 -11.05 10.99 -11.06
C ALA A 668 -10.77 12.40 -10.55
N TYR A 669 -11.83 13.10 -10.16
CA TYR A 669 -11.70 14.44 -9.61
C TYR A 669 -10.87 14.39 -8.34
N GLN A 670 -11.43 13.75 -7.32
CA GLN A 670 -10.74 13.46 -6.08
C GLN A 670 -10.12 12.08 -6.16
N PRO A 671 -9.26 11.72 -5.22
CA PRO A 671 -8.80 10.33 -5.18
C PRO A 671 -9.98 9.39 -5.10
N ASN A 672 -9.96 8.34 -5.91
CA ASN A 672 -11.06 7.39 -5.95
C ASN A 672 -10.61 5.99 -5.56
N SER A 673 -9.40 5.84 -5.03
CA SER A 673 -9.03 4.56 -4.45
C SER A 673 -8.04 4.79 -3.33
N LEU A 674 -8.03 3.87 -2.38
CA LEU A 674 -6.88 3.74 -1.51
C LEU A 674 -5.69 3.28 -2.35
N PHE A 675 -4.50 3.63 -1.90
CA PHE A 675 -3.33 3.32 -2.71
C PHE A 675 -2.11 3.16 -1.82
N ALA A 676 -1.26 2.23 -2.23
CA ALA A 676 0.09 2.13 -1.71
C ALA A 676 0.91 1.48 -2.81
N ALA A 677 2.18 1.85 -2.88
CA ALA A 677 3.02 1.45 -4.01
C ALA A 677 4.42 1.16 -3.51
N ILE A 678 4.82 -0.11 -3.62
CA ILE A 678 6.21 -0.49 -3.48
C ILE A 678 6.90 -0.02 -4.74
N LEU A 679 7.55 1.13 -4.64
CA LEU A 679 8.39 1.68 -5.68
C LEU A 679 9.83 1.25 -5.44
N ASN A 680 10.58 1.17 -6.53
CA ASN A 680 12.01 0.93 -6.53
C ASN A 680 12.71 2.26 -6.33
N PRO A 681 13.18 2.56 -5.12
CA PRO A 681 13.85 3.85 -4.89
C PRO A 681 15.13 3.98 -5.69
N GLU A 682 15.79 2.86 -6.02
CA GLU A 682 16.98 2.93 -6.86
C GLU A 682 16.67 3.54 -8.21
N LEU A 683 15.56 3.14 -8.83
CA LEU A 683 15.15 3.76 -10.08
C LEU A 683 14.80 5.23 -9.87
N LEU A 684 14.03 5.53 -8.82
CA LEU A 684 13.60 6.90 -8.57
C LEU A 684 14.79 7.83 -8.41
N ALA A 685 15.83 7.37 -7.69
CA ALA A 685 17.04 8.17 -7.57
C ALA A 685 17.78 8.26 -8.89
N ALA A 686 17.69 7.22 -9.72
CA ALA A 686 18.43 7.16 -10.98
C ALA A 686 17.57 7.50 -12.20
N LEU A 687 16.31 7.86 -12.00
CA LEU A 687 15.46 8.20 -13.13
C LEU A 687 15.95 9.49 -13.79
N PRO A 688 15.73 9.64 -15.09
CA PRO A 688 16.19 10.85 -15.78
C PRO A 688 15.49 12.10 -15.27
N ASP A 689 16.21 13.22 -15.35
CA ASP A 689 15.65 14.51 -14.92
C ASP A 689 14.66 15.04 -15.95
N LYS A 690 15.16 15.34 -17.14
CA LYS A 690 14.31 15.77 -18.26
C LYS A 690 13.79 14.53 -18.94
N VAL A 691 12.49 14.28 -18.81
CA VAL A 691 11.89 13.08 -19.40
C VAL A 691 11.70 13.30 -20.89
N LYS A 692 12.34 12.46 -21.69
CA LYS A 692 12.22 12.52 -23.14
C LYS A 692 11.06 11.63 -23.57
N TYR A 693 10.02 12.23 -24.13
CA TYR A 693 8.89 11.51 -24.67
C TYR A 693 9.03 11.41 -26.18
N GLY A 694 8.52 10.31 -26.73
CA GLY A 694 8.52 10.12 -28.17
C GLY A 694 7.23 10.59 -28.80
N LYS A 695 7.14 10.39 -30.11
CA LYS A 695 5.89 10.65 -30.81
C LYS A 695 4.76 9.78 -30.31
N GLU A 696 5.09 8.63 -29.72
CA GLU A 696 4.05 7.73 -29.23
C GLU A 696 3.29 8.34 -28.06
N ASN A 697 3.97 9.11 -27.21
CA ASN A 697 3.30 9.79 -26.11
C ASN A 697 2.50 10.98 -26.60
N GLU A 698 2.92 11.61 -27.68
CA GLU A 698 2.16 12.69 -28.27
C GLU A 698 0.86 12.15 -28.83
N PHE A 699 -0.23 12.91 -28.66
CA PHE A 699 -1.44 12.61 -29.40
C PHE A 699 -1.17 12.76 -30.88
N ALA A 700 -1.81 11.90 -31.68
CA ALA A 700 -1.60 11.96 -33.12
C ALA A 700 -1.99 13.31 -33.67
N ALA A 701 -1.12 13.90 -34.49
CA ALA A 701 -1.32 15.25 -34.99
C ALA A 701 -2.55 15.37 -35.87
N ASN A 702 -3.07 14.26 -36.38
CA ASN A 702 -4.21 14.28 -37.28
C ASN A 702 -5.12 13.09 -36.96
N GLU A 703 -6.30 13.11 -37.56
CA GLU A 703 -7.27 12.04 -37.31
C GLU A 703 -6.90 10.75 -38.02
N TYR A 704 -6.17 10.82 -39.14
CA TYR A 704 -5.74 9.58 -39.80
C TYR A 704 -4.71 8.85 -38.95
N GLU A 705 -3.70 9.57 -38.45
N GLU A 705 -3.70 9.57 -38.45
CA GLU A 705 -2.71 8.95 -37.59
CA GLU A 705 -2.70 8.94 -37.59
C GLU A 705 -3.33 8.41 -36.32
C GLU A 705 -3.33 8.40 -36.32
N ARG A 706 -4.28 9.14 -35.75
CA ARG A 706 -5.00 8.67 -34.57
C ARG A 706 -5.81 7.43 -34.88
N PHE A 707 -6.43 7.39 -36.06
CA PHE A 707 -7.22 6.23 -36.47
C PHE A 707 -6.34 4.99 -36.59
N ASN A 708 -5.21 5.11 -37.29
CA ASN A 708 -4.34 3.98 -37.54
C ASN A 708 -3.30 3.80 -36.44
N GLN A 709 -3.46 4.50 -35.32
CA GLN A 709 -2.52 4.41 -34.23
C GLN A 709 -2.66 3.10 -33.49
N LYS A 710 -1.57 2.66 -32.87
CA LYS A 710 -1.58 1.48 -32.03
C LYS A 710 -1.52 1.89 -30.56
N LEU A 711 -2.29 1.19 -29.73
CA LEU A 711 -2.31 1.50 -28.31
C LEU A 711 -0.93 1.31 -27.70
N THR A 712 -0.27 0.20 -28.01
CA THR A 712 1.05 -0.13 -27.48
C THR A 712 2.06 0.08 -28.60
N VAL A 713 2.70 1.24 -28.60
CA VAL A 713 3.77 1.55 -29.53
C VAL A 713 5.09 1.48 -28.77
N ALA A 714 6.06 0.78 -29.34
CA ALA A 714 7.36 0.66 -28.69
C ALA A 714 7.97 2.04 -28.52
N PRO A 715 8.56 2.34 -27.36
CA PRO A 715 9.13 3.68 -27.14
C PRO A 715 10.22 3.99 -28.15
N THR A 716 10.21 5.23 -28.64
CA THR A 716 11.20 5.66 -29.61
C THR A 716 12.59 5.69 -28.99
N GLN A 717 13.60 5.42 -29.81
CA GLN A 717 14.97 5.55 -29.34
C GLN A 717 15.26 6.99 -28.98
N GLY A 718 16.05 7.18 -27.92
CA GLY A 718 16.29 8.49 -27.39
C GLY A 718 15.22 9.01 -26.45
N THR A 719 14.27 8.16 -26.06
CA THR A 719 13.24 8.52 -25.10
C THR A 719 13.40 7.66 -23.84
N ASN A 720 13.16 8.29 -22.69
CA ASN A 720 13.34 7.61 -21.42
C ASN A 720 12.05 7.50 -20.62
N TRP A 721 10.91 7.91 -21.17
CA TRP A 721 9.66 7.85 -20.42
C TRP A 721 9.29 6.43 -20.04
N SER A 722 9.67 5.44 -20.85
CA SER A 722 9.43 4.04 -20.53
C SER A 722 10.30 3.53 -19.40
N HIS A 723 11.39 4.22 -19.09
CA HIS A 723 12.22 3.85 -17.95
C HIS A 723 11.51 4.05 -16.63
N PHE A 724 10.38 4.77 -16.64
CA PHE A 724 9.60 5.03 -15.44
C PHE A 724 8.54 3.97 -15.19
N SER A 725 8.32 3.06 -16.14
CA SER A 725 7.41 1.94 -15.89
C SER A 725 7.88 1.06 -14.74
N PRO A 726 9.16 0.67 -14.63
CA PRO A 726 9.57 -0.15 -13.48
C PRO A 726 9.59 0.60 -12.16
N THR A 727 9.23 1.88 -12.14
CA THR A 727 9.22 2.62 -10.88
C THR A 727 8.27 1.98 -9.88
N LEU A 728 7.04 1.71 -10.31
CA LEU A 728 6.08 1.02 -9.46
C LEU A 728 6.33 -0.47 -9.60
N SER A 729 7.17 -1.01 -8.71
CA SER A 729 7.42 -2.44 -8.69
C SER A 729 6.14 -3.21 -8.34
N ARG A 730 5.38 -2.71 -7.37
N ARG A 730 5.39 -2.71 -7.38
CA ARG A 730 4.16 -3.35 -6.94
CA ARG A 730 4.12 -3.35 -7.03
C ARG A 730 3.23 -2.29 -6.35
C ARG A 730 3.24 -2.32 -6.35
N PHE A 731 1.95 -2.63 -6.23
CA PHE A 731 1.01 -1.71 -5.62
C PHE A 731 -0.14 -2.48 -4.99
N SER A 732 -0.91 -1.76 -4.17
CA SER A 732 -2.11 -2.28 -3.56
C SER A 732 -3.11 -1.13 -3.41
N THR A 733 -4.38 -1.49 -3.33
CA THR A 733 -5.47 -0.53 -3.15
C THR A 733 -6.18 -0.77 -1.82
N GLY A 734 -5.42 -1.14 -0.81
CA GLY A 734 -6.00 -1.50 0.46
C GLY A 734 -5.94 -2.98 0.72
N PHE A 735 -7.10 -3.63 0.59
CA PHE A 735 -7.20 -5.04 0.90
C PHE A 735 -6.63 -5.89 -0.24
N ASN A 736 -5.87 -6.92 0.13
CA ASN A 736 -5.33 -7.88 -0.85
C ASN A 736 -6.36 -8.96 -1.10
N LEU A 737 -7.47 -8.54 -1.72
CA LEU A 737 -8.63 -9.39 -1.90
C LEU A 737 -9.16 -9.28 -3.31
N VAL A 738 -9.87 -10.32 -3.74
CA VAL A 738 -10.62 -10.26 -4.99
C VAL A 738 -11.79 -9.31 -4.76
N GLY A 739 -12.47 -8.93 -5.84
CA GLY A 739 -13.45 -7.86 -5.74
C GLY A 739 -14.59 -8.16 -4.79
N SER A 740 -15.23 -9.31 -4.97
CA SER A 740 -16.42 -9.62 -4.17
C SER A 740 -16.06 -9.84 -2.71
N VAL A 741 -14.90 -10.44 -2.44
CA VAL A 741 -14.41 -10.56 -1.07
C VAL A 741 -14.18 -9.18 -0.47
N LEU A 742 -13.62 -8.27 -1.28
CA LEU A 742 -13.48 -6.89 -0.82
C LEU A 742 -14.83 -6.29 -0.49
N ASP A 743 -15.85 -6.59 -1.29
CA ASP A 743 -17.19 -6.10 -1.00
C ASP A 743 -17.71 -6.62 0.34
N GLN A 744 -17.46 -7.90 0.61
CA GLN A 744 -17.83 -8.45 1.92
C GLN A 744 -17.13 -7.67 3.04
N VAL A 745 -15.83 -7.43 2.90
CA VAL A 745 -15.11 -6.73 3.97
C VAL A 745 -15.59 -5.28 4.09
N LEU A 746 -15.90 -4.64 2.96
CA LEU A 746 -16.46 -3.30 2.99
C LEU A 746 -17.76 -3.27 3.75
N ASP A 747 -18.59 -4.29 3.57
CA ASP A 747 -19.80 -4.42 4.34
C ASP A 747 -19.53 -4.69 5.81
N TYR A 748 -18.38 -5.30 6.12
CA TYR A 748 -17.95 -5.34 7.51
C TYR A 748 -17.38 -4.01 7.97
N VAL A 749 -16.96 -3.14 7.06
CA VAL A 749 -16.37 -1.86 7.43
C VAL A 749 -17.46 -0.98 8.02
N PRO A 750 -17.32 -0.52 9.26
CA PRO A 750 -18.27 0.45 9.81
C PRO A 750 -18.30 1.73 8.99
N TRP A 751 -19.48 2.30 8.83
CA TRP A 751 -19.55 3.68 8.36
C TRP A 751 -19.19 4.59 9.51
N ILE A 752 -18.06 5.27 9.39
CA ILE A 752 -17.51 6.04 10.50
C ILE A 752 -18.45 7.14 10.98
N GLY A 753 -19.46 7.49 10.18
CA GLY A 753 -20.39 8.52 10.61
C GLY A 753 -21.13 8.15 11.87
N ASN A 754 -21.67 6.94 11.93
CA ASN A 754 -22.31 6.44 13.14
C ASN A 754 -21.71 5.13 13.63
N GLY A 755 -20.70 4.60 12.95
CA GLY A 755 -20.07 3.36 13.35
C GLY A 755 -20.80 2.12 12.91
N TYR A 756 -21.96 2.25 12.29
CA TYR A 756 -22.68 1.08 11.83
C TYR A 756 -22.03 0.54 10.57
N ARG A 757 -21.90 -0.79 10.51
CA ARG A 757 -21.23 -1.41 9.38
C ARG A 757 -22.05 -1.29 8.12
N TYR A 758 -21.37 -1.16 6.99
CA TYR A 758 -22.06 -1.02 5.71
C TYR A 758 -22.93 -2.24 5.42
N GLY A 759 -22.52 -3.42 5.90
CA GLY A 759 -23.38 -4.57 5.79
C GLY A 759 -24.61 -4.50 6.68
N ASN A 760 -24.67 -3.52 7.57
CA ASN A 760 -25.78 -3.38 8.52
C ASN A 760 -25.93 -4.65 9.36
N ASN A 761 -24.79 -5.23 9.74
CA ASN A 761 -24.74 -6.48 10.50
C ASN A 761 -25.49 -7.60 9.79
N HIS A 762 -25.47 -7.59 8.46
CA HIS A 762 -26.10 -8.66 7.69
C HIS A 762 -25.35 -9.96 7.94
N ARG A 763 -26.09 -11.00 8.28
CA ARG A 763 -25.49 -12.28 8.59
C ARG A 763 -25.17 -13.11 7.36
N GLY A 764 -25.13 -12.49 6.19
CA GLY A 764 -24.82 -13.23 4.97
C GLY A 764 -25.84 -14.33 4.74
N VAL A 765 -25.34 -15.54 4.48
CA VAL A 765 -26.21 -16.69 4.29
C VAL A 765 -27.00 -16.99 5.56
N ASP A 766 -26.51 -16.57 6.72
CA ASP A 766 -27.19 -16.80 7.98
C ASP A 766 -28.27 -15.77 8.28
N ASP A 767 -28.41 -14.74 7.45
CA ASP A 767 -29.43 -13.73 7.67
C ASP A 767 -30.81 -14.27 7.28
N ILE A 768 -31.84 -13.66 7.86
CA ILE A 768 -33.22 -14.06 7.57
C ILE A 768 -33.70 -13.60 6.20
N THR A 769 -32.90 -12.82 5.50
CA THR A 769 -33.23 -12.39 4.14
C THR A 769 -32.84 -13.41 3.09
N ALA A 770 -32.27 -14.51 3.48
CA ALA A 770 -32.06 -15.61 2.56
C ALA A 770 -33.32 -16.48 2.51
N PRO A 771 -33.56 -17.16 1.39
CA PRO A 771 -34.72 -18.07 1.34
C PRO A 771 -34.54 -19.27 2.24
N GLN A 772 -35.32 -19.35 3.31
CA GLN A 772 -35.21 -20.46 4.25
C GLN A 772 -36.51 -21.26 4.30
N SER A 788 -34.17 -4.24 14.34
CA SER A 788 -33.03 -3.34 14.55
C SER A 788 -31.75 -4.11 14.81
N ARG A 789 -31.73 -5.39 14.42
CA ARG A 789 -30.58 -6.24 14.63
C ARG A 789 -29.77 -6.47 13.36
N SER A 790 -30.43 -6.74 12.24
CA SER A 790 -29.74 -7.00 10.99
C SER A 790 -30.58 -6.49 9.84
N PHE A 791 -29.91 -5.96 8.81
N PHE A 791 -29.90 -5.95 8.83
CA PHE A 791 -30.56 -5.48 7.61
CA PHE A 791 -30.51 -5.38 7.63
C PHE A 791 -29.76 -5.92 6.41
C PHE A 791 -29.74 -5.88 6.41
N LEU A 792 -30.30 -5.65 5.22
CA LEU A 792 -29.62 -6.04 4.00
C LEU A 792 -28.30 -5.26 3.87
N PRO A 793 -27.29 -5.88 3.28
CA PRO A 793 -25.95 -5.30 3.28
C PRO A 793 -25.66 -4.48 2.04
N THR A 794 -24.73 -3.53 2.20
CA THR A 794 -24.49 -2.53 1.15
C THR A 794 -23.77 -3.13 -0.06
N PHE A 795 -22.56 -3.61 0.14
CA PHE A 795 -21.74 -4.10 -0.97
C PHE A 795 -21.71 -5.61 -1.08
N SER A 796 -22.22 -6.34 -0.09
CA SER A 796 -22.20 -7.79 -0.13
C SER A 796 -23.50 -8.30 -0.75
N ASN A 797 -23.37 -9.23 -1.69
CA ASN A 797 -24.51 -9.95 -2.21
C ASN A 797 -24.80 -11.23 -1.45
N ILE A 798 -23.86 -11.68 -0.62
CA ILE A 798 -24.01 -12.97 0.05
C ILE A 798 -25.19 -12.91 1.00
N GLY A 799 -26.07 -13.90 0.89
CA GLY A 799 -27.28 -13.94 1.69
C GLY A 799 -28.35 -12.98 1.25
N VAL A 800 -28.22 -12.37 0.08
CA VAL A 800 -29.15 -11.36 -0.41
C VAL A 800 -29.78 -11.90 -1.69
N GLY A 801 -31.10 -11.89 -1.72
CA GLY A 801 -31.80 -12.40 -2.90
C GLY A 801 -31.85 -13.90 -2.88
N LEU A 802 -31.37 -14.52 -3.96
CA LEU A 802 -31.47 -15.96 -4.13
C LEU A 802 -30.11 -16.56 -4.44
N LYS A 803 -29.96 -17.84 -4.11
CA LYS A 803 -28.76 -18.60 -4.43
C LYS A 803 -28.93 -19.18 -5.83
N ALA A 804 -28.74 -18.32 -6.82
CA ALA A 804 -28.97 -18.70 -8.20
C ALA A 804 -27.78 -19.50 -8.75
N ASN A 805 -28.08 -20.61 -9.40
CA ASN A 805 -27.07 -21.37 -10.11
C ASN A 805 -26.86 -20.77 -11.49
N VAL A 806 -25.60 -20.47 -11.83
CA VAL A 806 -25.29 -19.77 -13.06
C VAL A 806 -24.93 -20.74 -14.18
N GLN A 807 -25.27 -22.02 -14.03
CA GLN A 807 -25.01 -22.98 -15.09
C GLN A 807 -25.81 -22.64 -16.34
N ALA A 808 -27.13 -22.45 -16.20
CA ALA A 808 -27.96 -22.05 -17.32
C ALA A 808 -27.82 -20.58 -17.65
N THR A 809 -27.31 -19.77 -16.72
CA THR A 809 -27.14 -18.35 -16.95
C THR A 809 -26.04 -18.11 -17.97
N LEU A 810 -26.39 -17.44 -19.07
CA LEU A 810 -25.46 -17.15 -20.17
C LEU A 810 -24.83 -18.40 -20.75
N GLY A 811 -25.53 -19.54 -20.66
CA GLY A 811 -24.99 -20.78 -21.19
C GLY A 811 -23.70 -21.22 -20.53
N GLY A 812 -23.61 -21.09 -19.21
CA GLY A 812 -22.40 -21.46 -18.50
C GLY A 812 -21.46 -20.29 -18.26
N ALA A 829 -16.44 -24.31 -11.98
CA ALA A 829 -17.27 -24.99 -11.00
C ALA A 829 -18.74 -24.61 -11.17
N ASN A 830 -19.58 -25.07 -10.25
CA ASN A 830 -21.01 -24.73 -10.32
C ASN A 830 -21.24 -23.24 -10.13
N LEU A 831 -20.51 -22.62 -9.21
CA LEU A 831 -20.60 -21.18 -8.93
C LEU A 831 -22.03 -20.78 -8.59
N GLN A 832 -22.53 -21.35 -7.50
CA GLN A 832 -23.86 -21.00 -7.01
C GLN A 832 -23.81 -19.61 -6.39
N LEU A 833 -24.14 -18.59 -7.17
CA LEU A 833 -23.89 -17.20 -6.79
C LEU A 833 -25.14 -16.56 -6.20
N TRP A 834 -24.92 -15.67 -5.24
CA TRP A 834 -26.01 -14.89 -4.67
C TRP A 834 -26.40 -13.77 -5.62
N THR A 835 -27.70 -13.67 -5.92
CA THR A 835 -28.16 -12.62 -6.82
C THR A 835 -27.94 -11.24 -6.24
N GLY A 836 -27.91 -11.12 -4.92
CA GLY A 836 -27.90 -9.82 -4.30
C GLY A 836 -29.27 -9.19 -4.35
N ALA A 837 -29.36 -7.99 -3.79
CA ALA A 837 -30.62 -7.28 -3.80
C ALA A 837 -30.90 -6.75 -5.19
N GLY A 838 -32.18 -6.48 -5.45
CA GLY A 838 -32.58 -6.13 -6.79
C GLY A 838 -32.62 -7.31 -7.74
N TRP A 839 -32.74 -8.52 -7.21
CA TRP A 839 -32.80 -9.69 -8.06
C TRP A 839 -34.05 -9.65 -8.95
N ARG A 840 -33.88 -10.09 -10.18
CA ARG A 840 -34.98 -10.14 -11.14
C ARG A 840 -35.22 -11.56 -11.64
N ASN A 841 -35.10 -12.53 -10.74
CA ASN A 841 -35.28 -13.92 -11.11
C ASN A 841 -36.69 -14.16 -11.66
N ASP A 842 -36.75 -14.79 -12.82
CA ASP A 842 -38.03 -15.26 -13.33
C ASP A 842 -38.58 -16.37 -12.44
N LYS A 843 -39.88 -16.32 -12.16
CA LYS A 843 -40.54 -17.44 -11.53
C LYS A 843 -40.61 -18.61 -12.51
N ALA A 844 -40.40 -19.81 -12.00
CA ALA A 844 -40.52 -20.99 -12.84
C ALA A 844 -41.97 -21.19 -13.25
N SER A 845 -42.18 -22.14 -14.16
CA SER A 845 -43.54 -22.47 -14.60
C SER A 845 -44.40 -22.94 -13.43
N SER A 846 -43.75 -23.49 -12.40
CA SER A 846 -44.46 -23.85 -11.17
C SER A 846 -45.04 -22.61 -10.49
N GLY A 847 -44.25 -21.54 -10.43
CA GLY A 847 -44.71 -20.29 -9.85
C GLY A 847 -44.11 -20.00 -8.49
N GLN A 848 -44.00 -21.03 -7.65
CA GLN A 848 -43.49 -20.86 -6.30
C GLN A 848 -41.97 -20.86 -6.21
N SER A 849 -41.29 -21.45 -7.19
CA SER A 849 -39.83 -21.53 -7.20
C SER A 849 -39.30 -20.53 -8.22
N ASP A 850 -38.49 -19.58 -7.75
CA ASP A 850 -37.88 -18.62 -8.65
C ASP A 850 -36.71 -19.26 -9.39
N GLU A 851 -36.64 -19.02 -10.69
CA GLU A 851 -35.57 -19.60 -11.50
C GLU A 851 -34.23 -18.95 -11.15
N ASN A 852 -33.16 -19.68 -11.43
N ASN A 852 -33.16 -19.69 -11.43
CA ASN A 852 -31.80 -19.23 -11.15
CA ASN A 852 -31.81 -19.23 -11.15
C ASN A 852 -31.32 -18.17 -12.12
C ASN A 852 -31.32 -18.17 -12.12
N HIS A 853 -32.21 -17.63 -12.96
CA HIS A 853 -31.83 -16.65 -13.96
C HIS A 853 -33.05 -15.81 -14.30
N THR A 854 -32.84 -14.83 -15.16
CA THR A 854 -33.92 -14.06 -15.74
C THR A 854 -34.11 -14.49 -17.19
N LYS A 855 -35.33 -14.86 -17.55
CA LYS A 855 -35.62 -15.19 -18.93
C LYS A 855 -35.43 -13.95 -19.80
N PHE A 856 -34.84 -14.16 -20.98
CA PHE A 856 -34.57 -13.03 -21.86
C PHE A 856 -35.86 -12.33 -22.28
N THR A 857 -36.91 -13.11 -22.54
CA THR A 857 -38.19 -12.53 -22.93
C THR A 857 -38.73 -11.63 -21.83
N SER A 858 -38.56 -12.03 -20.57
CA SER A 858 -39.01 -11.19 -19.46
C SER A 858 -38.20 -9.91 -19.38
N ALA A 859 -36.87 -10.02 -19.39
CA ALA A 859 -36.02 -8.86 -19.19
C ALA A 859 -36.14 -7.86 -20.33
N THR A 860 -36.47 -8.31 -21.53
CA THR A 860 -36.57 -7.44 -22.69
C THR A 860 -38.01 -7.20 -23.12
N GLY A 861 -38.98 -7.69 -22.36
CA GLY A 861 -40.37 -7.37 -22.63
C GLY A 861 -40.99 -8.09 -23.80
N MET A 862 -40.29 -9.05 -24.41
CA MET A 862 -40.86 -9.78 -25.53
C MET A 862 -41.77 -10.92 -25.09
N ASP A 863 -41.88 -11.18 -23.79
CA ASP A 863 -42.96 -12.05 -23.31
C ASP A 863 -44.31 -11.44 -23.61
N GLN A 864 -44.40 -10.11 -23.59
CA GLN A 864 -45.58 -9.38 -24.05
C GLN A 864 -45.47 -8.97 -25.52
N GLN A 865 -44.34 -9.27 -26.16
CA GLN A 865 -44.07 -8.87 -27.54
C GLN A 865 -44.25 -7.37 -27.75
N GLY A 869 -43.91 -2.77 -26.27
CA GLY A 869 -44.02 -1.41 -26.75
C GLY A 869 -43.60 -0.36 -25.73
N THR A 870 -42.57 0.41 -26.06
CA THR A 870 -42.03 1.46 -25.19
C THR A 870 -41.65 0.91 -23.81
N SER A 871 -41.17 -0.33 -23.77
CA SER A 871 -40.78 -0.97 -22.54
C SER A 871 -39.36 -0.58 -22.15
N ALA A 872 -39.07 -0.71 -20.86
CA ALA A 872 -37.70 -0.51 -20.38
C ALA A 872 -36.79 -1.68 -20.73
N GLY A 873 -37.35 -2.79 -21.22
CA GLY A 873 -36.55 -3.92 -21.65
C GLY A 873 -35.93 -3.71 -23.02
N ASN A 874 -36.74 -3.25 -23.98
CA ASN A 874 -36.27 -2.91 -25.32
C ASN A 874 -36.73 -1.50 -25.66
N PRO A 875 -36.18 -0.48 -24.99
CA PRO A 875 -36.56 0.90 -25.33
C PRO A 875 -36.25 1.29 -26.76
N ASP A 876 -35.16 0.75 -27.32
CA ASP A 876 -34.78 1.02 -28.69
C ASP A 876 -35.44 0.07 -29.68
N SER A 877 -36.52 -0.60 -29.26
CA SER A 877 -37.29 -1.49 -30.12
C SER A 877 -36.42 -2.59 -30.72
N LEU A 878 -35.50 -3.10 -29.92
CA LEU A 878 -34.67 -4.23 -30.36
C LEU A 878 -35.54 -5.47 -30.52
N LYS A 879 -35.21 -6.27 -31.52
CA LYS A 879 -35.93 -7.50 -31.80
C LYS A 879 -35.01 -8.69 -31.59
N GLN A 880 -35.61 -9.84 -31.25
CA GLN A 880 -34.83 -11.06 -31.11
C GLN A 880 -34.16 -11.38 -32.43
N ASP A 881 -32.87 -11.70 -32.36
CA ASP A 881 -32.07 -12.02 -33.54
C ASP A 881 -31.51 -13.43 -33.38
N ASN A 882 -31.59 -14.21 -34.45
CA ASN A 882 -31.06 -15.56 -34.47
C ASN A 882 -30.11 -15.70 -35.65
N ILE A 883 -29.23 -16.68 -35.56
CA ILE A 883 -28.27 -16.96 -36.61
C ILE A 883 -28.29 -18.44 -36.94
N SER A 884 -28.46 -18.76 -38.21
CA SER A 884 -28.45 -20.14 -38.69
C SER A 884 -27.19 -20.33 -39.54
N LYS A 885 -26.40 -21.34 -39.19
CA LYS A 885 -25.19 -21.65 -39.96
C LYS A 885 -25.51 -22.73 -40.97
N SER A 886 -25.91 -22.32 -42.16
CA SER A 886 -26.24 -23.26 -43.26
C SER A 886 -25.05 -23.42 -44.20
N GLY A 887 -24.00 -24.09 -43.75
CA GLY A 887 -22.81 -24.24 -44.56
C GLY A 887 -22.06 -22.93 -44.73
N ASP A 888 -21.48 -22.45 -43.62
CA ASP A 888 -20.69 -21.23 -43.53
C ASP A 888 -21.42 -20.02 -44.13
N SER A 889 -22.73 -20.14 -44.32
CA SER A 889 -23.57 -19.02 -44.71
C SER A 889 -24.35 -18.60 -43.47
N LEU A 890 -23.73 -17.76 -42.65
CA LEU A 890 -24.26 -17.41 -41.34
C LEU A 890 -25.42 -16.44 -41.54
N THR A 891 -26.62 -16.98 -41.74
CA THR A 891 -27.80 -16.17 -42.04
C THR A 891 -28.37 -15.64 -40.73
N THR A 892 -28.34 -14.32 -40.56
CA THR A 892 -29.00 -13.70 -39.43
C THR A 892 -30.44 -13.34 -39.79
N GLN A 893 -31.36 -13.61 -38.87
CA GLN A 893 -32.77 -13.42 -39.12
C GLN A 893 -33.44 -12.88 -37.86
N ASP A 894 -34.45 -12.05 -38.05
CA ASP A 894 -35.16 -11.48 -36.91
C ASP A 894 -36.08 -12.53 -36.29
N GLY A 895 -36.55 -12.22 -35.07
CA GLY A 895 -37.44 -13.11 -34.36
C GLY A 895 -36.71 -14.09 -33.46
N ASN A 896 -37.50 -14.94 -32.81
CA ASN A 896 -36.95 -15.93 -31.91
C ASN A 896 -36.10 -16.94 -32.68
N ALA A 897 -35.28 -17.69 -31.94
CA ALA A 897 -34.33 -18.62 -32.53
C ALA A 897 -35.02 -19.66 -33.41
N ILE A 898 -35.80 -20.54 -32.77
CA ILE A 898 -36.53 -21.67 -33.35
C ILE A 898 -35.64 -22.58 -34.20
N ASP A 899 -36.01 -23.86 -34.28
CA ASP A 899 -35.27 -24.85 -35.06
C ASP A 899 -33.80 -24.88 -34.66
N GLN A 900 -32.91 -24.90 -35.66
CA GLN A 900 -31.48 -24.96 -35.43
C GLN A 900 -30.82 -23.59 -35.34
N GLN A 901 -31.57 -22.51 -35.55
CA GLN A 901 -31.00 -21.18 -35.47
C GLN A 901 -30.62 -20.85 -34.02
N GLU A 902 -29.46 -20.21 -33.86
CA GLU A 902 -28.96 -19.83 -32.55
C GLU A 902 -29.29 -18.35 -32.32
N ALA A 903 -30.08 -18.09 -31.28
CA ALA A 903 -30.43 -16.72 -30.96
C ALA A 903 -29.19 -15.93 -30.58
N THR A 904 -29.05 -14.73 -31.16
CA THR A 904 -27.90 -13.90 -30.86
C THR A 904 -27.91 -13.45 -29.41
N ASN A 905 -29.09 -13.21 -28.87
CA ASN A 905 -29.23 -12.78 -27.48
C ASN A 905 -29.05 -13.96 -26.53
N TYR A 906 -28.61 -13.65 -25.31
CA TYR A 906 -28.55 -14.64 -24.27
C TYR A 906 -29.96 -15.01 -23.81
N THR A 907 -30.26 -16.31 -23.79
CA THR A 907 -31.60 -16.73 -23.40
C THR A 907 -31.84 -16.59 -21.91
N ASN A 908 -30.85 -16.98 -21.09
CA ASN A 908 -30.93 -16.87 -19.65
C ASN A 908 -29.88 -15.87 -19.18
N LEU A 909 -30.32 -14.87 -18.43
CA LEU A 909 -29.48 -13.77 -18.01
C LEU A 909 -29.27 -13.79 -16.50
N PRO A 910 -28.19 -13.20 -16.00
CA PRO A 910 -28.02 -13.07 -14.57
C PRO A 910 -29.17 -12.28 -13.97
N PRO A 911 -29.85 -12.84 -12.99
CA PRO A 911 -31.06 -12.22 -12.45
C PRO A 911 -30.78 -11.07 -11.50
N ASN A 912 -29.93 -10.14 -11.94
CA ASN A 912 -29.68 -8.91 -11.19
C ASN A 912 -29.05 -7.90 -12.14
N LEU A 913 -29.76 -6.80 -12.41
CA LEU A 913 -29.24 -5.71 -13.22
C LEU A 913 -28.96 -4.46 -12.39
N THR A 914 -29.12 -4.55 -11.08
CA THR A 914 -29.02 -3.41 -10.18
C THR A 914 -27.58 -3.18 -9.77
N PRO A 915 -27.28 -2.12 -9.01
CA PRO A 915 -25.90 -1.92 -8.55
C PRO A 915 -25.35 -3.09 -7.77
N THR A 916 -26.21 -3.83 -7.07
CA THR A 916 -25.78 -5.00 -6.32
C THR A 916 -25.32 -6.14 -7.24
N ALA A 917 -25.58 -6.05 -8.54
CA ALA A 917 -25.22 -7.14 -9.45
C ALA A 917 -23.74 -7.43 -9.39
N ASP A 918 -23.40 -8.60 -8.86
CA ASP A 918 -22.01 -9.06 -8.77
C ASP A 918 -21.98 -10.47 -9.37
N TRP A 919 -21.69 -10.55 -10.66
CA TRP A 919 -21.70 -11.81 -11.40
C TRP A 919 -20.30 -12.07 -11.95
N PRO A 920 -19.45 -12.78 -11.22
CA PRO A 920 -18.16 -13.17 -11.79
C PRO A 920 -18.32 -14.04 -13.03
N ASN A 921 -19.40 -14.82 -13.11
CA ASN A 921 -19.67 -15.60 -14.31
C ASN A 921 -20.10 -14.73 -15.48
N ALA A 922 -20.57 -13.51 -15.22
CA ALA A 922 -21.13 -12.64 -16.26
C ALA A 922 -20.68 -11.21 -15.98
N LEU A 923 -19.58 -10.81 -16.60
CA LEU A 923 -19.10 -9.45 -16.45
C LEU A 923 -20.10 -8.44 -17.00
N SER A 924 -20.76 -8.80 -18.10
CA SER A 924 -21.66 -7.85 -18.75
C SER A 924 -22.85 -7.49 -17.88
N PHE A 925 -23.26 -8.36 -16.97
CA PHE A 925 -24.34 -8.04 -16.06
C PHE A 925 -23.83 -7.63 -14.69
N THR A 926 -22.57 -7.89 -14.38
CA THR A 926 -21.99 -7.45 -13.13
C THR A 926 -21.99 -5.93 -13.05
N ASN A 927 -22.39 -5.40 -11.91
CA ASN A 927 -22.32 -3.97 -11.65
C ASN A 927 -21.25 -3.61 -10.63
N LYS A 928 -21.09 -4.45 -9.61
CA LYS A 928 -19.98 -4.31 -8.68
C LYS A 928 -18.68 -4.61 -9.42
N ASN A 929 -17.90 -3.59 -9.73
CA ASN A 929 -16.63 -3.74 -10.40
C ASN A 929 -15.51 -3.33 -9.47
N ASN A 930 -14.32 -3.88 -9.74
CA ASN A 930 -13.18 -3.62 -8.87
C ASN A 930 -12.85 -2.15 -8.80
N ALA A 931 -13.04 -1.42 -9.91
CA ALA A 931 -12.91 0.03 -9.86
C ALA A 931 -13.88 0.64 -8.88
N GLN A 932 -15.16 0.32 -9.03
CA GLN A 932 -16.16 0.84 -8.10
C GLN A 932 -15.95 0.29 -6.71
N ARG A 933 -15.43 -0.93 -6.59
CA ARG A 933 -15.18 -1.47 -5.26
C ARG A 933 -14.08 -0.70 -4.54
N ALA A 934 -13.02 -0.33 -5.26
CA ALA A 934 -11.98 0.52 -4.66
C ALA A 934 -12.54 1.89 -4.30
N GLN A 935 -13.35 2.46 -5.19
CA GLN A 935 -13.97 3.75 -4.88
C GLN A 935 -14.87 3.66 -3.65
N LEU A 936 -15.67 2.60 -3.58
CA LEU A 936 -16.57 2.40 -2.45
C LEU A 936 -15.80 2.19 -1.16
N PHE A 937 -14.69 1.45 -1.23
CA PHE A 937 -13.86 1.26 -0.06
C PHE A 937 -13.29 2.59 0.43
N LEU A 938 -12.70 3.36 -0.48
CA LEU A 938 -12.16 4.66 -0.11
C LEU A 938 -13.23 5.54 0.51
N ARG A 939 -14.36 5.69 -0.19
CA ARG A 939 -15.40 6.61 0.25
C ARG A 939 -16.16 6.08 1.46
N GLY A 940 -16.08 4.79 1.74
CA GLY A 940 -16.66 4.27 2.96
C GLY A 940 -15.76 4.45 4.15
N LEU A 941 -14.44 4.42 3.94
CA LEU A 941 -13.54 4.88 4.98
C LEU A 941 -13.75 6.36 5.25
N LEU A 942 -13.89 7.15 4.20
CA LEU A 942 -14.29 8.54 4.40
C LEU A 942 -15.74 8.64 4.86
N GLY A 943 -16.52 7.59 4.69
CA GLY A 943 -17.94 7.66 5.00
C GLY A 943 -18.67 8.67 4.14
N SER A 944 -18.17 8.93 2.93
CA SER A 944 -18.76 9.91 2.03
C SER A 944 -19.36 9.26 0.79
N ILE A 945 -19.71 7.98 0.85
CA ILE A 945 -20.37 7.35 -0.27
C ILE A 945 -21.74 7.99 -0.43
N PRO A 946 -22.06 8.56 -1.58
CA PRO A 946 -23.40 9.12 -1.77
C PRO A 946 -24.44 8.03 -1.67
N VAL A 947 -25.56 8.37 -1.04
CA VAL A 947 -26.70 7.47 -0.95
C VAL A 947 -27.87 8.17 -1.64
N LEU A 948 -28.54 7.46 -2.54
CA LEU A 948 -29.70 8.04 -3.19
C LEU A 948 -30.84 8.07 -2.20
N VAL A 949 -31.46 9.22 -2.03
CA VAL A 949 -32.59 9.41 -1.13
C VAL A 949 -33.63 10.25 -1.85
N ASN A 950 -34.89 9.85 -1.76
CA ASN A 950 -36.00 10.67 -2.19
C ASN A 950 -36.85 11.15 -1.02
N ARG A 951 -36.54 10.69 0.19
CA ARG A 951 -37.19 11.16 1.41
C ARG A 951 -36.16 11.99 2.17
N SER A 952 -36.44 13.29 2.30
CA SER A 952 -35.48 14.22 2.88
C SER A 952 -35.34 14.07 4.39
N GLY A 953 -36.22 13.34 5.05
CA GLY A 953 -36.22 13.28 6.50
C GLY A 953 -36.96 14.40 7.18
N SER A 954 -37.61 15.28 6.43
CA SER A 954 -38.39 16.36 7.01
C SER A 954 -39.70 15.80 7.56
N ASP A 955 -40.60 16.68 8.00
CA ASP A 955 -41.85 16.22 8.59
C ASP A 955 -42.68 15.44 7.59
N SER A 956 -42.67 15.85 6.32
CA SER A 956 -43.42 15.18 5.26
C SER A 956 -42.58 14.16 4.50
N ASN A 957 -41.40 14.57 4.03
CA ASN A 957 -40.53 13.70 3.25
C ASN A 957 -39.65 12.85 4.17
N LYS A 958 -40.31 12.05 5.01
CA LYS A 958 -39.63 11.21 5.98
C LYS A 958 -39.64 9.76 5.52
N PHE A 959 -38.47 9.12 5.56
CA PHE A 959 -38.35 7.70 5.24
C PHE A 959 -38.54 6.91 6.53
N GLN A 960 -39.71 6.32 6.69
CA GLN A 960 -40.03 5.58 7.89
C GLN A 960 -39.47 4.16 7.79
N ALA A 961 -39.42 3.49 8.94
CA ALA A 961 -38.99 2.09 8.97
C ALA A 961 -39.94 1.20 8.19
N THR A 962 -41.24 1.46 8.30
CA THR A 962 -42.23 0.68 7.57
C THR A 962 -42.09 0.85 6.06
N ASP A 963 -41.50 1.96 5.61
CA ASP A 963 -41.28 2.17 4.19
C ASP A 963 -40.22 1.24 3.60
N GLN A 964 -39.49 0.52 4.44
CA GLN A 964 -38.40 -0.33 4.00
C GLN A 964 -38.54 -1.73 4.57
N LYS A 965 -38.30 -2.73 3.73
CA LYS A 965 -38.28 -4.12 4.17
C LYS A 965 -36.97 -4.75 3.70
N TRP A 966 -36.49 -5.70 4.49
N TRP A 966 -36.52 -5.74 4.46
CA TRP A 966 -35.24 -6.40 4.20
CA TRP A 966 -35.24 -6.39 4.23
C TRP A 966 -35.41 -7.90 4.04
C TRP A 966 -35.36 -7.90 4.10
N SER A 967 -36.24 -8.53 4.86
CA SER A 967 -36.39 -9.98 4.82
C SER A 967 -36.94 -10.43 3.47
N TYR A 968 -36.42 -11.56 2.98
CA TYR A 968 -36.89 -12.10 1.71
C TYR A 968 -38.37 -12.45 1.74
N THR A 969 -38.93 -12.69 2.92
CA THR A 969 -40.36 -12.95 3.01
C THR A 969 -41.17 -11.77 2.49
N ASP A 970 -40.79 -10.55 2.87
CA ASP A 970 -41.47 -9.37 2.37
C ASP A 970 -41.05 -9.02 0.95
N LEU A 971 -39.79 -9.25 0.61
CA LEU A 971 -39.27 -8.81 -0.68
C LEU A 971 -39.71 -9.71 -1.82
N HIS A 972 -39.93 -10.99 -1.57
CA HIS A 972 -40.37 -11.90 -2.63
C HIS A 972 -41.73 -11.49 -3.17
N SER A 973 -42.66 -11.14 -2.27
CA SER A 973 -43.97 -10.68 -2.71
C SER A 973 -43.89 -9.29 -3.34
N ASP A 974 -43.06 -8.42 -2.78
CA ASP A 974 -42.96 -7.04 -3.28
C ASP A 974 -41.52 -6.58 -3.04
N GLN A 975 -40.70 -6.63 -4.10
N GLN A 975 -40.70 -6.63 -4.10
CA GLN A 975 -39.32 -6.20 -3.98
CA GLN A 975 -39.32 -6.20 -4.00
C GLN A 975 -39.18 -4.69 -3.89
C GLN A 975 -39.20 -4.69 -3.85
N THR A 976 -40.24 -3.93 -4.21
CA THR A 976 -40.21 -2.49 -4.01
C THR A 976 -40.14 -2.12 -2.54
N LYS A 977 -40.55 -3.04 -1.65
CA LYS A 977 -40.42 -2.79 -0.22
C LYS A 977 -38.96 -2.54 0.15
N LEU A 978 -38.05 -3.33 -0.41
CA LEU A 978 -36.64 -2.95 -0.43
C LEU A 978 -36.51 -1.81 -1.44
N ASN A 979 -36.37 -0.59 -0.93
CA ASN A 979 -36.41 0.59 -1.78
C ASN A 979 -35.08 0.77 -2.51
N LEU A 980 -34.73 -0.24 -3.30
CA LEU A 980 -33.55 -0.16 -4.12
C LEU A 980 -33.85 0.68 -5.35
N PRO A 981 -33.16 1.81 -5.53
CA PRO A 981 -33.44 2.63 -6.72
C PRO A 981 -33.17 1.91 -8.03
N ALA A 982 -32.10 1.11 -8.07
CA ALA A 982 -31.60 0.52 -9.31
C ALA A 982 -31.42 1.56 -10.41
N TYR A 983 -31.30 2.81 -10.01
CA TYR A 983 -30.91 3.93 -10.87
C TYR A 983 -30.67 5.14 -9.97
N GLY A 984 -29.66 5.94 -10.32
CA GLY A 984 -29.36 7.16 -9.62
C GLY A 984 -28.40 6.97 -8.47
N GLU A 985 -28.52 5.86 -7.75
CA GLU A 985 -27.66 5.61 -6.61
C GLU A 985 -26.25 5.26 -7.06
N VAL A 986 -25.36 5.16 -6.08
CA VAL A 986 -23.97 4.79 -6.36
C VAL A 986 -23.93 3.32 -6.79
N ASN A 987 -23.20 3.04 -7.87
CA ASN A 987 -23.09 1.68 -8.36
C ASN A 987 -22.32 0.81 -7.38
N GLY A 988 -22.55 -0.49 -7.46
CA GLY A 988 -21.79 -1.44 -6.68
C GLY A 988 -22.22 -1.56 -5.24
N LEU A 989 -23.35 -0.97 -4.87
CA LEU A 989 -23.84 -1.05 -3.51
C LEU A 989 -25.34 -1.23 -3.51
N LEU A 990 -25.87 -1.59 -2.35
CA LEU A 990 -27.30 -1.61 -2.11
C LEU A 990 -27.68 -0.29 -1.46
N ASN A 991 -28.34 0.59 -2.22
CA ASN A 991 -28.67 1.91 -1.70
C ASN A 991 -29.58 1.88 -0.48
N PRO A 992 -30.62 1.03 -0.39
CA PRO A 992 -31.33 0.94 0.90
C PRO A 992 -30.44 0.54 2.04
N ALA A 993 -29.46 -0.33 1.77
CA ALA A 993 -28.52 -0.72 2.81
C ALA A 993 -27.63 0.44 3.21
N LEU A 994 -27.20 1.26 2.25
CA LEU A 994 -26.45 2.46 2.58
C LEU A 994 -27.31 3.45 3.36
N VAL A 995 -28.60 3.53 3.03
CA VAL A 995 -29.54 4.38 3.76
C VAL A 995 -29.61 3.93 5.22
N GLU A 996 -29.71 2.61 5.42
CA GLU A 996 -29.77 2.09 6.79
C GLU A 996 -28.46 2.31 7.53
N THR A 997 -27.34 2.12 6.82
CA THR A 997 -26.04 2.34 7.44
C THR A 997 -25.88 3.79 7.88
N TYR A 998 -26.33 4.72 7.06
CA TYR A 998 -26.20 6.14 7.37
C TYR A 998 -27.19 6.57 8.45
N PHE A 999 -28.48 6.45 8.15
CA PHE A 999 -29.52 7.05 8.96
C PHE A 999 -30.25 6.06 9.85
N GLY A 1000 -30.18 4.76 9.54
CA GLY A 1000 -30.77 3.75 10.39
C GLY A 1000 -32.26 3.91 10.60
N ASN A 1001 -32.98 4.14 9.50
CA ASN A 1001 -34.42 4.34 9.59
C ASN A 1001 -35.11 3.11 10.18
N THR A 1002 -34.77 1.92 9.65
CA THR A 1002 -35.33 0.70 10.22
C THR A 1002 -34.76 0.42 11.60
N ARG A 1003 -33.49 0.75 11.82
CA ARG A 1003 -32.88 0.58 13.14
C ARG A 1003 -33.67 1.35 14.19
N ALA A 1004 -33.90 2.64 13.95
CA ALA A 1004 -34.63 3.46 14.92
C ALA A 1004 -36.10 3.07 14.99
N GLY A 1005 -36.69 2.67 13.86
CA GLY A 1005 -38.08 2.24 13.88
C GLY A 1005 -38.29 1.02 14.76
N GLY A 1006 -37.43 0.02 14.59
CA GLY A 1006 -37.52 -1.18 15.43
C GLY A 1006 -37.17 -0.90 16.88
N SER A 1007 -36.14 -0.09 17.10
CA SER A 1007 -35.71 0.20 18.48
C SER A 1007 -36.65 1.20 19.15
N GLY A 1008 -36.78 2.39 18.59
CA GLY A 1008 -37.64 3.41 19.15
C GLY A 1008 -37.22 4.83 18.78
N THR A 1012 -39.17 7.37 16.74
CA THR A 1012 -38.06 7.18 15.81
C THR A 1012 -37.07 8.33 15.87
N SER A 1013 -35.86 8.03 16.32
CA SER A 1013 -34.81 9.03 16.44
C SER A 1013 -33.99 9.17 15.17
N SER A 1014 -34.26 8.36 14.14
CA SER A 1014 -33.52 8.42 12.90
C SER A 1014 -33.77 9.75 12.19
N PRO A 1015 -32.84 10.17 11.32
CA PRO A 1015 -33.06 11.42 10.58
C PRO A 1015 -34.27 11.36 9.67
N GLY A 1016 -34.75 10.18 9.33
CA GLY A 1016 -35.82 10.03 8.36
C GLY A 1016 -35.35 10.10 6.93
N ILE A 1017 -34.06 10.22 6.70
CA ILE A 1017 -33.53 10.30 5.34
C ILE A 1017 -33.46 8.90 4.75
N GLY A 1018 -33.79 8.79 3.47
CA GLY A 1018 -33.70 7.52 2.80
C GLY A 1018 -34.35 7.59 1.44
N PHE A 1019 -34.09 6.54 0.66
CA PHE A 1019 -34.77 6.36 -0.62
C PHE A 1019 -35.96 5.43 -0.40
N LYS A 1020 -37.11 5.82 -0.95
CA LYS A 1020 -38.29 4.98 -0.97
C LYS A 1020 -38.71 4.80 -2.42
N ILE A 1021 -39.08 3.57 -2.80
CA ILE A 1021 -39.58 3.32 -4.14
C ILE A 1021 -40.83 4.18 -4.32
N PRO A 1022 -40.90 4.98 -5.39
CA PRO A 1022 -42.12 5.75 -5.65
C PRO A 1022 -43.31 4.82 -5.83
N GLU A 1023 -44.44 5.20 -5.26
CA GLU A 1023 -45.63 4.37 -5.26
C GLU A 1023 -46.75 5.04 -6.05
N GLN A 1024 -47.74 4.23 -6.40
CA GLN A 1024 -48.83 4.64 -7.29
C GLN A 1024 -48.29 5.32 -8.54
N ASN A 1025 -48.40 6.65 -8.60
CA ASN A 1025 -47.94 7.41 -9.75
C ASN A 1025 -46.91 8.46 -9.41
N ASN A 1026 -46.48 8.54 -8.15
CA ASN A 1026 -45.45 9.51 -7.78
C ASN A 1026 -44.14 9.17 -8.45
N ASP A 1027 -43.33 10.19 -8.68
CA ASP A 1027 -41.99 10.02 -9.20
C ASP A 1027 -40.96 10.20 -8.09
N SER A 1028 -40.06 9.24 -7.97
CA SER A 1028 -38.93 9.41 -7.08
C SER A 1028 -38.05 10.50 -7.64
N LYS A 1029 -38.19 11.70 -7.07
CA LYS A 1029 -37.37 12.85 -7.44
C LYS A 1029 -36.18 12.89 -6.49
N ALA A 1030 -35.42 11.78 -6.52
CA ALA A 1030 -34.38 11.53 -5.54
C ALA A 1030 -33.10 12.27 -5.90
N THR A 1031 -32.12 12.17 -5.01
CA THR A 1031 -30.80 12.69 -5.26
C THR A 1031 -29.80 11.91 -4.42
N LEU A 1032 -28.59 11.77 -4.94
CA LEU A 1032 -27.51 11.27 -4.13
C LEU A 1032 -27.10 12.33 -3.12
N ILE A 1033 -26.87 11.91 -1.89
CA ILE A 1033 -26.37 12.80 -0.85
C ILE A 1033 -25.24 12.10 -0.12
N THR A 1034 -24.12 12.77 0.00
CA THR A 1034 -23.14 12.33 0.98
C THR A 1034 -23.72 12.55 2.36
N PRO A 1035 -23.51 11.62 3.29
CA PRO A 1035 -24.26 11.66 4.55
C PRO A 1035 -23.83 12.79 5.47
N GLY A 1036 -23.02 13.71 4.99
CA GLY A 1036 -22.58 14.85 5.76
C GLY A 1036 -21.17 14.75 6.28
N LEU A 1037 -20.54 13.59 6.15
CA LEU A 1037 -19.15 13.45 6.56
C LEU A 1037 -18.25 14.28 5.66
N ALA A 1038 -17.41 15.10 6.27
CA ALA A 1038 -16.52 15.98 5.53
C ALA A 1038 -15.15 15.37 5.29
N TRP A 1039 -15.00 14.07 5.55
CA TRP A 1039 -13.77 13.38 5.19
C TRP A 1039 -13.64 13.32 3.68
N THR A 1040 -12.50 13.73 3.17
CA THR A 1040 -12.23 13.69 1.75
C THR A 1040 -11.18 12.61 1.46
N PRO A 1041 -11.18 12.05 0.26
CA PRO A 1041 -10.11 11.11 -0.10
C PRO A 1041 -8.74 11.72 -0.04
N GLN A 1042 -8.65 13.03 0.17
CA GLN A 1042 -7.41 13.70 0.50
C GLN A 1042 -7.13 13.74 1.99
N ASP A 1043 -8.08 13.30 2.82
CA ASP A 1043 -7.82 13.25 4.24
C ASP A 1043 -6.87 12.11 4.52
N VAL A 1044 -5.64 12.23 4.03
CA VAL A 1044 -4.65 11.17 4.05
C VAL A 1044 -3.49 11.63 4.92
N GLY A 1045 -3.24 10.92 6.02
CA GLY A 1045 -2.24 11.33 6.96
C GLY A 1045 -0.85 10.90 6.56
N ASN A 1046 0.11 11.33 7.37
CA ASN A 1046 1.50 10.96 7.11
C ASN A 1046 1.67 9.45 7.12
N LEU A 1047 2.39 8.93 6.14
CA LEU A 1047 2.69 7.51 6.13
C LEU A 1047 3.72 7.19 7.20
N VAL A 1048 3.55 6.03 7.83
CA VAL A 1048 4.44 5.56 8.87
C VAL A 1048 4.66 4.07 8.67
N VAL A 1049 5.76 3.57 9.23
CA VAL A 1049 6.13 2.17 9.10
C VAL A 1049 6.05 1.52 10.47
N SER A 1050 5.26 0.46 10.58
CA SER A 1050 5.18 -0.36 11.78
C SER A 1050 5.60 -1.77 11.37
N GLY A 1051 6.84 -2.13 11.68
CA GLY A 1051 7.34 -3.42 11.27
C GLY A 1051 7.33 -3.54 9.76
N THR A 1052 6.69 -4.59 9.26
CA THR A 1052 6.55 -4.81 7.83
C THR A 1052 5.39 -4.05 7.21
N THR A 1053 4.57 -3.40 8.02
CA THR A 1053 3.36 -2.75 7.55
C THR A 1053 3.55 -1.25 7.40
N VAL A 1054 2.77 -0.66 6.52
CA VAL A 1054 2.67 0.80 6.45
C VAL A 1054 1.31 1.22 6.97
N SER A 1055 1.21 2.48 7.35
CA SER A 1055 -0.02 2.98 7.94
C SER A 1055 -0.16 4.46 7.64
N PHE A 1056 -1.38 4.89 7.37
CA PHE A 1056 -1.67 6.30 7.28
C PHE A 1056 -3.14 6.51 7.59
N GLN A 1057 -3.45 7.66 8.16
CA GLN A 1057 -4.84 7.98 8.46
C GLN A 1057 -5.50 8.44 7.18
N LEU A 1058 -6.31 7.58 6.59
CA LEU A 1058 -7.20 7.97 5.51
C LEU A 1058 -8.54 8.35 6.12
N GLY A 1059 -8.91 9.61 6.00
CA GLY A 1059 -10.14 10.07 6.64
C GLY A 1059 -10.04 9.83 8.13
N GLY A 1060 -11.10 9.29 8.71
CA GLY A 1060 -11.09 8.91 10.10
C GLY A 1060 -10.60 7.51 10.37
N TRP A 1061 -10.11 6.81 9.35
CA TRP A 1061 -9.66 5.43 9.48
C TRP A 1061 -8.15 5.37 9.33
N LEU A 1062 -7.47 4.98 10.39
CA LEU A 1062 -6.08 4.56 10.24
C LEU A 1062 -6.06 3.30 9.39
N VAL A 1063 -5.58 3.44 8.16
CA VAL A 1063 -5.39 2.34 7.25
C VAL A 1063 -4.00 1.76 7.49
N THR A 1064 -3.93 0.45 7.69
CA THR A 1064 -2.67 -0.25 7.81
C THR A 1064 -2.58 -1.26 6.68
N PHE A 1065 -1.71 -0.98 5.71
CA PHE A 1065 -1.31 -1.99 4.75
C PHE A 1065 -0.41 -2.97 5.49
N THR A 1066 -0.99 -4.09 5.92
CA THR A 1066 -0.29 -5.04 6.77
C THR A 1066 0.56 -6.00 5.96
N ASP A 1067 0.04 -6.49 4.86
CA ASP A 1067 0.78 -7.40 3.99
C ASP A 1067 0.82 -6.85 2.59
N PHE A 1068 1.23 -5.58 2.47
CA PHE A 1068 1.52 -4.98 1.18
C PHE A 1068 3.00 -5.07 0.85
N VAL A 1069 3.86 -4.52 1.71
CA VAL A 1069 5.30 -4.53 1.46
C VAL A 1069 5.82 -5.95 1.44
N LYS A 1070 5.40 -6.76 2.42
CA LYS A 1070 5.67 -8.20 2.43
C LYS A 1070 4.32 -8.89 2.39
N PRO A 1071 3.78 -9.18 1.21
CA PRO A 1071 2.43 -9.76 1.13
C PRO A 1071 2.37 -11.12 1.79
N ARG A 1072 1.27 -11.36 2.50
CA ARG A 1072 1.00 -12.63 3.16
C ARG A 1072 -0.21 -13.26 2.50
N ALA A 1073 -0.05 -14.47 2.01
CA ALA A 1073 -1.16 -15.15 1.34
C ALA A 1073 -2.31 -15.37 2.31
N GLY A 1074 -3.52 -15.07 1.85
CA GLY A 1074 -4.71 -15.29 2.64
C GLY A 1074 -5.00 -14.24 3.68
N TYR A 1075 -4.23 -13.16 3.74
CA TYR A 1075 -4.55 -12.09 4.68
C TYR A 1075 -5.42 -11.04 4.01
N LEU A 1076 -6.22 -10.35 4.83
CA LEU A 1076 -7.08 -9.30 4.31
C LEU A 1076 -6.27 -8.22 3.59
N GLY A 1077 -5.04 -8.00 4.02
CA GLY A 1077 -4.20 -6.99 3.44
C GLY A 1077 -4.30 -5.63 4.07
N LEU A 1078 -5.17 -5.46 5.07
CA LEU A 1078 -5.41 -4.13 5.62
C LEU A 1078 -6.10 -4.25 6.97
N GLN A 1079 -5.56 -3.55 7.97
CA GLN A 1079 -6.24 -3.31 9.22
C GLN A 1079 -6.81 -1.89 9.20
N LEU A 1080 -8.10 -1.78 9.46
CA LEU A 1080 -8.79 -0.49 9.45
C LEU A 1080 -9.17 -0.13 10.89
N THR A 1081 -8.73 1.05 11.32
CA THR A 1081 -8.98 1.51 12.69
C THR A 1081 -9.69 2.85 12.62
N GLY A 1082 -11.01 2.83 12.69
CA GLY A 1082 -11.80 4.02 12.54
C GLY A 1082 -12.15 4.68 13.85
N LEU A 1083 -12.41 5.99 13.78
CA LEU A 1083 -12.86 6.72 14.95
C LEU A 1083 -14.22 6.19 15.39
N ASP A 1084 -14.38 5.98 16.69
CA ASP A 1084 -15.59 5.37 17.24
C ASP A 1084 -16.67 6.44 17.33
N ALA A 1085 -17.61 6.42 16.39
CA ALA A 1085 -18.69 7.40 16.40
C ALA A 1085 -19.61 7.22 17.60
N SER A 1086 -19.60 6.05 18.24
CA SER A 1086 -20.35 5.89 19.49
C SER A 1086 -19.78 6.79 20.57
N ASP A 1087 -18.50 7.11 20.50
CA ASP A 1087 -17.87 8.07 21.40
C ASP A 1087 -18.17 9.49 20.95
N ALA A 1088 -18.65 10.32 21.87
CA ALA A 1088 -19.07 11.68 21.51
C ALA A 1088 -17.90 12.49 20.95
N THR A 1089 -16.74 12.40 21.59
CA THR A 1089 -15.57 13.13 21.11
C THR A 1089 -15.15 12.66 19.73
N GLN A 1090 -15.00 11.34 19.56
CA GLN A 1090 -14.62 10.81 18.25
C GLN A 1090 -15.71 11.08 17.22
N ARG A 1091 -16.99 11.00 17.62
CA ARG A 1091 -18.07 11.29 16.68
C ARG A 1091 -18.00 12.73 16.20
N ALA A 1092 -17.74 13.67 17.12
CA ALA A 1092 -17.60 15.06 16.72
C ALA A 1092 -16.41 15.25 15.79
N LEU A 1093 -15.31 14.53 16.06
CA LEU A 1093 -14.19 14.57 15.13
C LEU A 1093 -14.59 14.05 13.76
N ILE A 1094 -15.35 12.95 13.72
CA ILE A 1094 -15.86 12.43 12.45
C ILE A 1094 -16.79 13.45 11.82
N TRP A 1095 -17.69 14.02 12.61
CA TRP A 1095 -18.67 14.99 12.13
C TRP A 1095 -18.18 16.42 12.28
N ALA A 1096 -17.00 16.68 11.77
CA ALA A 1096 -16.48 18.02 11.71
C ALA A 1096 -16.50 18.51 10.28
N PRO A 1097 -16.94 19.74 10.02
CA PRO A 1097 -16.92 20.26 8.66
C PRO A 1097 -15.52 20.33 8.06
N ARG A 1098 -14.49 20.44 8.90
CA ARG A 1098 -13.09 20.38 8.47
C ARG A 1098 -12.40 19.35 9.34
N PRO A 1099 -12.74 18.06 9.18
CA PRO A 1099 -12.22 17.04 10.10
C PRO A 1099 -10.75 16.74 9.88
N TRP A 1100 -10.22 17.01 8.68
CA TRP A 1100 -8.81 16.80 8.46
C TRP A 1100 -7.96 17.93 9.01
N ALA A 1101 -8.53 19.12 9.13
CA ALA A 1101 -7.85 20.20 9.83
C ALA A 1101 -7.55 19.82 11.27
N ALA A 1102 -8.28 18.85 11.82
CA ALA A 1102 -8.00 18.34 13.14
C ALA A 1102 -6.79 17.42 13.16
N PHE A 1103 -6.54 16.70 12.07
CA PHE A 1103 -5.49 15.69 12.09
C PHE A 1103 -4.12 16.30 12.31
N ARG A 1104 -3.31 15.62 13.10
CA ARG A 1104 -1.98 16.13 13.46
C ARG A 1104 -0.86 15.14 13.17
N GLY A 1105 -1.12 13.84 13.29
CA GLY A 1105 -0.07 12.87 12.95
C GLY A 1105 -0.55 11.46 13.17
N SER A 1106 0.26 10.52 12.67
CA SER A 1106 -0.03 9.09 12.79
C SER A 1106 1.23 8.32 13.17
N TRP A 1107 1.91 8.76 14.21
CA TRP A 1107 3.21 8.18 14.53
C TRP A 1107 3.07 6.75 15.03
N VAL A 1108 3.94 5.87 14.56
CA VAL A 1108 3.98 4.50 15.04
C VAL A 1108 4.73 4.49 16.37
N ASN A 1109 4.05 4.01 17.42
CA ASN A 1109 4.62 4.07 18.76
C ASN A 1109 5.66 2.97 18.94
N ARG A 1110 6.26 2.94 20.13
CA ARG A 1110 7.27 1.93 20.43
C ARG A 1110 6.70 0.52 20.42
N LEU A 1111 5.38 0.38 20.56
CA LEU A 1111 4.73 -0.92 20.51
C LEU A 1111 4.33 -1.32 19.09
N GLY A 1112 4.68 -0.53 18.09
CA GLY A 1112 4.29 -0.81 16.73
C GLY A 1112 2.89 -0.38 16.36
N ARG A 1113 2.16 0.26 17.27
N ARG A 1113 2.17 0.26 17.28
CA ARG A 1113 0.81 0.71 16.99
CA ARG A 1113 0.81 0.73 17.02
C ARG A 1113 0.82 2.15 16.50
C ARG A 1113 0.83 2.16 16.50
N VAL A 1114 -0.14 2.47 15.65
CA VAL A 1114 -0.21 3.77 15.00
C VAL A 1114 -1.09 4.68 15.85
N GLU A 1115 -0.45 5.59 16.59
CA GLU A 1115 -1.15 6.62 17.33
C GLU A 1115 -1.30 7.84 16.42
N SER A 1116 -2.53 8.11 16.01
CA SER A 1116 -2.87 9.28 15.21
C SER A 1116 -3.44 10.33 16.16
N VAL A 1117 -2.69 11.40 16.36
CA VAL A 1117 -3.15 12.53 17.15
C VAL A 1117 -3.92 13.47 16.26
N TRP A 1118 -5.09 13.90 16.75
CA TRP A 1118 -5.97 14.87 16.13
C TRP A 1118 -6.10 16.09 17.02
N ASP A 1119 -6.21 17.27 16.40
CA ASP A 1119 -6.45 18.52 17.12
C ASP A 1119 -7.95 18.77 17.11
N LEU A 1120 -8.62 18.36 18.18
CA LEU A 1120 -10.06 18.55 18.25
C LEU A 1120 -10.46 19.99 18.47
N LYS A 1121 -9.52 20.90 18.76
CA LYS A 1121 -9.90 22.29 19.00
C LYS A 1121 -10.54 22.90 17.76
N GLY A 1122 -10.04 22.55 16.57
CA GLY A 1122 -10.71 22.99 15.36
C GLY A 1122 -12.08 22.38 15.21
N VAL A 1123 -12.23 21.12 15.62
CA VAL A 1123 -13.54 20.46 15.58
C VAL A 1123 -14.54 21.21 16.47
N TRP A 1124 -14.11 21.56 17.68
CA TRP A 1124 -14.99 22.26 18.61
C TRP A 1124 -15.29 23.67 18.13
N ALA A 1125 -14.30 24.36 17.56
CA ALA A 1125 -14.55 25.70 17.02
C ALA A 1125 -15.55 25.64 15.87
N ASP A 1126 -15.40 24.64 15.00
CA ASP A 1126 -16.33 24.50 13.88
C ASP A 1126 -17.72 24.10 14.37
N GLN A 1127 -17.80 23.27 15.42
CA GLN A 1127 -19.09 22.92 15.99
C GLN A 1127 -19.77 24.15 16.59
N ALA A 1128 -19.00 24.99 17.28
CA ALA A 1128 -19.56 26.20 17.86
C ALA A 1128 -20.02 27.16 16.78
N GLN A 1129 -19.23 27.33 15.72
CA GLN A 1129 -19.64 28.22 14.64
C GLN A 1129 -20.84 27.66 13.89
N SER A 1130 -20.99 26.33 13.85
CA SER A 1130 -22.19 25.74 13.29
C SER A 1130 -23.38 25.87 14.23
N ASP A 1131 -23.12 25.90 15.55
CA ASP A 1131 -24.18 26.12 16.52
C ASP A 1131 -24.56 27.59 16.65
N SER A 1132 -23.78 28.50 16.04
CA SER A 1132 -24.09 29.92 16.06
C SER A 1132 -24.47 30.48 14.70
N GLN A 1133 -24.15 29.78 13.62
CA GLN A 1133 -24.49 30.24 12.28
C GLN A 1133 -25.18 29.13 11.48
N ALA A 1143 -23.91 28.41 -6.31
CA ALA A 1143 -22.80 28.29 -5.38
C ALA A 1143 -22.94 27.04 -4.51
N LEU A 1144 -21.97 26.14 -4.62
CA LEU A 1144 -22.01 24.91 -3.85
C LEU A 1144 -21.67 25.21 -2.38
N PRO A 1145 -22.29 24.51 -1.44
CA PRO A 1145 -21.94 24.71 -0.02
C PRO A 1145 -20.48 24.36 0.23
N GLU A 1146 -19.88 25.04 1.21
CA GLU A 1146 -18.46 24.86 1.47
C GLU A 1146 -18.24 23.59 2.30
N HIS A 1147 -18.86 22.51 1.87
CA HIS A 1147 -18.66 21.20 2.49
C HIS A 1147 -17.70 20.39 1.65
N PRO A 1148 -16.67 19.79 2.25
CA PRO A 1148 -15.66 19.09 1.46
C PRO A 1148 -16.22 17.97 0.58
N ASN A 1149 -17.27 17.30 1.04
CA ASN A 1149 -17.92 16.26 0.26
C ASN A 1149 -19.20 16.75 -0.41
N ALA A 1150 -19.42 18.05 -0.45
CA ALA A 1150 -20.58 18.61 -1.17
C ALA A 1150 -20.32 18.43 -2.65
N LEU A 1151 -20.93 17.41 -3.22
CA LEU A 1151 -20.80 17.11 -4.64
C LEU A 1151 -22.07 17.51 -5.35
N ALA A 1152 -21.92 18.06 -6.55
CA ALA A 1152 -23.07 18.60 -7.26
C ALA A 1152 -23.94 17.48 -7.83
N PHE A 1153 -24.56 16.70 -6.96
CA PHE A 1153 -25.45 15.65 -7.41
C PHE A 1153 -26.69 16.25 -8.06
N GLN A 1154 -27.22 15.54 -9.03
CA GLN A 1154 -28.40 15.98 -9.75
C GLN A 1154 -29.59 15.12 -9.37
N VAL A 1155 -30.78 15.66 -9.60
CA VAL A 1155 -32.00 14.98 -9.20
C VAL A 1155 -32.24 13.81 -10.17
N SER A 1156 -32.13 12.60 -9.64
CA SER A 1156 -32.49 11.39 -10.38
C SER A 1156 -33.99 11.20 -10.23
N VAL A 1157 -34.72 11.35 -11.34
CA VAL A 1157 -36.17 11.26 -11.34
C VAL A 1157 -36.55 9.96 -12.00
N VAL A 1158 -37.27 9.11 -11.28
CA VAL A 1158 -37.73 7.82 -11.79
C VAL A 1158 -39.22 7.68 -11.51
N GLU A 1159 -39.99 7.47 -12.56
CA GLU A 1159 -41.42 7.24 -12.39
C GLU A 1159 -41.65 5.93 -11.64
N ALA A 1160 -42.75 5.88 -10.90
CA ALA A 1160 -43.10 4.64 -10.21
C ALA A 1160 -43.33 3.50 -11.18
N SER A 1161 -43.73 3.81 -12.42
CA SER A 1161 -43.95 2.76 -13.41
C SER A 1161 -42.66 2.03 -13.73
N ALA A 1162 -41.51 2.67 -13.52
CA ALA A 1162 -40.23 1.98 -13.73
C ALA A 1162 -40.01 0.86 -12.72
N TYR A 1163 -40.74 0.86 -11.61
CA TYR A 1163 -40.70 -0.23 -10.64
C TYR A 1163 -41.91 -1.14 -10.75
N LYS A 1164 -42.73 -0.96 -11.78
CA LYS A 1164 -43.86 -1.85 -12.07
C LYS A 1164 -43.79 -2.24 -13.54
N PRO A 1165 -42.78 -3.05 -13.92
CA PRO A 1165 -42.61 -3.40 -15.33
C PRO A 1165 -43.73 -4.26 -15.90
N ASN A 1166 -44.51 -4.92 -15.05
CA ASN A 1166 -45.59 -5.78 -15.52
C ASN A 1166 -46.71 -4.90 -16.06
N THR A 1167 -46.77 -4.78 -17.39
CA THR A 1167 -47.75 -3.95 -18.08
C THR A 1167 -47.77 -2.52 -17.54
N SER A 1174 -45.03 -11.36 -16.98
CA SER A 1174 -45.93 -12.40 -16.47
C SER A 1174 -45.19 -13.33 -15.52
N THR A 1175 -44.10 -13.91 -16.00
CA THR A 1175 -43.29 -14.84 -15.22
C THR A 1175 -42.18 -14.14 -14.44
N ASN A 1176 -42.08 -12.82 -14.53
CA ASN A 1176 -41.08 -12.06 -13.77
C ASN A 1176 -41.73 -10.75 -13.35
N SER A 1177 -42.21 -10.69 -12.12
CA SER A 1177 -42.84 -9.51 -11.55
C SER A 1177 -41.84 -8.63 -10.80
N SER A 1178 -40.55 -8.92 -10.91
CA SER A 1178 -39.56 -8.14 -10.19
C SER A 1178 -39.50 -6.71 -10.72
N PRO A 1179 -39.54 -5.71 -9.85
CA PRO A 1179 -39.41 -4.32 -10.32
C PRO A 1179 -38.12 -4.06 -11.05
N TYR A 1180 -37.05 -4.78 -10.69
CA TYR A 1180 -35.74 -4.64 -11.30
C TYR A 1180 -35.54 -5.59 -12.47
N LEU A 1181 -36.64 -6.01 -13.11
CA LEU A 1181 -36.54 -6.89 -14.27
C LEU A 1181 -35.80 -6.21 -15.40
N HIS A 1182 -36.09 -4.93 -15.62
CA HIS A 1182 -35.38 -4.12 -16.60
C HIS A 1182 -34.47 -3.13 -15.87
N LEU A 1183 -33.58 -2.50 -16.63
CA LEU A 1183 -32.89 -1.34 -16.11
C LEU A 1183 -33.92 -0.26 -15.80
N VAL A 1184 -33.80 0.34 -14.63
CA VAL A 1184 -34.80 1.30 -14.17
C VAL A 1184 -34.75 2.52 -15.07
N LYS A 1185 -35.81 2.74 -15.83
CA LYS A 1185 -35.86 3.86 -16.76
C LYS A 1185 -36.18 5.15 -16.00
N PRO A 1186 -35.29 6.14 -16.02
CA PRO A 1186 -35.65 7.45 -15.48
C PRO A 1186 -36.56 8.19 -16.43
N LYS A 1187 -37.27 9.17 -15.88
CA LYS A 1187 -38.03 10.09 -16.71
C LYS A 1187 -37.15 11.29 -17.04
N LYS A 1188 -37.44 11.90 -18.19
CA LYS A 1188 -36.70 13.08 -18.61
C LYS A 1188 -36.84 14.18 -17.56
N VAL A 1189 -35.75 14.52 -16.90
CA VAL A 1189 -35.81 15.50 -15.81
C VAL A 1189 -36.17 16.86 -16.38
N THR A 1190 -37.19 17.48 -15.81
CA THR A 1190 -37.64 18.81 -16.19
C THR A 1190 -37.66 19.71 -14.97
N GLN A 1191 -38.08 20.95 -15.16
CA GLN A 1191 -38.20 21.88 -14.04
C GLN A 1191 -39.21 21.37 -13.02
N SER A 1192 -40.24 20.67 -13.48
CA SER A 1192 -41.19 20.04 -12.55
C SER A 1192 -40.53 18.87 -11.82
N ASP A 1193 -39.52 18.25 -12.43
CA ASP A 1193 -38.80 17.14 -11.82
C ASP A 1193 -37.61 17.60 -10.99
N LYS A 1194 -37.63 18.84 -10.51
CA LYS A 1194 -36.54 19.35 -9.68
C LYS A 1194 -36.52 18.62 -8.33
N LEU A 1195 -35.48 18.89 -7.57
CA LEU A 1195 -35.39 18.36 -6.22
C LEU A 1195 -36.42 19.03 -5.30
N ASP A 1196 -36.90 18.26 -4.32
CA ASP A 1196 -37.68 18.84 -3.24
C ASP A 1196 -36.80 19.80 -2.45
N ASP A 1197 -37.43 20.86 -1.91
CA ASP A 1197 -36.67 21.90 -1.25
C ASP A 1197 -35.88 21.35 -0.08
N ASP A 1198 -36.50 20.51 0.74
CA ASP A 1198 -35.75 19.84 1.80
C ASP A 1198 -34.76 18.84 1.24
N LEU A 1199 -35.13 18.12 0.18
CA LEU A 1199 -34.19 17.23 -0.49
C LEU A 1199 -33.04 18.01 -1.10
N LYS A 1200 -33.33 19.17 -1.68
CA LYS A 1200 -32.25 20.04 -2.17
C LYS A 1200 -31.38 20.54 -1.05
N ASN A 1201 -31.96 20.76 0.13
CA ASN A 1201 -31.16 21.09 1.31
C ASN A 1201 -30.23 19.95 1.65
N LEU A 1202 -30.72 18.71 1.54
CA LEU A 1202 -29.86 17.55 1.78
C LEU A 1202 -28.68 17.49 0.82
N LEU A 1203 -28.78 18.12 -0.35
CA LEU A 1203 -27.61 18.18 -1.22
C LEU A 1203 -26.49 19.02 -0.61
N ASP A 1204 -26.81 19.85 0.37
CA ASP A 1204 -25.79 20.40 1.23
C ASP A 1204 -25.51 19.36 2.30
N PRO A 1205 -24.33 18.74 2.30
CA PRO A 1205 -24.04 17.72 3.31
C PRO A 1205 -24.02 18.26 4.72
N ASN A 1206 -23.90 19.57 4.89
CA ASN A 1206 -24.06 20.14 6.22
C ASN A 1206 -25.47 19.87 6.76
N GLN A 1207 -26.47 19.85 5.88
CA GLN A 1207 -27.83 19.57 6.32
C GLN A 1207 -28.00 18.10 6.71
N VAL A 1208 -27.45 17.19 5.91
CA VAL A 1208 -27.51 15.77 6.27
C VAL A 1208 -26.73 15.53 7.55
N ARG A 1209 -25.60 16.21 7.71
CA ARG A 1209 -24.81 16.11 8.93
C ARG A 1209 -25.59 16.62 10.13
N THR A 1210 -26.32 17.73 9.97
CA THR A 1210 -27.15 18.25 11.05
C THR A 1210 -28.25 17.25 11.43
N LYS A 1211 -28.91 16.68 10.43
CA LYS A 1211 -29.95 15.70 10.71
C LYS A 1211 -29.38 14.48 11.43
N LEU A 1212 -28.22 13.99 10.96
CA LEU A 1212 -27.64 12.80 11.57
C LEU A 1212 -27.13 13.08 12.98
N ARG A 1213 -26.55 14.27 13.20
CA ARG A 1213 -26.10 14.63 14.54
C ARG A 1213 -27.27 14.83 15.49
N GLN A 1214 -28.40 15.34 14.98
CA GLN A 1214 -29.62 15.37 15.79
C GLN A 1214 -30.05 13.95 16.13
N SER A 1215 -29.94 13.03 15.17
CA SER A 1215 -30.23 11.63 15.43
C SER A 1215 -29.28 11.00 16.43
N PHE A 1216 -28.06 11.53 16.55
CA PHE A 1216 -27.04 10.95 17.42
C PHE A 1216 -27.20 11.35 18.89
N GLY A 1217 -28.13 12.25 19.19
CA GLY A 1217 -28.25 12.76 20.54
C GLY A 1217 -27.31 13.94 20.77
N THR A 1218 -27.56 14.65 21.86
CA THR A 1218 -26.83 15.87 22.17
C THR A 1218 -26.32 15.81 23.60
N ASP A 1219 -25.71 14.69 23.98
CA ASP A 1219 -25.10 14.60 25.31
C ASP A 1219 -24.04 15.66 25.50
N HIS A 1220 -23.12 15.80 24.53
CA HIS A 1220 -22.15 16.88 24.45
C HIS A 1220 -21.42 17.07 25.79
N SER A 1221 -20.69 16.03 26.16
CA SER A 1221 -19.98 16.02 27.44
C SER A 1221 -18.81 16.99 27.36
N THR A 1222 -19.00 18.21 27.87
CA THR A 1222 -17.94 19.20 27.94
C THR A 1222 -17.15 19.06 29.23
N GLN A 1223 -16.58 17.88 29.46
CA GLN A 1223 -15.86 17.56 30.68
C GLN A 1223 -14.48 16.98 30.32
N PRO A 1224 -13.55 17.82 29.88
CA PRO A 1224 -13.69 19.25 29.59
C PRO A 1224 -13.71 19.53 28.09
N GLN A 1225 -14.45 18.73 27.31
CA GLN A 1225 -14.45 18.83 25.85
C GLN A 1225 -13.03 18.77 25.33
N PRO A 1226 -12.42 17.58 25.30
CA PRO A 1226 -10.98 17.49 25.01
C PRO A 1226 -10.62 18.15 23.69
N GLN A 1227 -9.52 18.90 23.70
CA GLN A 1227 -9.07 19.62 22.52
C GLN A 1227 -8.21 18.78 21.60
N SER A 1228 -7.85 17.55 22.01
CA SER A 1228 -7.08 16.69 21.13
C SER A 1228 -7.39 15.24 21.46
N LEU A 1229 -7.09 14.37 20.50
CA LEU A 1229 -7.45 12.96 20.63
C LEU A 1229 -6.39 12.10 19.95
N LYS A 1230 -5.70 11.27 20.74
CA LYS A 1230 -4.72 10.34 20.21
C LYS A 1230 -5.38 8.98 20.05
N THR A 1231 -5.62 8.58 18.81
CA THR A 1231 -6.25 7.31 18.49
C THR A 1231 -5.17 6.30 18.17
N THR A 1232 -4.94 5.36 19.07
CA THR A 1232 -3.95 4.33 18.88
C THR A 1232 -4.61 3.08 18.32
N THR A 1233 -4.02 2.51 17.28
CA THR A 1233 -4.59 1.33 16.67
C THR A 1233 -4.61 0.18 17.68
N PRO A 1234 -5.58 -0.72 17.58
CA PRO A 1234 -5.61 -1.87 18.49
C PRO A 1234 -4.42 -2.79 18.25
N VAL A 1235 -4.11 -3.58 19.27
CA VAL A 1235 -3.08 -4.60 19.12
C VAL A 1235 -3.68 -5.73 18.29
N PHE A 1236 -3.38 -5.73 17.00
CA PHE A 1236 -3.96 -6.72 16.09
C PHE A 1236 -3.24 -8.05 16.25
N GLY A 1237 -4.03 -9.10 16.47
CA GLY A 1237 -3.46 -10.42 16.62
C GLY A 1237 -2.90 -10.94 15.31
N THR A 1238 -2.20 -12.07 15.41
CA THR A 1238 -1.65 -12.71 14.21
C THR A 1238 -2.76 -13.17 13.28
N SER A 1239 -3.97 -13.40 13.82
CA SER A 1239 -5.10 -13.78 12.99
C SER A 1239 -5.87 -12.58 12.44
N SER A 1240 -5.44 -11.36 12.74
CA SER A 1240 -6.15 -10.17 12.29
C SER A 1240 -6.03 -10.07 10.77
N GLY A 1241 -7.16 -10.26 10.08
CA GLY A 1241 -7.21 -10.21 8.65
C GLY A 1241 -6.90 -11.53 7.97
N ASN A 1242 -6.56 -12.56 8.74
CA ASN A 1242 -6.19 -13.83 8.15
C ASN A 1242 -7.41 -14.58 7.63
N LEU A 1243 -7.36 -14.96 6.35
CA LEU A 1243 -8.36 -15.82 5.75
C LEU A 1243 -7.83 -17.20 5.44
N SER A 1244 -6.57 -17.50 5.81
CA SER A 1244 -5.99 -18.79 5.46
C SER A 1244 -6.79 -19.93 6.06
N SER A 1245 -7.21 -19.80 7.32
CA SER A 1245 -8.13 -20.76 7.89
C SER A 1245 -9.54 -20.60 7.34
N VAL A 1246 -9.92 -19.36 6.98
CA VAL A 1246 -11.26 -19.11 6.44
C VAL A 1246 -11.39 -19.74 5.06
N LEU A 1247 -10.43 -19.48 4.18
CA LEU A 1247 -10.53 -19.97 2.80
C LEU A 1247 -10.33 -21.47 2.73
N SER A 1248 -9.47 -22.03 3.58
CA SER A 1248 -9.24 -23.47 3.60
C SER A 1248 -10.38 -24.19 4.29
N ASP A 1265 -18.39 -27.53 -0.69
CA ASP A 1265 -17.69 -26.44 -1.34
C ASP A 1265 -18.32 -25.09 -1.02
N LEU A 1266 -17.53 -24.03 -1.09
CA LEU A 1266 -18.02 -22.68 -0.83
C LEU A 1266 -17.10 -21.70 -1.52
N SER A 1267 -17.69 -20.63 -2.06
CA SER A 1267 -16.90 -19.62 -2.74
C SER A 1267 -16.07 -18.81 -1.75
N PRO A 1268 -14.94 -18.26 -2.18
CA PRO A 1268 -14.18 -17.37 -1.27
C PRO A 1268 -15.00 -16.18 -0.81
N VAL A 1269 -15.88 -15.67 -1.66
CA VAL A 1269 -16.79 -14.61 -1.24
C VAL A 1269 -17.65 -15.06 -0.08
N GLU A 1270 -18.27 -16.23 -0.21
CA GLU A 1270 -19.13 -16.74 0.85
C GLU A 1270 -18.35 -17.04 2.11
N LYS A 1271 -17.14 -17.61 1.97
CA LYS A 1271 -16.32 -17.91 3.13
C LYS A 1271 -15.96 -16.65 3.89
N VAL A 1272 -15.51 -15.62 3.17
CA VAL A 1272 -15.14 -14.37 3.81
C VAL A 1272 -16.36 -13.69 4.41
N SER A 1273 -17.50 -13.74 3.72
CA SER A 1273 -18.71 -13.15 4.26
C SER A 1273 -19.12 -13.81 5.57
N GLY A 1274 -19.16 -15.14 5.59
CA GLY A 1274 -19.49 -15.85 6.80
C GLY A 1274 -18.49 -15.63 7.92
N TRP A 1275 -17.21 -15.47 7.56
CA TRP A 1275 -16.20 -15.14 8.55
C TRP A 1275 -16.45 -13.78 9.18
N LEU A 1276 -16.83 -12.79 8.36
CA LEU A 1276 -17.15 -11.48 8.89
C LEU A 1276 -18.43 -11.51 9.72
N VAL A 1277 -19.38 -12.37 9.36
CA VAL A 1277 -20.52 -12.61 10.23
C VAL A 1277 -20.08 -13.18 11.57
N GLY A 1278 -19.14 -14.11 11.55
CA GLY A 1278 -18.60 -14.63 12.79
C GLY A 1278 -17.93 -13.58 13.65
N GLN A 1279 -17.60 -12.43 13.05
CA GLN A 1279 -17.03 -11.30 13.77
C GLN A 1279 -18.02 -10.18 14.01
N LEU A 1280 -19.24 -10.29 13.48
CA LEU A 1280 -20.27 -9.31 13.78
C LEU A 1280 -20.71 -9.46 15.24
N PRO A 1281 -21.13 -8.37 15.88
CA PRO A 1281 -21.68 -8.50 17.23
C PRO A 1281 -22.92 -9.38 17.25
N SER A 1282 -22.83 -10.53 17.91
CA SER A 1282 -23.93 -11.48 17.92
C SER A 1282 -25.12 -10.93 18.69
N THR A 1283 -26.31 -11.13 18.12
CA THR A 1283 -27.54 -10.65 18.74
C THR A 1283 -28.76 -11.37 18.16
N SER A 1290 -30.47 2.39 16.46
CA SER A 1290 -30.84 1.90 17.78
C SER A 1290 -29.99 2.54 18.87
N THR A 1291 -30.64 3.02 19.91
CA THR A 1291 -29.98 3.65 21.07
C THR A 1291 -29.11 4.83 20.61
N ASN A 1292 -29.81 5.85 20.09
CA ASN A 1292 -29.28 7.12 19.61
C ASN A 1292 -28.62 7.01 18.23
N ASN A 1293 -28.89 5.92 17.52
CA ASN A 1293 -28.45 5.72 16.13
C ASN A 1293 -26.93 5.87 16.05
N LEU A 1294 -26.24 5.10 16.88
CA LEU A 1294 -24.79 4.97 16.82
C LEU A 1294 -24.45 3.55 17.22
N ALA A 1295 -23.67 2.86 16.39
CA ALA A 1295 -23.32 1.48 16.68
C ALA A 1295 -22.46 1.44 17.92
N PRO A 1296 -22.85 0.68 18.96
CA PRO A 1296 -21.97 0.52 20.12
C PRO A 1296 -20.66 -0.13 19.71
N ASN A 1297 -19.57 0.35 20.29
CA ASN A 1297 -18.24 -0.18 19.98
C ASN A 1297 -18.04 -1.44 20.81
N THR A 1298 -18.61 -2.54 20.31
CA THR A 1298 -18.41 -3.84 20.94
C THR A 1298 -16.97 -4.32 20.86
N ASN A 1299 -16.18 -3.74 19.95
CA ASN A 1299 -14.78 -4.10 19.77
C ASN A 1299 -14.62 -5.58 19.45
N THR A 1300 -15.56 -6.13 18.69
CA THR A 1300 -15.51 -7.50 18.22
C THR A 1300 -15.16 -7.51 16.74
N GLY A 1301 -14.17 -8.31 16.37
CA GLY A 1301 -13.69 -8.42 15.01
C GLY A 1301 -12.48 -7.57 14.72
N ASN A 1302 -12.24 -6.51 15.50
CA ASN A 1302 -11.01 -5.75 15.35
C ASN A 1302 -9.79 -6.60 15.64
N ASP A 1303 -9.94 -7.63 16.48
CA ASP A 1303 -8.85 -8.53 16.80
C ASP A 1303 -8.70 -9.67 15.79
N VAL A 1304 -9.69 -9.87 14.91
CA VAL A 1304 -9.67 -10.98 13.96
C VAL A 1304 -9.79 -10.48 12.52
N VAL A 1305 -10.75 -9.59 12.26
CA VAL A 1305 -10.86 -9.00 10.93
C VAL A 1305 -9.75 -7.98 10.70
N GLY A 1306 -9.42 -7.20 11.73
CA GLY A 1306 -8.55 -6.06 11.58
C GLY A 1306 -9.27 -4.79 11.20
N VAL A 1307 -10.56 -4.88 10.88
CA VAL A 1307 -11.38 -3.72 10.55
C VAL A 1307 -12.33 -3.49 11.73
N GLY A 1308 -12.28 -2.28 12.28
CA GLY A 1308 -13.12 -1.94 13.40
C GLY A 1308 -12.86 -0.51 13.81
N ARG A 1309 -13.63 -0.07 14.80
CA ARG A 1309 -13.50 1.29 15.28
C ARG A 1309 -12.57 1.35 16.48
N LEU A 1310 -12.12 2.56 16.78
CA LEU A 1310 -11.24 2.80 17.91
C LEU A 1310 -11.90 2.38 19.21
N SER A 1311 -11.18 1.58 20.00
CA SER A 1311 -11.66 1.28 21.35
C SER A 1311 -11.54 2.53 22.22
N GLU A 1312 -12.30 2.54 23.30
CA GLU A 1312 -12.25 3.69 24.21
C GLU A 1312 -10.86 3.86 24.79
N SER A 1313 -10.21 2.76 25.17
CA SER A 1313 -8.82 2.83 25.61
C SER A 1313 -7.90 3.20 24.45
N ASN A 1314 -8.23 2.73 23.24
CA ASN A 1314 -7.42 3.00 22.07
C ASN A 1314 -7.48 4.46 21.62
N ALA A 1315 -8.51 5.20 22.05
CA ALA A 1315 -8.64 6.61 21.72
C ALA A 1315 -8.59 7.43 23.00
N ALA A 1316 -7.43 7.98 23.30
CA ALA A 1316 -7.21 8.77 24.50
C ALA A 1316 -7.55 10.23 24.22
N LYS A 1317 -8.41 10.80 25.04
CA LYS A 1317 -8.85 12.18 24.88
C LYS A 1317 -7.96 13.08 25.73
N MET A 1318 -7.06 13.81 25.09
CA MET A 1318 -6.14 14.68 25.80
C MET A 1318 -6.63 16.13 25.73
N ASN A 1319 -6.65 16.79 26.89
CA ASN A 1319 -7.31 18.08 27.03
C ASN A 1319 -6.58 19.18 26.28
N ASP A 1320 -5.25 19.12 26.25
CA ASP A 1320 -4.48 20.15 25.56
C ASP A 1320 -4.68 20.07 24.06
N ASP A 1321 -4.79 21.23 23.43
CA ASP A 1321 -4.84 21.28 21.97
C ASP A 1321 -3.50 20.90 21.38
N VAL A 1322 -3.52 20.43 20.14
CA VAL A 1322 -2.31 20.01 19.44
C VAL A 1322 -2.30 20.71 18.08
N ASP A 1323 -1.67 21.88 18.02
CA ASP A 1323 -1.43 22.47 16.71
C ASP A 1323 -0.40 21.66 15.94
N GLY A 1324 0.56 21.06 16.65
CA GLY A 1324 1.55 20.19 16.05
C GLY A 1324 2.14 19.29 17.11
N ILE A 1325 2.90 18.30 16.66
CA ILE A 1325 3.47 17.28 17.52
C ILE A 1325 4.97 17.26 17.32
N VAL A 1326 5.72 17.25 18.42
CA VAL A 1326 7.16 17.07 18.39
C VAL A 1326 7.44 15.63 18.80
N ARG A 1327 7.96 14.84 17.87
CA ARG A 1327 8.14 13.42 18.12
C ARG A 1327 9.63 13.09 18.00
N THR A 1328 10.35 13.25 19.10
CA THR A 1328 11.69 12.71 19.20
C THR A 1328 11.61 11.21 19.41
N PRO A 1329 12.70 10.48 19.18
CA PRO A 1329 12.66 9.02 19.41
C PRO A 1329 12.28 8.62 20.82
N LEU A 1330 12.36 9.53 21.79
CA LEU A 1330 11.94 9.25 23.16
C LEU A 1330 10.80 10.13 23.66
N ALA A 1331 10.72 11.38 23.23
CA ALA A 1331 9.74 12.31 23.75
C ALA A 1331 8.65 12.56 22.71
N GLU A 1332 7.40 12.43 23.14
CA GLU A 1332 6.25 12.84 22.34
C GLU A 1332 5.63 14.05 23.04
N LEU A 1333 5.73 15.21 22.41
CA LEU A 1333 5.27 16.46 22.97
C LEU A 1333 4.12 17.00 22.13
N LEU A 1334 2.99 17.26 22.78
CA LEU A 1334 1.86 17.88 22.11
C LEU A 1334 2.04 19.39 22.14
N ASP A 1335 2.26 19.99 20.95
CA ASP A 1335 2.66 21.39 20.83
C ASP A 1335 3.92 21.70 21.62
N GLY A 1336 4.87 20.76 21.63
CA GLY A 1336 6.12 20.95 22.33
C GLY A 1336 6.02 20.92 23.84
N GLU A 1337 4.83 21.07 24.39
CA GLU A 1337 4.63 21.04 25.83
C GLU A 1337 4.67 19.59 26.34
N GLY A 1338 4.57 19.44 27.65
CA GLY A 1338 4.66 18.15 28.28
C GLY A 1338 6.07 17.86 28.77
N GLN A 1339 6.17 16.82 29.58
CA GLN A 1339 7.45 16.43 30.16
C GLN A 1339 8.40 15.95 29.08
N THR A 1340 9.57 16.58 29.00
CA THR A 1340 10.60 16.11 28.08
C THR A 1340 11.15 14.77 28.56
N ALA A 1341 11.55 13.93 27.60
CA ALA A 1341 12.06 12.62 27.94
C ALA A 1341 13.37 12.74 28.71
N ASP A 1342 13.84 11.59 29.23
CA ASP A 1342 15.08 11.52 29.98
C ASP A 1342 16.04 10.59 29.26
N THR A 1343 17.06 11.16 28.62
CA THR A 1343 18.09 10.35 27.98
C THR A 1343 18.94 9.59 28.99
N GLY A 1344 18.85 9.95 30.26
CA GLY A 1344 19.59 9.31 31.31
C GLY A 1344 19.62 10.19 32.55
N PRO A 1345 20.19 9.70 33.63
CA PRO A 1345 20.21 10.49 34.87
C PRO A 1345 21.05 11.75 34.70
N GLN A 1346 20.61 12.82 35.36
CA GLN A 1346 21.31 14.09 35.29
C GLN A 1346 22.65 14.05 36.03
N SER A 1347 22.87 13.06 36.88
CA SER A 1347 24.11 12.93 37.64
C SER A 1347 25.30 12.60 36.75
N VAL A 1348 25.11 11.75 35.74
CA VAL A 1348 26.22 11.38 34.88
C VAL A 1348 26.51 12.58 33.98
N LYS A 1349 27.64 13.23 34.22
CA LYS A 1349 28.00 14.46 33.50
C LYS A 1349 29.44 14.36 33.06
N PHE A 1350 29.76 15.04 31.95
CA PHE A 1350 31.14 15.19 31.54
C PHE A 1350 31.94 15.89 32.63
N LYS A 1351 33.10 15.32 32.95
CA LYS A 1351 34.01 16.00 33.84
C LYS A 1351 34.45 17.32 33.20
N SER A 1352 34.43 18.38 33.99
CA SER A 1352 34.88 19.67 33.47
C SER A 1352 36.36 19.59 33.14
N PRO A 1353 36.85 20.36 32.15
CA PRO A 1353 38.27 20.32 31.78
C PRO A 1353 39.23 20.27 32.96
N ASP A 1354 38.94 21.06 34.00
CA ASP A 1354 39.80 21.05 35.18
C ASP A 1354 39.73 19.70 35.91
N GLN A 1355 38.57 19.05 35.89
CA GLN A 1355 38.40 17.81 36.65
C GLN A 1355 39.31 16.70 36.14
N ILE A 1356 39.45 16.57 34.82
CA ILE A 1356 40.36 15.58 34.26
C ILE A 1356 41.76 16.19 34.18
N ASP A 1357 42.77 15.37 34.46
CA ASP A 1357 44.11 15.87 34.75
C ASP A 1357 44.72 16.59 33.55
N PHE A 1358 44.35 16.18 32.34
CA PHE A 1358 44.82 16.76 31.07
C PHE A 1358 46.27 16.41 30.76
N ASN A 1359 46.97 15.76 31.69
CA ASN A 1359 48.35 15.39 31.39
C ASN A 1359 48.47 13.87 31.24
N ARG A 1360 48.10 13.11 32.28
CA ARG A 1360 48.06 11.66 32.15
C ARG A 1360 47.01 11.25 31.11
N LEU A 1361 45.93 12.03 31.05
CA LEU A 1361 44.88 11.79 30.07
C LEU A 1361 45.39 11.97 28.65
N PHE A 1362 46.24 12.99 28.44
CA PHE A 1362 46.78 13.32 27.11
C PHE A 1362 48.30 13.21 27.02
N THR A 1363 48.94 12.40 27.87
CA THR A 1363 50.32 12.02 27.57
C THR A 1363 50.36 10.98 26.46
N HIS A 1364 49.70 9.84 26.66
CA HIS A 1364 49.59 8.85 25.61
C HIS A 1364 48.72 9.38 24.48
N PRO A 1365 48.94 8.94 23.24
CA PRO A 1365 48.15 9.44 22.11
C PRO A 1365 46.65 9.30 22.33
N VAL A 1366 45.89 10.26 21.82
CA VAL A 1366 44.44 10.23 21.97
C VAL A 1366 43.86 8.99 21.32
N THR A 1367 44.39 8.61 20.16
CA THR A 1367 43.87 7.45 19.43
C THR A 1367 43.96 6.16 20.23
N ASP A 1368 44.93 6.06 21.13
CA ASP A 1368 45.07 4.90 22.00
C ASP A 1368 44.14 4.92 23.20
N LEU A 1369 43.50 6.06 23.47
CA LEU A 1369 42.60 6.22 24.60
C LEU A 1369 41.16 5.86 24.24
N PHE A 1370 40.93 5.42 23.00
CA PHE A 1370 39.62 4.95 22.58
C PHE A 1370 39.83 4.01 21.40
N ASP A 1371 38.79 3.25 21.08
CA ASP A 1371 38.84 2.37 19.92
C ASP A 1371 38.50 3.18 18.68
N PRO A 1372 39.39 3.28 17.69
CA PRO A 1372 39.16 4.15 16.55
C PRO A 1372 38.14 3.64 15.53
N VAL A 1373 37.48 2.51 15.79
CA VAL A 1373 36.47 1.97 14.90
C VAL A 1373 35.08 1.99 15.53
N THR A 1374 34.98 1.53 16.78
CA THR A 1374 33.74 1.73 17.51
C THR A 1374 33.50 3.20 17.78
N MET A 1375 34.53 4.02 17.70
CA MET A 1375 34.48 5.43 18.05
C MET A 1375 34.02 5.60 19.50
N LEU A 1376 34.39 4.66 20.36
CA LEU A 1376 33.98 4.65 21.75
C LEU A 1376 35.21 4.72 22.64
N VAL A 1377 35.16 5.59 23.65
CA VAL A 1377 36.21 5.60 24.66
C VAL A 1377 36.18 4.29 25.42
N TYR A 1378 37.35 3.71 25.65
CA TYR A 1378 37.44 2.45 26.37
C TYR A 1378 36.81 2.58 27.75
N ASP A 1379 36.08 1.55 28.15
CA ASP A 1379 35.36 1.59 29.42
C ASP A 1379 36.28 1.80 30.61
N GLN A 1380 37.56 1.45 30.48
CA GLN A 1380 38.53 1.78 31.52
C GLN A 1380 38.80 3.28 31.59
N TYR A 1381 38.45 4.02 30.55
CA TYR A 1381 38.70 5.45 30.48
C TYR A 1381 37.44 6.29 30.56
N ILE A 1382 36.26 5.68 30.53
CA ILE A 1382 35.02 6.45 30.66
C ILE A 1382 34.92 7.12 32.03
N PRO A 1383 35.18 6.45 33.16
CA PRO A 1383 35.13 7.16 34.45
C PRO A 1383 36.05 8.36 34.52
N LEU A 1384 37.20 8.29 33.84
CA LEU A 1384 38.17 9.37 33.82
C LEU A 1384 37.88 10.41 32.74
N PHE A 1385 36.65 10.45 32.23
CA PHE A 1385 36.18 11.54 31.37
C PHE A 1385 34.90 12.18 31.89
N ILE A 1386 34.10 11.41 32.63
CA ILE A 1386 32.77 11.85 33.02
C ILE A 1386 32.55 11.56 34.50
N ASP A 1387 31.55 12.24 35.07
CA ASP A 1387 31.12 11.99 36.44
C ASP A 1387 30.22 10.76 36.44
N ILE A 1388 30.72 9.65 36.98
CA ILE A 1388 29.92 8.43 37.14
C ILE A 1388 29.56 8.32 38.62
N PRO A 1389 28.30 8.51 38.99
CA PRO A 1389 27.89 8.25 40.37
C PRO A 1389 27.79 6.76 40.65
N ALA A 1390 27.85 6.42 41.93
CA ALA A 1390 27.76 5.01 42.33
C ALA A 1390 26.40 4.41 41.96
N SER A 1391 25.35 5.23 41.98
CA SER A 1391 24.02 4.74 41.64
C SER A 1391 23.96 4.27 40.19
N VAL A 1392 24.61 4.99 39.30
CA VAL A 1392 24.58 4.68 37.87
C VAL A 1392 25.66 3.65 37.57
N ASN A 1393 25.26 2.55 36.95
CA ASN A 1393 26.22 1.55 36.51
C ASN A 1393 27.05 2.13 35.36
N PRO A 1394 28.38 2.10 35.44
CA PRO A 1394 29.18 2.58 34.30
C PRO A 1394 28.92 1.81 33.03
N LYS A 1395 28.44 0.57 33.14
N LYS A 1395 28.43 0.56 33.14
CA LYS A 1395 28.10 -0.21 31.96
CA LYS A 1395 28.08 -0.22 31.96
C LYS A 1395 26.99 0.45 31.14
C LYS A 1395 26.99 0.45 31.14
N MET A 1396 26.12 1.22 31.80
CA MET A 1396 25.04 1.91 31.11
C MET A 1396 25.54 3.06 30.24
N VAL A 1397 26.81 3.43 30.38
CA VAL A 1397 27.36 4.63 29.75
C VAL A 1397 28.43 4.19 28.76
N ARG A 1398 28.35 4.71 27.54
CA ARG A 1398 29.45 4.66 26.60
C ARG A 1398 29.78 6.08 26.15
N LEU A 1399 31.02 6.27 25.71
CA LEU A 1399 31.53 7.58 25.33
C LEU A 1399 31.87 7.55 23.84
N LYS A 1400 30.89 7.89 23.01
CA LYS A 1400 31.11 7.92 21.58
C LYS A 1400 32.09 9.03 21.23
N VAL A 1401 33.21 8.66 20.65
CA VAL A 1401 34.23 9.62 20.24
C VAL A 1401 33.74 10.31 18.98
N LEU A 1402 33.66 11.63 19.02
CA LEU A 1402 33.19 12.41 17.88
C LEU A 1402 34.33 13.02 17.07
N SER A 1403 35.37 13.50 17.74
CA SER A 1403 36.45 14.18 17.03
C SER A 1403 37.75 14.01 17.79
N PHE A 1404 38.66 13.21 17.25
CA PHE A 1404 39.98 13.00 17.84
C PHE A 1404 41.02 13.72 16.99
N ASP A 1405 41.90 14.47 17.65
CA ASP A 1405 42.98 15.19 16.98
C ASP A 1405 44.27 14.94 17.79
N THR A 1406 45.11 14.03 17.28
CA THR A 1406 46.35 13.73 17.99
C THR A 1406 47.34 14.89 17.93
N ASN A 1407 47.34 15.65 16.83
CA ASN A 1407 48.28 16.77 16.70
C ASN A 1407 48.02 17.83 17.76
N GLU A 1408 46.76 18.29 17.87
CA GLU A 1408 46.40 19.17 18.98
C GLU A 1408 46.19 18.36 20.24
N GLN A 1409 45.82 17.09 20.09
CA GLN A 1409 45.51 16.17 21.19
C GLN A 1409 44.20 16.61 21.88
N SER A 1410 43.18 16.87 21.07
CA SER A 1410 41.85 17.16 21.55
C SER A 1410 40.96 15.93 21.32
N LEU A 1411 40.28 15.50 22.37
CA LEU A 1411 39.35 14.39 22.29
C LEU A 1411 37.94 14.92 22.52
N GLY A 1412 37.06 14.70 21.55
CA GLY A 1412 35.71 15.18 21.66
C GLY A 1412 34.71 14.04 21.61
N LEU A 1413 33.94 13.93 22.69
CA LEU A 1413 33.13 12.75 22.97
C LEU A 1413 31.66 13.11 23.06
N ARG A 1414 30.82 12.15 22.66
CA ARG A 1414 29.39 12.21 22.90
C ARG A 1414 29.06 11.24 24.01
N LEU A 1415 28.74 11.77 25.19
CA LEU A 1415 28.32 10.92 26.30
C LEU A 1415 26.98 10.26 25.95
N GLU A 1416 26.97 8.94 25.90
CA GLU A 1416 25.80 8.20 25.48
C GLU A 1416 25.38 7.24 26.59
N PHE A 1417 24.17 7.44 27.11
CA PHE A 1417 23.56 6.51 28.04
C PHE A 1417 22.80 5.43 27.29
N PHE A 1418 22.78 4.23 27.85
CA PHE A 1418 22.05 3.13 27.24
C PHE A 1418 20.61 3.16 27.72
N LYS A 1419 19.69 3.52 26.83
CA LYS A 1419 18.28 3.42 27.12
C LYS A 1419 17.83 2.01 26.73
N PRO A 1420 17.44 1.16 27.68
CA PRO A 1420 17.00 -0.20 27.32
C PRO A 1420 15.63 -0.17 26.67
N ASP A 1421 15.49 -0.95 25.61
CA ASP A 1421 14.19 -1.07 24.94
C ASP A 1421 13.20 -1.76 25.87
N GLN A 1422 12.15 -1.02 26.24
CA GLN A 1422 11.10 -1.46 27.15
C GLN A 1422 11.63 -1.61 28.58
N ASP A 1423 12.93 -1.37 28.77
CA ASP A 1423 13.63 -1.48 30.06
C ASP A 1423 13.04 -2.49 31.03
N PRO A 1434 16.39 -8.01 28.45
CA PRO A 1434 17.63 -8.14 29.22
C PRO A 1434 18.45 -6.86 29.23
N ASN A 1435 19.43 -6.78 28.34
CA ASN A 1435 20.30 -5.61 28.20
C ASN A 1435 20.30 -5.13 26.75
N ASN A 1436 19.13 -5.08 26.14
CA ASN A 1436 18.98 -4.64 24.76
C ASN A 1436 18.26 -3.30 24.71
N GLY A 1437 18.65 -2.47 23.75
CA GLY A 1437 18.08 -1.14 23.61
C GLY A 1437 18.86 -0.29 22.64
N ASP A 1438 19.16 0.95 23.03
CA ASP A 1438 19.88 1.85 22.15
C ASP A 1438 20.78 2.75 22.97
N PHE A 1439 22.00 2.95 22.51
CA PHE A 1439 22.94 3.86 23.15
C PHE A 1439 22.68 5.26 22.61
N LEU A 1440 22.00 6.08 23.38
CA LEU A 1440 21.48 7.37 23.02
C LEU A 1440 22.24 8.47 23.73
N PRO A 1441 22.55 9.58 23.04
CA PRO A 1441 23.38 10.61 23.66
C PRO A 1441 22.74 11.17 24.92
N LEU A 1442 23.57 11.41 25.92
CA LEU A 1442 23.11 11.96 27.20
C LEU A 1442 23.20 13.48 27.14
N LEU A 1443 22.08 14.11 26.79
CA LEU A 1443 22.04 15.55 26.61
C LEU A 1443 22.28 16.31 27.90
N THR A 1444 22.16 15.65 29.05
CA THR A 1444 22.43 16.27 30.33
C THR A 1444 23.89 16.16 30.74
N ALA A 1445 24.74 15.59 29.88
CA ALA A 1445 26.15 15.44 30.22
C ALA A 1445 26.81 16.79 30.42
N SER A 1446 26.52 17.76 29.56
CA SER A 1446 27.07 19.09 29.67
C SER A 1446 25.95 20.09 29.39
N SER A 1447 26.14 21.32 29.86
CA SER A 1447 25.19 22.38 29.56
C SER A 1447 25.06 22.59 28.06
N GLN A 1448 26.17 22.42 27.33
CA GLN A 1448 26.11 22.50 25.87
C GLN A 1448 25.28 21.37 25.30
N GLY A 1449 25.43 20.16 25.84
CA GLY A 1449 24.71 19.00 25.35
C GLY A 1449 25.44 17.72 25.67
N PRO A 1450 25.20 16.68 24.88
CA PRO A 1450 25.88 15.40 25.09
C PRO A 1450 27.30 15.34 24.59
N GLN A 1451 27.79 16.42 23.98
CA GLN A 1451 29.10 16.44 23.35
C GLN A 1451 30.01 17.41 24.07
N THR A 1452 31.26 17.01 24.25
CA THR A 1452 32.25 17.86 24.91
C THR A 1452 33.62 17.64 24.28
N LEU A 1453 34.30 18.74 23.97
CA LEU A 1453 35.65 18.73 23.40
C LEU A 1453 36.65 19.03 24.50
N PHE A 1454 37.40 18.01 24.92
CA PHE A 1454 38.50 18.17 25.86
C PHE A 1454 39.76 18.47 25.07
N SER A 1455 40.21 19.72 25.13
CA SER A 1455 41.44 20.15 24.46
C SER A 1455 42.32 20.88 25.45
N PRO A 1456 43.64 20.75 25.31
CA PRO A 1456 44.55 21.35 26.31
C PRO A 1456 44.52 22.86 26.28
N PHE A 1457 43.45 23.44 26.83
CA PHE A 1457 43.29 24.89 26.87
C PHE A 1457 43.32 25.39 28.31
N VAL B 1 22.35 -0.63 13.66
CA VAL B 1 21.66 -1.00 12.43
C VAL B 1 20.85 -2.27 12.64
N LEU B 2 19.74 -2.38 11.92
CA LEU B 2 18.96 -3.61 11.90
C LEU B 2 19.64 -4.57 10.93
N MET B 3 20.28 -5.60 11.48
CA MET B 3 21.18 -6.46 10.72
C MET B 3 20.37 -7.54 10.00
N THR B 4 20.40 -7.51 8.67
CA THR B 4 19.76 -8.53 7.85
C THR B 4 20.72 -8.98 6.77
N GLN B 5 20.91 -10.29 6.65
CA GLN B 5 21.82 -10.89 5.67
C GLN B 5 21.06 -11.97 4.94
N THR B 6 20.76 -11.73 3.66
CA THR B 6 20.00 -12.68 2.86
C THR B 6 20.89 -13.29 1.78
N PRO B 7 20.67 -14.56 1.43
CA PRO B 7 19.71 -15.51 2.01
C PRO B 7 20.25 -16.19 3.27
N LEU B 8 19.38 -16.79 4.09
CA LEU B 8 19.85 -17.53 5.25
C LEU B 8 20.69 -18.73 4.83
N SER B 9 20.28 -19.42 3.78
CA SER B 9 21.05 -20.52 3.21
C SER B 9 21.08 -20.34 1.70
N LEU B 10 22.28 -20.15 1.14
CA LEU B 10 22.42 -19.92 -0.28
C LEU B 10 22.75 -21.22 -0.98
N PRO B 11 21.86 -21.77 -1.81
CA PRO B 11 22.20 -22.98 -2.58
C PRO B 11 23.03 -22.61 -3.80
N VAL B 12 24.21 -23.23 -3.90
CA VAL B 12 25.11 -22.99 -5.03
C VAL B 12 25.92 -24.25 -5.27
N SER B 13 26.20 -24.52 -6.54
CA SER B 13 26.95 -25.70 -6.92
C SER B 13 28.45 -25.38 -6.98
N LEU B 14 29.23 -26.29 -7.54
CA LEU B 14 30.67 -26.10 -7.65
C LEU B 14 30.98 -25.11 -8.76
N GLY B 15 31.71 -24.06 -8.42
CA GLY B 15 32.15 -23.08 -9.41
C GLY B 15 31.06 -22.25 -10.06
N ASP B 16 30.12 -21.74 -9.27
CA ASP B 16 29.07 -20.85 -9.75
C ASP B 16 29.13 -19.53 -8.99
N GLN B 17 28.26 -18.60 -9.39
CA GLN B 17 28.23 -17.27 -8.80
C GLN B 17 27.38 -17.30 -7.54
N ALA B 18 28.03 -17.29 -6.39
CA ALA B 18 27.36 -17.25 -5.09
C ALA B 18 27.35 -15.81 -4.60
N SER B 19 26.20 -15.16 -4.72
CA SER B 19 26.04 -13.77 -4.29
C SER B 19 25.29 -13.76 -2.96
N ILE B 20 25.95 -13.25 -1.92
CA ILE B 20 25.37 -13.14 -0.59
C ILE B 20 25.15 -11.66 -0.29
N SER B 21 23.90 -11.32 0.03
CA SER B 21 23.51 -9.93 0.20
C SER B 21 23.45 -9.57 1.68
N CYS B 22 23.95 -8.39 2.02
CA CYS B 22 23.84 -7.81 3.36
C CYS B 22 23.20 -6.45 3.20
N ARG B 23 22.09 -6.24 3.90
CA ARG B 23 21.23 -5.08 3.70
C ARG B 23 21.14 -4.36 5.03
N PHE B 24 21.00 -3.04 5.01
CA PHE B 24 21.03 -2.27 6.24
C PHE B 24 19.91 -1.23 6.26
N SER B 25 19.47 -0.90 7.49
CA SER B 25 18.47 0.14 7.68
C SER B 25 19.00 1.50 7.24
N GLN B 26 20.24 1.81 7.60
CA GLN B 26 20.90 3.04 7.16
C GLN B 26 22.38 2.75 6.93
N THR B 27 23.03 3.67 6.21
CA THR B 27 24.39 3.42 5.74
C THR B 27 25.35 3.20 6.89
N ILE B 28 26.28 2.27 6.70
CA ILE B 28 27.24 1.91 7.73
C ILE B 28 28.61 2.46 7.36
N VAL B 29 28.64 3.58 6.65
CA VAL B 29 29.89 4.27 6.40
C VAL B 29 30.38 4.87 7.72
N HIS B 30 31.61 4.53 8.10
CA HIS B 30 32.13 4.96 9.39
C HIS B 30 32.50 6.45 9.35
N SER B 31 32.80 6.98 10.53
CA SER B 31 33.18 8.39 10.64
C SER B 31 34.47 8.67 9.89
N ASN B 32 35.42 7.72 9.92
CA ASN B 32 36.68 7.88 9.20
C ASN B 32 36.57 7.53 7.72
N GLY B 33 35.35 7.44 7.19
CA GLY B 33 35.16 7.16 5.78
C GLY B 33 35.17 5.69 5.44
N ALA B 34 36.13 4.95 6.00
CA ALA B 34 36.27 3.53 5.72
C ALA B 34 35.05 2.76 6.21
N THR B 35 34.27 2.23 5.28
CA THR B 35 33.09 1.45 5.65
C THR B 35 33.53 0.07 6.11
N TYR B 36 33.23 -0.25 7.37
CA TYR B 36 33.75 -1.47 8.01
C TYR B 36 32.82 -2.66 7.79
N LEU B 37 32.52 -2.98 6.54
CA LEU B 37 31.77 -4.18 6.20
C LEU B 37 32.77 -5.28 5.86
N GLU B 38 32.73 -6.37 6.62
CA GLU B 38 33.66 -7.47 6.47
C GLU B 38 32.88 -8.77 6.26
N TRP B 39 33.29 -9.54 5.28
CA TRP B 39 32.69 -10.83 4.98
C TRP B 39 33.61 -11.94 5.50
N TYR B 40 33.09 -12.73 6.43
CA TYR B 40 33.79 -13.85 7.05
C TYR B 40 33.17 -15.16 6.57
N LEU B 41 34.02 -16.19 6.45
CA LEU B 41 33.57 -17.54 6.14
C LEU B 41 33.94 -18.44 7.31
N GLN B 42 32.96 -19.18 7.80
CA GLN B 42 33.17 -20.16 8.86
C GLN B 42 32.97 -21.55 8.28
N ARG B 43 34.06 -22.28 8.09
CA ARG B 43 33.95 -23.68 7.70
C ARG B 43 33.39 -24.49 8.86
N PRO B 44 32.68 -25.58 8.57
CA PRO B 44 32.13 -26.42 9.65
C PRO B 44 33.19 -26.88 10.63
N GLY B 45 32.98 -26.60 11.91
CA GLY B 45 33.96 -26.93 12.93
C GLY B 45 35.26 -26.15 12.78
N GLN B 46 35.18 -24.87 12.43
CA GLN B 46 36.35 -24.04 12.21
C GLN B 46 36.06 -22.62 12.66
N SER B 47 37.13 -21.86 12.89
CA SER B 47 36.97 -20.46 13.27
C SER B 47 36.49 -19.65 12.07
N PRO B 48 35.72 -18.59 12.31
CA PRO B 48 35.32 -17.71 11.21
C PRO B 48 36.53 -17.01 10.59
N LYS B 49 36.84 -17.33 9.34
CA LYS B 49 37.98 -16.76 8.64
C LYS B 49 37.52 -15.58 7.81
N LEU B 50 38.19 -14.44 7.99
CA LEU B 50 37.86 -13.26 7.20
C LEU B 50 38.26 -13.48 5.74
N LEU B 51 37.40 -13.03 4.84
CA LEU B 51 37.71 -13.02 3.42
C LEU B 51 37.70 -11.62 2.82
N ILE B 52 36.69 -10.82 3.14
CA ILE B 52 36.54 -9.49 2.58
C ILE B 52 36.61 -8.47 3.71
N TYR B 53 37.46 -7.46 3.55
CA TYR B 53 37.61 -6.42 4.56
C TYR B 53 37.39 -5.07 3.91
N LYS B 54 36.75 -4.17 4.66
CA LYS B 54 36.44 -2.82 4.16
C LYS B 54 35.62 -2.88 2.88
N VAL B 55 34.52 -3.64 2.95
CA VAL B 55 33.52 -3.74 1.89
C VAL B 55 34.06 -4.47 0.67
N SER B 56 35.16 -3.98 0.10
CA SER B 56 35.65 -4.50 -1.18
C SER B 56 37.04 -5.10 -1.11
N ASN B 57 37.94 -4.57 -0.29
CA ASN B 57 39.32 -5.06 -0.27
C ASN B 57 39.37 -6.51 0.17
N ARG B 58 40.24 -7.28 -0.47
CA ARG B 58 40.36 -8.70 -0.22
C ARG B 58 41.38 -8.94 0.90
N PHE B 59 41.05 -9.90 1.77
CA PHE B 59 41.93 -10.21 2.88
C PHE B 59 43.18 -10.94 2.39
N SER B 60 44.28 -10.77 3.14
CA SER B 60 45.52 -11.45 2.81
C SER B 60 45.37 -12.95 2.97
N GLY B 61 45.94 -13.70 2.02
CA GLY B 61 45.81 -15.14 2.04
C GLY B 61 44.42 -15.64 1.70
N VAL B 62 43.64 -14.84 0.99
CA VAL B 62 42.27 -15.18 0.62
C VAL B 62 42.18 -15.22 -0.89
N PRO B 63 41.59 -16.24 -1.49
CA PRO B 63 41.58 -16.35 -2.95
C PRO B 63 40.78 -15.23 -3.60
N ASP B 64 41.10 -14.95 -4.87
CA ASP B 64 40.40 -13.95 -5.66
C ASP B 64 38.95 -14.32 -5.92
N ARG B 65 38.57 -15.57 -5.64
CA ARG B 65 37.20 -16.02 -5.90
C ARG B 65 36.17 -15.18 -5.13
N PHE B 66 36.54 -14.65 -3.97
CA PHE B 66 35.64 -13.80 -3.20
C PHE B 66 35.85 -12.35 -3.57
N SER B 67 34.75 -11.60 -3.68
CA SER B 67 34.83 -10.17 -3.94
C SER B 67 33.62 -9.48 -3.34
N GLY B 68 33.86 -8.63 -2.35
CA GLY B 68 32.80 -7.80 -1.80
C GLY B 68 32.64 -6.52 -2.59
N SER B 69 31.39 -6.04 -2.66
CA SER B 69 31.11 -4.83 -3.41
C SER B 69 29.82 -4.21 -2.89
N GLY B 70 29.83 -2.89 -2.74
CA GLY B 70 28.64 -2.19 -2.32
C GLY B 70 29.00 -0.87 -1.66
N SER B 71 27.97 -0.13 -1.30
CA SER B 71 28.13 1.15 -0.64
C SER B 71 26.86 1.45 0.14
N GLY B 72 26.97 2.38 1.08
CA GLY B 72 25.82 2.77 1.87
C GLY B 72 25.28 1.64 2.73
N THR B 73 24.14 1.07 2.33
CA THR B 73 23.50 0.00 3.06
C THR B 73 23.45 -1.31 2.29
N ASP B 74 23.96 -1.34 1.05
CA ASP B 74 23.93 -2.51 0.19
C ASP B 74 25.34 -3.08 0.11
N PHE B 75 25.50 -4.37 0.44
CA PHE B 75 26.82 -4.99 0.37
C PHE B 75 26.68 -6.45 -0.05
N THR B 76 27.12 -6.76 -1.26
CA THR B 76 27.03 -8.12 -1.79
C THR B 76 28.43 -8.71 -1.90
N LEU B 77 28.60 -9.91 -1.35
CA LEU B 77 29.80 -10.70 -1.53
C LEU B 77 29.54 -11.69 -2.68
N LYS B 78 30.23 -11.50 -3.79
CA LYS B 78 30.09 -12.36 -4.95
C LYS B 78 31.27 -13.32 -5.01
N ILE B 79 30.97 -14.60 -5.18
CA ILE B 79 31.97 -15.64 -5.29
C ILE B 79 31.90 -16.20 -6.71
N SER B 80 32.92 -15.93 -7.51
CA SER B 80 32.93 -16.39 -8.90
C SER B 80 32.93 -17.91 -8.99
N ARG B 81 33.71 -18.58 -8.14
CA ARG B 81 33.77 -20.03 -8.12
C ARG B 81 33.62 -20.51 -6.69
N VAL B 82 32.83 -21.57 -6.50
CA VAL B 82 32.56 -22.13 -5.18
C VAL B 82 33.23 -23.49 -5.12
N GLU B 83 34.28 -23.62 -4.31
CA GLU B 83 34.99 -24.87 -4.14
C GLU B 83 34.50 -25.58 -2.89
N ALA B 84 35.16 -26.70 -2.55
CA ALA B 84 34.82 -27.41 -1.32
C ALA B 84 35.17 -26.58 -0.08
N GLU B 85 36.26 -25.81 -0.14
CA GLU B 85 36.63 -24.95 0.97
C GLU B 85 35.60 -23.85 1.20
N ASP B 86 34.86 -23.46 0.15
CA ASP B 86 33.79 -22.47 0.30
C ASP B 86 32.64 -22.96 1.15
N LEU B 87 32.56 -24.27 1.43
CA LEU B 87 31.51 -24.79 2.28
C LEU B 87 31.61 -24.18 3.67
N GLY B 88 30.47 -23.72 4.18
CA GLY B 88 30.44 -23.06 5.47
C GLY B 88 29.45 -21.92 5.52
N VAL B 89 29.32 -21.29 6.67
CA VAL B 89 28.37 -20.20 6.86
C VAL B 89 29.08 -18.87 6.67
N TYR B 90 28.42 -17.97 5.94
CA TYR B 90 29.01 -16.70 5.56
C TYR B 90 28.36 -15.58 6.36
N TYR B 91 29.18 -14.72 6.95
CA TYR B 91 28.71 -13.65 7.82
C TYR B 91 29.16 -12.31 7.26
N CYS B 92 28.19 -11.43 7.02
CA CYS B 92 28.48 -10.02 6.83
C CYS B 92 28.49 -9.35 8.19
N PHE B 93 29.49 -8.52 8.42
CA PHE B 93 29.72 -7.95 9.75
C PHE B 93 30.03 -6.47 9.59
N GLN B 94 29.22 -5.64 10.25
CA GLN B 94 29.45 -4.20 10.26
C GLN B 94 30.18 -3.81 11.53
N GLY B 95 31.18 -2.95 11.37
CA GLY B 95 31.95 -2.50 12.52
C GLY B 95 31.92 -1.01 12.70
N SER B 96 31.25 -0.32 11.78
CA SER B 96 31.15 1.14 11.89
C SER B 96 30.15 1.55 12.95
N HIS B 97 29.18 0.68 13.26
CA HIS B 97 28.14 0.99 14.22
C HIS B 97 28.21 0.01 15.39
N VAL B 98 28.20 0.56 16.61
CA VAL B 98 28.15 -0.25 17.82
C VAL B 98 26.69 -0.46 18.19
N PRO B 99 26.24 -1.69 18.42
CA PRO B 99 27.02 -2.93 18.50
C PRO B 99 27.45 -3.46 17.15
N TRP B 100 28.66 -4.01 17.07
CA TRP B 100 29.12 -4.64 15.85
C TRP B 100 28.30 -5.90 15.61
N THR B 101 27.39 -5.85 14.65
CA THR B 101 26.44 -6.92 14.41
C THR B 101 26.89 -7.76 13.22
N PHE B 102 26.90 -9.08 13.39
CA PHE B 102 27.12 -9.99 12.29
C PHE B 102 25.80 -10.30 11.59
N GLY B 103 25.90 -10.63 10.31
CA GLY B 103 24.72 -11.03 9.58
C GLY B 103 24.13 -12.32 10.10
N GLY B 104 22.89 -12.58 9.72
CA GLY B 104 22.19 -13.76 10.21
C GLY B 104 22.88 -15.06 9.88
N GLY B 105 23.74 -15.06 8.88
CA GLY B 105 24.46 -16.26 8.48
C GLY B 105 23.98 -16.81 7.16
N THR B 106 24.91 -17.17 6.29
CA THR B 106 24.58 -17.71 4.97
C THR B 106 25.44 -18.97 4.76
N LYS B 107 24.82 -20.13 4.92
CA LYS B 107 25.51 -21.40 4.76
C LYS B 107 25.53 -21.76 3.29
N LEU B 108 26.70 -21.63 2.66
CA LEU B 108 26.87 -22.11 1.28
C LEU B 108 26.74 -23.61 1.26
N GLU B 109 25.73 -24.11 0.56
CA GLU B 109 25.44 -25.53 0.48
C GLU B 109 25.50 -25.98 -0.96
N ILE B 110 26.17 -27.11 -1.21
CA ILE B 110 26.28 -27.63 -2.56
C ILE B 110 24.89 -27.96 -3.09
N LYS B 111 24.58 -27.47 -4.29
CA LYS B 111 23.25 -27.62 -4.87
C LYS B 111 23.20 -28.93 -5.66
N ARG B 112 22.62 -29.96 -5.04
CA ARG B 112 22.41 -31.24 -5.70
C ARG B 112 20.95 -31.34 -6.12
N ALA B 113 20.63 -32.39 -6.88
CA ALA B 113 19.25 -32.65 -7.27
C ALA B 113 18.39 -32.87 -6.02
N ASP B 114 17.25 -32.19 -5.97
CA ASP B 114 16.39 -32.26 -4.80
C ASP B 114 15.89 -33.69 -4.59
N ALA B 115 15.96 -34.16 -3.34
CA ALA B 115 15.59 -35.52 -2.99
C ALA B 115 14.60 -35.51 -1.85
N ALA B 116 13.74 -36.53 -1.83
CA ALA B 116 12.76 -36.68 -0.77
C ALA B 116 13.40 -37.26 0.48
N PRO B 117 12.99 -36.82 1.67
CA PRO B 117 13.56 -37.37 2.91
C PRO B 117 13.21 -38.84 3.07
N THR B 118 14.19 -39.63 3.52
CA THR B 118 14.00 -41.05 3.78
C THR B 118 13.52 -41.20 5.23
N VAL B 119 12.26 -40.86 5.44
CA VAL B 119 11.68 -40.92 6.78
C VAL B 119 11.51 -42.37 7.20
N SER B 120 12.01 -42.70 8.39
CA SER B 120 11.97 -44.07 8.91
C SER B 120 11.49 -44.03 10.35
N ILE B 121 10.42 -44.77 10.64
CA ILE B 121 9.89 -44.81 11.99
C ILE B 121 10.80 -45.64 12.88
N PHE B 122 10.92 -45.25 14.15
CA PHE B 122 11.70 -46.00 15.13
C PHE B 122 11.00 -45.96 16.47
N PRO B 123 10.28 -47.03 16.84
CA PRO B 123 9.58 -47.03 18.12
C PRO B 123 10.57 -47.04 19.28
N PRO B 124 10.17 -46.47 20.42
CA PRO B 124 10.99 -46.64 21.63
C PRO B 124 11.05 -48.11 22.03
N SER B 125 12.20 -48.50 22.56
CA SER B 125 12.44 -49.90 22.92
C SER B 125 12.09 -50.14 24.38
N SER B 126 12.11 -51.42 24.76
CA SER B 126 11.67 -51.81 26.10
C SER B 126 12.59 -51.26 27.18
N GLU B 127 13.91 -51.25 26.93
CA GLU B 127 14.84 -50.77 27.94
C GLU B 127 14.63 -49.28 28.25
N GLN B 128 14.16 -48.52 27.27
CA GLN B 128 13.83 -47.12 27.53
C GLN B 128 12.62 -47.00 28.44
N LEU B 129 11.58 -47.80 28.18
CA LEU B 129 10.38 -47.76 29.01
C LEU B 129 10.68 -48.21 30.44
N THR B 130 11.55 -49.21 30.59
CA THR B 130 11.91 -49.68 31.93
C THR B 130 12.68 -48.62 32.71
N SER B 131 13.29 -47.66 32.03
CA SER B 131 14.02 -46.58 32.70
C SER B 131 13.12 -45.46 33.16
N GLY B 132 11.82 -45.51 32.84
CA GLY B 132 10.88 -44.47 33.23
C GLY B 132 10.59 -43.43 32.19
N GLY B 133 11.20 -43.52 31.00
CA GLY B 133 10.97 -42.55 29.95
C GLY B 133 10.62 -43.24 28.64
N ALA B 134 10.30 -42.40 27.65
CA ALA B 134 9.95 -42.90 26.32
C ALA B 134 10.12 -41.77 25.32
N SER B 135 11.05 -41.92 24.38
CA SER B 135 11.32 -40.91 23.37
C SER B 135 11.18 -41.56 22.00
N VAL B 136 10.05 -41.33 21.34
CA VAL B 136 9.82 -41.84 20.00
C VAL B 136 10.55 -40.95 19.00
N VAL B 137 11.32 -41.57 18.10
CA VAL B 137 12.09 -40.85 17.11
C VAL B 137 11.75 -41.39 15.72
N CYS B 138 11.97 -40.55 14.72
CA CYS B 138 11.87 -40.97 13.33
C CYS B 138 12.89 -40.18 12.53
N PHE B 139 13.70 -40.90 11.75
CA PHE B 139 14.87 -40.35 11.11
C PHE B 139 14.56 -39.91 9.68
N LEU B 140 14.99 -38.72 9.32
CA LEU B 140 14.93 -38.23 7.96
C LEU B 140 16.33 -38.28 7.36
N ASN B 141 16.43 -38.54 6.06
CA ASN B 141 17.72 -38.70 5.43
C ASN B 141 17.63 -38.36 3.95
N ASN B 142 18.69 -37.74 3.43
CA ASN B 142 18.87 -37.48 2.00
C ASN B 142 17.71 -36.65 1.44
N PHE B 143 17.59 -35.42 1.95
CA PHE B 143 16.61 -34.47 1.44
C PHE B 143 17.28 -33.14 1.15
N TYR B 144 16.70 -32.39 0.21
CA TYR B 144 17.25 -31.13 -0.24
C TYR B 144 16.09 -30.29 -0.76
N PRO B 145 15.94 -29.04 -0.30
CA PRO B 145 16.80 -28.30 0.64
C PRO B 145 16.47 -28.54 2.11
N LYS B 146 16.98 -27.67 2.99
CA LYS B 146 16.80 -27.82 4.43
C LYS B 146 15.40 -27.42 4.89
N ASP B 147 14.73 -26.56 4.13
CA ASP B 147 13.43 -26.02 4.56
C ASP B 147 12.36 -27.09 4.40
N ILE B 148 12.28 -27.97 5.38
CA ILE B 148 11.26 -29.02 5.45
C ILE B 148 10.60 -28.94 6.81
N ASN B 149 9.26 -28.87 6.82
CA ASN B 149 8.50 -28.82 8.05
C ASN B 149 8.14 -30.24 8.49
N VAL B 150 8.39 -30.54 9.76
CA VAL B 150 8.10 -31.85 10.33
C VAL B 150 7.01 -31.69 11.39
N LYS B 151 5.93 -32.45 11.25
CA LYS B 151 4.81 -32.40 12.18
C LYS B 151 4.65 -33.77 12.84
N TRP B 152 4.42 -33.75 14.15
CA TRP B 152 4.18 -34.96 14.92
C TRP B 152 2.69 -35.07 15.25
N LYS B 153 2.11 -36.22 14.95
CA LYS B 153 0.70 -36.47 15.21
C LYS B 153 0.56 -37.75 16.04
N ILE B 154 -0.10 -37.63 17.17
CA ILE B 154 -0.41 -38.77 18.04
C ILE B 154 -1.84 -39.19 17.74
N ASP B 155 -1.99 -40.41 17.23
CA ASP B 155 -3.31 -40.98 16.88
C ASP B 155 -4.08 -40.08 15.92
N GLY B 156 -3.37 -39.27 15.13
CA GLY B 156 -3.97 -38.37 14.16
C GLY B 156 -4.04 -36.93 14.62
N SER B 157 -3.96 -36.69 15.94
CA SER B 157 -4.04 -35.34 16.46
C SER B 157 -2.63 -34.73 16.56
N GLU B 158 -2.43 -33.60 15.91
CA GLU B 158 -1.11 -32.97 15.89
C GLU B 158 -0.75 -32.44 17.27
N ARG B 159 0.54 -32.55 17.62
CA ARG B 159 1.06 -32.04 18.87
C ARG B 159 2.35 -31.28 18.61
N GLN B 160 2.67 -30.35 19.51
CA GLN B 160 3.91 -29.58 19.42
C GLN B 160 4.76 -29.62 20.67
N ASN B 161 4.20 -29.98 21.83
CA ASN B 161 5.00 -30.10 23.05
C ASN B 161 5.94 -31.29 22.94
N GLY B 162 7.19 -31.11 23.33
CA GLY B 162 8.19 -32.14 23.23
C GLY B 162 8.80 -32.33 21.86
N VAL B 163 8.45 -31.47 20.90
CA VAL B 163 9.03 -31.58 19.56
C VAL B 163 10.49 -31.16 19.60
N LEU B 164 11.36 -32.04 19.13
CA LEU B 164 12.80 -31.79 19.13
C LEU B 164 13.33 -31.90 17.71
N ASN B 165 14.10 -30.89 17.30
CA ASN B 165 14.67 -30.85 15.96
C ASN B 165 16.18 -31.03 16.05
N SER B 166 16.72 -31.86 15.15
CA SER B 166 18.16 -32.11 15.10
C SER B 166 18.51 -32.45 13.66
N TRP B 167 19.43 -31.70 13.07
CA TRP B 167 19.76 -31.82 11.66
C TRP B 167 21.21 -32.26 11.51
N THR B 168 21.68 -32.32 10.27
CA THR B 168 23.05 -32.67 9.96
C THR B 168 23.63 -31.67 8.97
N ASP B 169 24.94 -31.47 9.09
CA ASP B 169 25.64 -30.65 8.10
C ASP B 169 25.73 -31.40 6.77
N GLN B 170 25.89 -30.64 5.69
CA GLN B 170 25.99 -31.22 4.36
C GLN B 170 27.26 -32.04 4.25
N ASP B 171 27.12 -33.36 4.15
CA ASP B 171 28.28 -34.25 4.12
C ASP B 171 29.08 -34.04 2.85
N SER B 172 30.39 -34.29 2.94
CA SER B 172 31.27 -34.13 1.80
C SER B 172 31.12 -35.26 0.78
N LYS B 173 30.66 -36.45 1.21
CA LYS B 173 30.60 -37.59 0.30
C LYS B 173 29.56 -37.37 -0.79
N ASP B 174 28.33 -36.99 -0.42
CA ASP B 174 27.27 -36.84 -1.41
C ASP B 174 26.36 -35.65 -1.15
N SER B 175 26.67 -34.82 -0.15
CA SER B 175 25.98 -33.54 0.07
C SER B 175 24.49 -33.74 0.33
N THR B 176 24.19 -34.48 1.41
CA THR B 176 22.81 -34.76 1.78
C THR B 176 22.51 -34.22 3.17
N TYR B 177 21.24 -33.89 3.39
CA TYR B 177 20.75 -33.43 4.67
C TYR B 177 19.97 -34.54 5.37
N SER B 178 20.17 -34.66 6.68
CA SER B 178 19.47 -35.64 7.48
C SER B 178 18.88 -34.94 8.70
N MET B 179 17.68 -35.37 9.11
CA MET B 179 16.92 -34.69 10.16
C MET B 179 16.41 -35.74 11.15
N SER B 180 16.59 -35.45 12.43
CA SER B 180 16.13 -36.33 13.51
C SER B 180 15.08 -35.60 14.32
N SER B 181 13.88 -36.17 14.41
CA SER B 181 12.78 -35.61 15.18
C SER B 181 12.46 -36.56 16.33
N THR B 182 12.39 -36.01 17.54
CA THR B 182 12.18 -36.79 18.74
C THR B 182 11.10 -36.14 19.60
N LEU B 183 10.22 -36.96 20.16
CA LEU B 183 9.21 -36.51 21.10
C LEU B 183 9.54 -37.06 22.48
N THR B 184 9.65 -36.17 23.46
CA THR B 184 9.97 -36.56 24.84
C THR B 184 8.66 -36.78 25.60
N LEU B 185 8.42 -38.03 26.00
CA LEU B 185 7.22 -38.39 26.75
C LEU B 185 7.61 -39.21 27.97
N THR B 186 6.80 -39.08 29.02
CA THR B 186 6.95 -39.94 30.18
C THR B 186 6.42 -41.34 29.87
N LYS B 187 6.65 -42.26 30.81
CA LYS B 187 6.17 -43.63 30.63
C LYS B 187 4.66 -43.68 30.54
N ASP B 188 3.97 -43.07 31.51
CA ASP B 188 2.51 -43.14 31.54
C ASP B 188 1.90 -42.49 30.32
N GLU B 189 2.48 -41.38 29.85
CA GLU B 189 1.99 -40.76 28.62
C GLU B 189 2.14 -41.69 27.43
N TYR B 190 3.26 -42.41 27.35
CA TYR B 190 3.49 -43.31 26.23
C TYR B 190 2.50 -44.48 26.25
N GLU B 191 2.29 -45.09 27.43
CA GLU B 191 1.37 -46.21 27.49
C GLU B 191 -0.09 -45.81 27.39
N ARG B 192 -0.40 -44.51 27.42
CA ARG B 192 -1.77 -44.04 27.35
C ARG B 192 -2.25 -43.73 25.93
N HIS B 193 -1.40 -43.89 24.93
CA HIS B 193 -1.77 -43.56 23.56
C HIS B 193 -1.42 -44.71 22.63
N ASN B 194 -2.12 -44.77 21.49
CA ASN B 194 -2.11 -45.93 20.61
C ASN B 194 -1.09 -45.81 19.48
N SER B 195 -1.21 -44.79 18.64
CA SER B 195 -0.41 -44.69 17.43
C SER B 195 0.29 -43.34 17.36
N TYR B 196 1.44 -43.32 16.68
CA TYR B 196 2.21 -42.11 16.49
C TYR B 196 2.63 -41.99 15.03
N THR B 197 2.94 -40.77 14.61
CA THR B 197 3.43 -40.54 13.26
C THR B 197 4.17 -39.21 13.20
N CYS B 198 5.10 -39.10 12.25
CA CYS B 198 5.73 -37.84 11.91
C CYS B 198 5.35 -37.46 10.49
N GLU B 199 5.10 -36.17 10.27
CA GLU B 199 4.51 -35.71 9.02
C GLU B 199 5.44 -34.76 8.28
N ALA B 200 6.71 -35.15 8.14
CA ALA B 200 7.71 -34.35 7.44
C ALA B 200 7.18 -33.88 6.09
N THR B 201 7.05 -32.57 5.93
CA THR B 201 6.51 -31.95 4.72
C THR B 201 7.67 -31.33 3.94
N HIS B 202 8.06 -31.97 2.85
CA HIS B 202 9.15 -31.50 2.01
C HIS B 202 8.61 -31.03 0.67
N LYS B 203 9.25 -30.01 0.11
CA LYS B 203 8.85 -29.47 -1.18
C LYS B 203 9.14 -30.43 -2.33
N THR B 204 9.94 -31.47 -2.11
CA THR B 204 10.21 -32.44 -3.17
C THR B 204 8.95 -33.19 -3.58
N SER B 205 8.11 -33.55 -2.61
CA SER B 205 6.88 -34.27 -2.86
C SER B 205 5.68 -33.34 -2.64
N THR B 206 4.65 -33.53 -3.45
CA THR B 206 3.46 -32.70 -3.33
C THR B 206 2.79 -32.88 -1.97
N SER B 207 2.69 -34.11 -1.52
CA SER B 207 2.08 -34.41 -0.22
C SER B 207 3.17 -34.73 0.82
N PRO B 208 2.94 -34.39 2.08
CA PRO B 208 3.90 -34.75 3.12
C PRO B 208 4.04 -36.26 3.23
N ILE B 209 5.27 -36.70 3.53
CA ILE B 209 5.53 -38.13 3.68
C ILE B 209 4.87 -38.62 4.96
N VAL B 210 4.09 -39.68 4.85
CA VAL B 210 3.32 -40.22 5.97
C VAL B 210 4.03 -41.48 6.44
N LYS B 211 4.58 -41.43 7.66
CA LYS B 211 5.24 -42.56 8.27
C LYS B 211 4.72 -42.71 9.69
N SER B 212 4.06 -43.84 9.97
CA SER B 212 3.34 -44.04 11.21
C SER B 212 3.69 -45.39 11.81
N PHE B 213 3.41 -45.53 13.11
CA PHE B 213 3.50 -46.83 13.76
C PHE B 213 2.52 -46.90 14.92
N ASN B 214 2.34 -48.12 15.40
CA ASN B 214 1.46 -48.44 16.52
C ASN B 214 2.26 -49.21 17.58
N ARG B 215 1.87 -49.02 18.84
CA ARG B 215 2.59 -49.61 19.96
C ARG B 215 2.13 -51.02 20.30
N ASN B 216 1.17 -51.57 19.54
CA ASN B 216 0.64 -52.91 19.80
C ASN B 216 1.41 -53.99 19.04
N GLU B 217 2.69 -53.75 18.75
CA GLU B 217 3.55 -54.71 18.05
C GLU B 217 2.99 -55.05 16.67
N CYS B 218 2.78 -53.99 15.88
CA CYS B 218 2.24 -54.12 14.54
C CYS B 218 3.24 -54.80 13.61
N GLU C 1 52.90 -16.92 10.93
CA GLU C 1 51.65 -16.21 10.71
C GLU C 1 51.01 -15.88 12.06
N VAL C 2 50.10 -14.90 12.07
CA VAL C 2 49.46 -14.50 13.32
C VAL C 2 48.61 -15.66 13.82
N GLN C 3 48.84 -16.06 15.06
CA GLN C 3 48.29 -17.30 15.59
C GLN C 3 47.58 -17.01 16.90
N LEU C 4 46.38 -17.59 17.06
CA LEU C 4 45.55 -17.40 18.25
C LEU C 4 45.07 -18.76 18.76
N GLN C 5 45.51 -19.13 19.95
CA GLN C 5 45.07 -20.34 20.64
C GLN C 5 44.31 -19.98 21.90
N GLN C 6 42.99 -20.01 21.81
CA GLN C 6 42.13 -19.73 22.96
C GLN C 6 42.18 -20.90 23.94
N SER C 7 41.37 -20.79 24.98
CA SER C 7 41.20 -21.90 25.92
C SER C 7 40.41 -23.02 25.24
N GLY C 8 40.57 -24.23 25.77
CA GLY C 8 39.87 -25.38 25.25
C GLY C 8 38.40 -25.32 25.58
N PRO C 9 37.61 -26.24 25.00
CA PRO C 9 36.18 -26.30 25.34
C PRO C 9 35.95 -26.43 26.83
N GLU C 10 35.32 -25.42 27.43
CA GLU C 10 35.23 -25.28 28.87
C GLU C 10 33.84 -25.65 29.34
N LEU C 11 33.77 -26.56 30.32
CA LEU C 11 32.53 -26.88 31.00
C LEU C 11 32.41 -26.01 32.25
N VAL C 12 31.26 -25.36 32.42
CA VAL C 12 31.07 -24.43 33.51
C VAL C 12 29.61 -24.49 33.95
N LYS C 13 29.38 -24.35 35.25
CA LYS C 13 28.05 -24.28 35.82
C LYS C 13 27.51 -22.85 35.75
N PRO C 14 26.19 -22.68 35.71
CA PRO C 14 25.62 -21.34 35.65
C PRO C 14 25.99 -20.52 36.88
N GLY C 15 26.23 -19.23 36.68
CA GLY C 15 26.61 -18.35 37.75
C GLY C 15 28.08 -18.38 38.13
N THR C 16 28.88 -19.20 37.46
CA THR C 16 30.31 -19.31 37.74
C THR C 16 31.08 -18.44 36.78
N SER C 17 31.96 -17.60 37.31
CA SER C 17 32.77 -16.70 36.50
C SER C 17 34.06 -17.43 36.09
N MET C 18 34.22 -17.66 34.79
CA MET C 18 35.39 -18.33 34.27
C MET C 18 36.03 -17.48 33.18
N LYS C 19 37.32 -17.69 32.96
CA LYS C 19 38.13 -16.87 32.08
C LYS C 19 38.55 -17.69 30.87
N ILE C 20 38.33 -17.14 29.68
CA ILE C 20 38.71 -17.78 28.43
C ILE C 20 40.01 -17.15 27.96
N SER C 21 41.11 -17.89 28.05
CA SER C 21 42.39 -17.37 27.60
C SER C 21 42.41 -17.23 26.09
N CYS C 22 43.34 -16.43 25.60
CA CYS C 22 43.56 -16.29 24.16
C CYS C 22 45.06 -16.01 23.95
N LYS C 23 45.81 -17.08 23.75
CA LYS C 23 47.25 -16.96 23.51
C LYS C 23 47.50 -16.38 22.14
N ALA C 24 48.25 -15.28 22.08
CA ALA C 24 48.55 -14.57 20.85
C ALA C 24 50.02 -14.74 20.51
N SER C 25 50.31 -15.10 19.26
CA SER C 25 51.68 -15.24 18.80
C SER C 25 51.79 -14.76 17.37
N GLY C 26 53.01 -14.47 16.95
CA GLY C 26 53.26 -14.00 15.60
C GLY C 26 53.05 -12.52 15.39
N TYR C 27 52.76 -11.77 16.45
CA TYR C 27 52.57 -10.33 16.34
C TYR C 27 52.69 -9.72 17.72
N SER C 28 52.78 -8.39 17.75
CA SER C 28 52.79 -7.67 19.02
C SER C 28 51.38 -7.61 19.58
N PHE C 29 51.20 -8.12 20.80
CA PHE C 29 49.88 -8.16 21.40
C PHE C 29 49.31 -6.76 21.59
N THR C 30 50.14 -5.82 22.03
CA THR C 30 49.65 -4.49 22.36
C THR C 30 49.12 -3.75 21.13
N GLY C 31 49.77 -3.94 19.98
CA GLY C 31 49.46 -3.10 18.83
C GLY C 31 48.05 -3.27 18.30
N TYR C 32 47.58 -4.51 18.21
CA TYR C 32 46.33 -4.82 17.53
C TYR C 32 45.31 -5.35 18.52
N THR C 33 44.04 -4.99 18.32
CA THR C 33 43.05 -5.12 19.39
C THR C 33 42.35 -6.48 19.33
N MET C 34 42.18 -7.11 20.49
CA MET C 34 41.61 -8.45 20.56
C MET C 34 40.10 -8.32 20.77
N ASN C 35 39.33 -8.74 19.78
CA ASN C 35 37.89 -8.73 19.88
C ASN C 35 37.36 -10.12 20.20
N TRP C 36 36.34 -10.17 21.03
CA TRP C 36 35.68 -11.41 21.41
C TRP C 36 34.29 -11.43 20.81
N VAL C 37 33.94 -12.58 20.22
CA VAL C 37 32.69 -12.77 19.50
C VAL C 37 32.02 -14.03 20.03
N LYS C 38 30.70 -13.99 20.19
CA LYS C 38 29.92 -15.14 20.63
C LYS C 38 29.20 -15.74 19.44
N GLN C 39 29.26 -17.06 19.30
CA GLN C 39 28.47 -17.78 18.31
C GLN C 39 27.68 -18.87 19.04
N SER C 40 26.42 -18.58 19.35
CA SER C 40 25.56 -19.60 19.92
C SER C 40 25.29 -20.68 18.88
N HIS C 41 25.31 -21.94 19.34
CA HIS C 41 25.25 -23.09 18.44
C HIS C 41 24.04 -23.03 17.52
N GLY C 42 24.27 -22.86 16.23
CA GLY C 42 23.21 -22.79 15.24
C GLY C 42 22.74 -21.40 14.89
N LYS C 43 23.14 -20.38 15.63
CA LYS C 43 22.78 -18.99 15.33
C LYS C 43 24.03 -18.18 14.97
N SER C 44 23.80 -16.91 14.67
CA SER C 44 24.82 -16.04 14.09
C SER C 44 25.85 -15.63 15.13
N LEU C 45 26.97 -15.12 14.63
CA LEU C 45 28.02 -14.57 15.47
C LEU C 45 27.53 -13.30 16.16
N GLU C 46 28.05 -13.05 17.36
CA GLU C 46 27.66 -11.88 18.14
C GLU C 46 28.92 -11.29 18.76
N TRP C 47 29.30 -10.09 18.33
CA TRP C 47 30.53 -9.45 18.79
C TRP C 47 30.39 -9.08 20.26
N ILE C 48 31.04 -9.85 21.12
CA ILE C 48 30.98 -9.59 22.56
C ILE C 48 31.62 -8.25 22.89
N GLY C 49 32.77 -7.97 22.29
CA GLY C 49 33.44 -6.71 22.56
C GLY C 49 34.83 -6.71 21.97
N LEU C 50 35.61 -5.71 22.38
CA LEU C 50 37.01 -5.64 22.01
C LEU C 50 37.80 -5.10 23.20
N ILE C 51 39.08 -5.44 23.23
CA ILE C 51 40.00 -4.90 24.21
C ILE C 51 41.30 -4.53 23.50
N ASN C 52 41.73 -3.29 23.68
CA ASN C 52 43.05 -2.89 23.24
C ASN C 52 44.06 -3.37 24.28
N PRO C 53 44.96 -4.30 23.93
CA PRO C 53 45.90 -4.81 24.93
C PRO C 53 47.01 -3.86 25.28
N TYR C 54 47.26 -2.83 24.46
CA TYR C 54 48.28 -1.85 24.79
C TYR C 54 47.93 -1.13 26.08
N ASN C 55 46.67 -0.77 26.26
CA ASN C 55 46.17 -0.18 27.49
C ASN C 55 45.15 -1.05 28.19
N GLY C 56 44.83 -2.22 27.62
CA GLY C 56 43.79 -3.05 28.19
C GLY C 56 42.43 -2.41 28.18
N GLY C 57 42.18 -1.49 27.25
CA GLY C 57 40.95 -0.72 27.26
C GLY C 57 39.83 -1.47 26.57
N THR C 58 38.70 -1.61 27.26
CA THR C 58 37.61 -2.46 26.80
C THR C 58 36.48 -1.63 26.23
N ASN C 59 35.91 -2.12 25.13
CA ASN C 59 34.70 -1.56 24.53
C ASN C 59 33.81 -2.73 24.16
N TYR C 60 32.82 -3.01 24.98
CA TYR C 60 31.87 -4.09 24.72
C TYR C 60 30.63 -3.53 24.04
N ASN C 61 29.87 -4.44 23.43
CA ASN C 61 28.50 -4.11 23.08
C ASN C 61 27.62 -4.36 24.29
N GLN C 62 26.54 -3.58 24.40
CA GLN C 62 25.75 -3.62 25.62
C GLN C 62 25.04 -4.95 25.83
N LYS C 63 24.89 -5.76 24.77
CA LYS C 63 24.34 -7.09 24.95
C LYS C 63 25.27 -7.99 25.74
N PHE C 64 26.55 -7.63 25.85
CA PHE C 64 27.52 -8.40 26.62
C PHE C 64 28.32 -7.53 27.58
N ARG C 65 27.96 -6.26 27.73
CA ARG C 65 28.75 -5.35 28.54
C ARG C 65 28.77 -5.78 30.01
N GLY C 66 27.63 -6.23 30.53
CA GLY C 66 27.54 -6.66 31.90
C GLY C 66 27.76 -8.15 32.10
N THR C 67 27.71 -8.92 31.01
CA THR C 67 27.83 -10.36 31.12
C THR C 67 29.29 -10.82 31.03
N ALA C 68 30.05 -10.25 30.09
CA ALA C 68 31.43 -10.65 29.86
C ALA C 68 32.36 -9.46 30.10
N THR C 69 33.49 -9.75 30.75
CA THR C 69 34.51 -8.75 31.01
C THR C 69 35.79 -9.17 30.30
N LEU C 70 36.35 -8.27 29.50
CA LEU C 70 37.55 -8.53 28.73
C LEU C 70 38.77 -8.00 29.48
N THR C 71 39.76 -8.87 29.66
CA THR C 71 41.04 -8.48 30.23
C THR C 71 42.16 -9.05 29.37
N VAL C 72 43.34 -8.43 29.47
CA VAL C 72 44.51 -8.89 28.74
C VAL C 72 45.68 -8.95 29.70
N ASP C 73 46.66 -9.78 29.35
CA ASP C 73 47.90 -9.91 30.11
C ASP C 73 49.05 -9.74 29.12
N LYS C 74 49.69 -8.56 29.14
CA LYS C 74 50.73 -8.25 28.18
C LYS C 74 52.01 -9.03 28.43
N SER C 75 52.21 -9.54 29.64
CA SER C 75 53.42 -10.30 29.94
C SER C 75 53.47 -11.59 29.12
N SER C 76 52.35 -12.29 29.02
CA SER C 76 52.26 -13.53 28.25
C SER C 76 51.49 -13.36 26.94
N SER C 77 51.12 -12.12 26.58
CA SER C 77 50.43 -11.84 25.34
C SER C 77 49.14 -12.66 25.21
N THR C 78 48.37 -12.69 26.29
CA THR C 78 47.15 -13.46 26.36
C THR C 78 45.95 -12.55 26.62
N ALA C 79 44.89 -12.74 25.84
CA ALA C 79 43.62 -12.07 26.07
C ALA C 79 42.71 -12.98 26.89
N TYR C 80 41.68 -12.37 27.48
CA TYR C 80 40.83 -13.09 28.41
C TYR C 80 39.40 -12.60 28.30
N MET C 81 38.48 -13.42 28.79
CA MET C 81 37.07 -13.05 28.89
C MET C 81 36.50 -13.71 30.15
N GLU C 82 36.29 -12.91 31.19
CA GLU C 82 35.60 -13.37 32.39
C GLU C 82 34.11 -13.17 32.18
N LEU C 83 33.42 -14.24 31.80
CA LEU C 83 31.97 -14.19 31.59
C LEU C 83 31.29 -14.26 32.96
N LEU C 84 30.84 -13.11 33.44
CA LEU C 84 30.22 -13.04 34.75
C LEU C 84 28.82 -13.65 34.70
N SER C 85 28.54 -14.56 35.65
CA SER C 85 27.23 -15.16 35.83
C SER C 85 26.69 -15.74 34.52
N LEU C 86 27.41 -16.74 34.02
CA LEU C 86 27.00 -17.41 32.79
C LEU C 86 25.61 -18.01 32.95
N THR C 87 24.76 -17.80 31.95
CA THR C 87 23.39 -18.31 31.96
C THR C 87 23.15 -19.07 30.65
N SER C 88 21.91 -19.53 30.49
CA SER C 88 21.60 -20.48 29.42
C SER C 88 21.93 -19.92 28.04
N GLU C 89 21.55 -18.67 27.77
CA GLU C 89 21.88 -18.07 26.49
C GLU C 89 23.38 -17.84 26.31
N ASP C 90 24.15 -17.87 27.39
CA ASP C 90 25.61 -17.75 27.31
C ASP C 90 26.26 -19.13 27.18
N SER C 91 25.75 -19.93 26.25
CA SER C 91 26.28 -21.24 25.92
C SER C 91 26.63 -21.22 24.45
N ALA C 92 27.89 -20.97 24.13
CA ALA C 92 28.27 -20.66 22.76
C ALA C 92 29.75 -20.94 22.55
N VAL C 93 30.18 -20.78 21.30
CA VAL C 93 31.60 -20.80 20.96
C VAL C 93 32.10 -19.36 21.00
N TYR C 94 33.10 -19.11 21.83
CA TYR C 94 33.61 -17.77 22.04
C TYR C 94 34.96 -17.64 21.33
N TYR C 95 35.03 -16.72 20.37
CA TYR C 95 36.19 -16.55 19.51
C TYR C 95 36.93 -15.28 19.89
N CYS C 96 38.25 -15.39 20.04
CA CYS C 96 39.13 -14.23 20.15
C CYS C 96 39.77 -13.99 18.79
N ALA C 97 39.83 -12.73 18.37
CA ALA C 97 40.31 -12.40 17.04
C ALA C 97 41.06 -11.08 17.07
N ARG C 98 42.32 -11.11 16.65
CA ARG C 98 43.11 -9.90 16.57
C ARG C 98 42.60 -9.02 15.42
N SER C 99 42.62 -7.71 15.64
CA SER C 99 42.10 -6.74 14.69
C SER C 99 43.16 -5.70 14.38
N ASN C 100 43.44 -5.52 13.10
CA ASN C 100 44.27 -4.45 12.56
C ASN C 100 43.44 -3.18 12.46
N TYR C 101 44.02 -2.06 12.86
CA TYR C 101 43.42 -0.76 12.62
C TYR C 101 44.20 0.10 11.65
N ALA C 102 45.45 -0.25 11.36
CA ALA C 102 46.18 0.42 10.28
C ALA C 102 45.54 0.11 8.93
N TYR C 103 45.12 -1.13 8.71
CA TYR C 103 44.49 -1.54 7.48
C TYR C 103 42.98 -1.71 7.62
N ASP C 104 42.41 -1.20 8.72
CA ASP C 104 40.97 -1.24 8.96
C ASP C 104 40.43 -2.67 8.94
N LEU C 105 41.21 -3.60 9.52
CA LEU C 105 40.85 -5.01 9.56
C LEU C 105 40.23 -5.31 10.92
N LEU C 106 38.90 -5.26 10.98
CA LEU C 106 38.20 -5.64 12.20
C LEU C 106 38.20 -7.15 12.32
N MET C 107 38.79 -7.64 13.42
CA MET C 107 39.06 -9.07 13.58
C MET C 107 39.91 -9.49 12.39
N ASP C 108 39.83 -10.78 12.00
CA ASP C 108 40.38 -11.43 10.81
C ASP C 108 41.05 -12.75 11.15
N TYR C 109 42.05 -12.71 12.03
CA TYR C 109 42.69 -13.91 12.56
C TYR C 109 42.00 -14.26 13.87
N TRP C 110 41.13 -15.26 13.81
CA TRP C 110 40.33 -15.67 14.95
C TRP C 110 40.96 -16.89 15.62
N GLY C 111 40.77 -16.99 16.92
CA GLY C 111 41.19 -18.17 17.64
C GLY C 111 40.37 -19.38 17.24
N GLN C 112 40.88 -20.56 17.61
CA GLN C 112 40.23 -21.80 17.23
C GLN C 112 38.79 -21.90 17.75
N GLY C 113 38.46 -21.14 18.78
CA GLY C 113 37.11 -21.14 19.30
C GLY C 113 36.99 -21.91 20.60
N THR C 114 36.44 -21.27 21.62
CA THR C 114 36.23 -21.90 22.93
C THR C 114 34.74 -22.20 23.05
N SER C 115 34.39 -23.46 22.81
CA SER C 115 33.00 -23.90 22.94
C SER C 115 32.65 -23.99 24.41
N VAL C 116 31.77 -23.12 24.88
CA VAL C 116 31.38 -23.04 26.28
C VAL C 116 29.91 -23.39 26.38
N THR C 117 29.61 -24.42 27.18
CA THR C 117 28.24 -24.79 27.50
C THR C 117 28.05 -24.72 29.01
N VAL C 118 26.95 -24.14 29.44
CA VAL C 118 26.74 -23.83 30.85
C VAL C 118 25.68 -24.73 31.48
N SER C 119 25.32 -25.83 30.81
CA SER C 119 24.34 -26.74 31.37
C SER C 119 24.86 -27.33 32.68
N SER C 120 24.06 -27.22 33.74
CA SER C 120 24.45 -27.73 35.06
C SER C 120 24.17 -29.23 35.15
N ALA C 121 24.74 -29.96 34.20
CA ALA C 121 24.58 -31.40 34.10
C ALA C 121 25.90 -32.09 34.40
N LYS C 122 25.84 -33.13 35.22
CA LYS C 122 27.03 -33.89 35.55
C LYS C 122 27.44 -34.73 34.34
N THR C 123 28.57 -35.43 34.48
CA THR C 123 29.08 -36.29 33.42
C THR C 123 28.22 -37.55 33.39
N THR C 124 27.01 -37.39 32.87
CA THR C 124 26.07 -38.51 32.83
C THR C 124 26.52 -39.53 31.80
N PRO C 125 26.63 -40.81 32.16
CA PRO C 125 27.00 -41.83 31.18
C PRO C 125 25.98 -41.90 30.07
N PRO C 126 26.41 -42.14 28.83
CA PRO C 126 25.48 -42.15 27.70
C PRO C 126 24.55 -43.36 27.75
N SER C 127 23.25 -43.08 27.81
CA SER C 127 22.24 -44.13 27.82
C SER C 127 21.87 -44.45 26.37
N VAL C 128 22.37 -45.57 25.86
CA VAL C 128 22.17 -45.94 24.47
C VAL C 128 20.93 -46.83 24.37
N TYR C 129 19.97 -46.40 23.56
CA TYR C 129 18.76 -47.17 23.28
C TYR C 129 18.79 -47.64 21.84
N PRO C 130 18.79 -48.95 21.62
CA PRO C 130 18.66 -49.45 20.24
C PRO C 130 17.33 -49.03 19.62
N LEU C 131 17.38 -48.73 18.33
CA LEU C 131 16.19 -48.33 17.57
C LEU C 131 16.04 -49.24 16.37
N ALA C 132 14.92 -49.94 16.29
CA ALA C 132 14.63 -50.83 15.18
C ALA C 132 13.23 -50.58 14.65
N PRO C 133 13.06 -50.54 13.34
CA PRO C 133 11.72 -50.32 12.78
C PRO C 133 10.86 -51.57 12.87
N GLY C 134 9.55 -51.35 12.95
CA GLY C 134 8.61 -52.45 13.02
C GLY C 134 8.50 -53.21 11.72
N SER C 135 7.89 -52.59 10.71
CA SER C 135 7.81 -53.20 9.38
C SER C 135 7.98 -52.22 8.24
N ALA C 136 8.21 -50.93 8.52
CA ALA C 136 8.32 -49.95 7.45
C ALA C 136 9.62 -50.14 6.65
N ALA C 137 10.74 -50.27 7.35
CA ALA C 137 12.02 -50.46 6.67
C ALA C 137 12.19 -51.89 6.17
N GLN C 138 11.57 -52.86 6.85
CA GLN C 138 11.70 -54.26 6.43
C GLN C 138 11.12 -54.48 5.05
N THR C 139 9.95 -53.89 4.78
CA THR C 139 9.38 -53.98 3.43
C THR C 139 10.24 -53.25 2.42
N ASN C 140 10.77 -52.08 2.79
CA ASN C 140 11.64 -51.33 1.90
C ASN C 140 12.94 -52.08 1.66
N SER C 141 13.50 -51.90 0.46
CA SER C 141 14.76 -52.56 0.12
C SER C 141 15.96 -51.91 0.82
N MET C 142 15.78 -50.71 1.36
CA MET C 142 16.87 -49.92 1.94
C MET C 142 16.56 -49.72 3.43
N VAL C 143 17.05 -50.64 4.26
CA VAL C 143 16.65 -50.67 5.66
C VAL C 143 17.45 -49.65 6.45
N THR C 144 16.76 -48.79 7.19
CA THR C 144 17.39 -47.79 8.03
C THR C 144 17.36 -48.24 9.49
N LEU C 145 18.48 -48.04 10.19
CA LEU C 145 18.63 -48.40 11.59
C LEU C 145 19.16 -47.19 12.36
N GLY C 146 18.91 -47.17 13.66
CA GLY C 146 19.29 -46.04 14.49
C GLY C 146 19.66 -46.43 15.90
N CYS C 147 20.30 -45.50 16.58
CA CYS C 147 20.68 -45.67 17.98
C CYS C 147 20.55 -44.32 18.68
N LEU C 148 19.72 -44.25 19.72
CA LEU C 148 19.39 -42.99 20.37
C LEU C 148 20.16 -42.87 21.69
N VAL C 149 20.98 -41.83 21.82
CA VAL C 149 21.78 -41.61 23.00
C VAL C 149 21.07 -40.57 23.85
N LYS C 150 20.44 -41.01 24.93
CA LYS C 150 19.74 -40.17 25.88
C LYS C 150 20.59 -39.98 27.14
N GLY C 151 20.42 -38.83 27.77
CA GLY C 151 21.02 -38.56 29.07
C GLY C 151 22.53 -38.66 29.12
N TYR C 152 23.23 -37.75 28.45
CA TYR C 152 24.68 -37.75 28.45
C TYR C 152 25.18 -36.31 28.43
N PHE C 153 26.47 -36.14 28.72
CA PHE C 153 27.11 -34.83 28.77
C PHE C 153 28.61 -35.02 28.83
N PRO C 154 29.41 -34.17 28.16
CA PRO C 154 29.05 -33.05 27.29
C PRO C 154 28.97 -33.43 25.81
N GLU C 155 29.07 -32.44 24.92
CA GLU C 155 29.03 -32.67 23.48
C GLU C 155 30.01 -33.73 22.98
N PRO C 156 31.30 -33.73 23.36
CA PRO C 156 32.23 -34.70 22.77
C PRO C 156 31.85 -36.15 23.06
N VAL C 157 31.47 -36.88 22.03
CA VAL C 157 31.11 -38.29 22.13
C VAL C 157 31.43 -38.96 20.81
N THR C 158 32.04 -40.13 20.89
CA THR C 158 32.44 -40.90 19.70
C THR C 158 31.38 -41.98 19.46
N VAL C 159 30.45 -41.70 18.55
CA VAL C 159 29.40 -42.64 18.18
C VAL C 159 29.69 -43.14 16.78
N THR C 160 29.92 -44.44 16.65
CA THR C 160 30.22 -45.07 15.37
C THR C 160 29.36 -46.30 15.19
N TRP C 161 29.34 -46.80 13.96
CA TRP C 161 28.54 -47.98 13.61
C TRP C 161 29.48 -49.14 13.31
N ASN C 162 29.38 -50.20 14.12
CA ASN C 162 30.19 -51.41 13.96
C ASN C 162 31.68 -51.09 13.98
N SER C 163 32.10 -50.34 15.00
CA SER C 163 33.50 -50.00 15.23
C SER C 163 34.12 -49.28 14.05
N GLY C 164 33.32 -48.50 13.32
CA GLY C 164 33.80 -47.75 12.18
C GLY C 164 33.85 -48.52 10.88
N SER C 165 33.69 -49.84 10.92
CA SER C 165 33.68 -50.63 9.69
C SER C 165 32.48 -50.26 8.82
N LEU C 166 31.32 -50.07 9.44
CA LEU C 166 30.10 -49.69 8.72
C LEU C 166 30.01 -48.17 8.74
N SER C 167 30.27 -47.55 7.58
CA SER C 167 30.26 -46.09 7.46
C SER C 167 29.37 -45.57 6.35
N SER C 168 28.97 -46.42 5.39
CA SER C 168 28.13 -45.96 4.30
C SER C 168 26.72 -45.66 4.82
N GLY C 169 26.21 -44.48 4.47
CA GLY C 169 24.88 -44.08 4.89
C GLY C 169 24.77 -43.67 6.34
N VAL C 170 25.88 -43.53 7.04
CA VAL C 170 25.85 -43.16 8.45
C VAL C 170 25.62 -41.67 8.57
N HIS C 171 24.61 -41.29 9.36
CA HIS C 171 24.26 -39.88 9.59
C HIS C 171 24.16 -39.67 11.09
N THR C 172 25.29 -39.32 11.71
CA THR C 172 25.29 -38.96 13.12
C THR C 172 24.68 -37.58 13.31
N PHE C 173 24.14 -37.33 14.50
CA PHE C 173 23.45 -36.09 14.77
C PHE C 173 24.00 -35.43 16.02
N PRO C 174 24.01 -34.10 16.07
CA PRO C 174 24.35 -33.40 17.30
C PRO C 174 23.20 -33.44 18.29
N ALA C 175 23.56 -33.33 19.57
CA ALA C 175 22.57 -33.44 20.62
C ALA C 175 21.85 -32.11 20.83
N VAL C 176 20.76 -32.18 21.60
CA VAL C 176 19.89 -31.04 21.86
C VAL C 176 19.58 -30.97 23.35
N LEU C 177 18.89 -29.90 23.73
CA LEU C 177 18.57 -29.63 25.13
C LEU C 177 17.17 -30.10 25.48
N GLN C 178 17.05 -30.81 26.60
CA GLN C 178 15.75 -31.06 27.21
C GLN C 178 16.00 -31.26 28.71
N SER C 179 15.42 -30.36 29.52
CA SER C 179 15.52 -30.40 30.97
C SER C 179 16.98 -30.51 31.43
N ASP C 180 17.81 -29.65 30.85
CA ASP C 180 19.25 -29.60 31.17
C ASP C 180 19.92 -30.95 30.93
N LEU C 181 19.85 -31.41 29.68
CA LEU C 181 20.43 -32.69 29.31
C LEU C 181 20.71 -32.69 27.81
N TYR C 182 21.46 -33.69 27.36
CA TYR C 182 21.89 -33.80 25.98
C TYR C 182 21.48 -35.16 25.44
N THR C 183 21.11 -35.19 24.16
CA THR C 183 20.61 -36.41 23.54
C THR C 183 20.79 -36.34 22.03
N LEU C 184 21.49 -37.31 21.47
CA LEU C 184 21.67 -37.41 20.03
C LEU C 184 20.99 -38.68 19.53
N SER C 185 21.03 -38.88 18.21
CA SER C 185 20.39 -40.05 17.60
C SER C 185 21.11 -40.35 16.29
N SER C 186 21.96 -41.37 16.29
CA SER C 186 22.74 -41.73 15.12
C SER C 186 21.94 -42.64 14.21
N SER C 187 22.19 -42.53 12.91
CA SER C 187 21.47 -43.27 11.88
C SER C 187 22.45 -44.00 10.98
N VAL C 188 21.93 -45.03 10.31
CA VAL C 188 22.70 -45.79 9.33
C VAL C 188 21.72 -46.42 8.35
N THR C 189 22.14 -46.55 7.09
CA THR C 189 21.32 -47.14 6.05
C THR C 189 22.06 -48.34 5.45
N VAL C 190 21.45 -49.52 5.53
CA VAL C 190 22.09 -50.75 5.04
C VAL C 190 21.07 -51.50 4.17
N PRO C 191 21.57 -52.35 3.26
CA PRO C 191 20.64 -53.12 2.42
C PRO C 191 19.73 -54.01 3.24
N SER C 192 18.68 -54.50 2.56
CA SER C 192 17.66 -55.31 3.24
C SER C 192 18.24 -56.61 3.78
N SER C 193 19.11 -57.27 3.00
CA SER C 193 19.71 -58.52 3.44
C SER C 193 20.62 -58.33 4.64
N THR C 194 21.15 -57.12 4.86
CA THR C 194 22.05 -56.88 5.99
C THR C 194 21.33 -57.06 7.32
N TRP C 195 20.11 -56.55 7.44
CA TRP C 195 19.42 -56.65 8.71
C TRP C 195 18.25 -57.62 8.62
N PRO C 196 18.03 -58.44 9.66
CA PRO C 196 18.80 -58.56 10.89
C PRO C 196 19.89 -59.63 10.81
N SER C 197 20.22 -60.10 9.60
CA SER C 197 21.18 -61.19 9.45
C SER C 197 22.56 -60.77 9.95
N GLU C 198 23.02 -59.57 9.57
CA GLU C 198 24.32 -59.09 9.97
C GLU C 198 24.23 -58.33 11.28
N THR C 199 25.27 -58.46 12.10
CA THR C 199 25.30 -57.81 13.41
C THR C 199 25.51 -56.30 13.23
N VAL C 200 24.47 -55.52 13.49
CA VAL C 200 24.53 -54.07 13.40
C VAL C 200 24.59 -53.55 14.83
N THR C 201 25.79 -53.14 15.25
CA THR C 201 26.03 -52.67 16.62
C THR C 201 26.56 -51.24 16.57
N CYS C 202 25.96 -50.36 17.38
CA CYS C 202 26.42 -48.99 17.51
C CYS C 202 27.34 -48.88 18.72
N ASN C 203 28.55 -48.39 18.49
CA ASN C 203 29.54 -48.21 19.55
C ASN C 203 29.54 -46.74 19.95
N VAL C 204 29.04 -46.44 21.14
CA VAL C 204 29.00 -45.09 21.68
C VAL C 204 30.14 -44.97 22.67
N ALA C 205 31.11 -44.11 22.36
CA ALA C 205 32.25 -43.84 23.22
C ALA C 205 32.15 -42.41 23.73
N HIS C 206 32.15 -42.25 25.05
CA HIS C 206 32.03 -40.94 25.67
C HIS C 206 33.35 -40.56 26.32
N PRO C 207 34.17 -39.72 25.70
CA PRO C 207 35.48 -39.40 26.28
C PRO C 207 35.39 -38.42 27.43
N ALA C 208 34.46 -38.65 28.34
CA ALA C 208 34.35 -37.87 29.57
C ALA C 208 34.02 -38.71 30.80
N SER C 209 33.54 -39.95 30.63
CA SER C 209 33.19 -40.81 31.75
C SER C 209 33.72 -42.23 31.58
N SER C 210 34.53 -42.47 30.55
CA SER C 210 35.09 -43.81 30.27
C SER C 210 33.99 -44.85 30.15
N THR C 211 32.91 -44.48 29.47
CA THR C 211 31.76 -45.36 29.28
C THR C 211 31.64 -45.68 27.80
N LYS C 212 32.06 -46.89 27.43
CA LYS C 212 31.97 -47.38 26.05
C LYS C 212 30.85 -48.42 25.99
N VAL C 213 29.82 -48.13 25.20
CA VAL C 213 28.65 -49.00 25.09
C VAL C 213 28.57 -49.52 23.67
N ASP C 214 28.71 -50.84 23.52
CA ASP C 214 28.56 -51.50 22.22
C ASP C 214 27.15 -52.10 22.18
N LYS C 215 26.19 -51.24 21.84
CA LYS C 215 24.79 -51.63 21.87
C LYS C 215 24.40 -52.27 20.55
N LYS C 216 24.03 -53.55 20.60
CA LYS C 216 23.58 -54.29 19.42
C LYS C 216 22.06 -54.16 19.33
N ILE C 217 21.58 -53.69 18.19
CA ILE C 217 20.15 -53.51 17.99
C ILE C 217 19.53 -54.82 17.53
N VAL C 218 18.36 -55.14 18.08
CA VAL C 218 17.71 -56.42 17.80
C VAL C 218 16.23 -56.20 17.53
N PRO C 219 15.64 -57.05 16.69
CA PRO C 219 14.20 -56.96 16.44
C PRO C 219 13.41 -57.44 17.66
N ARG C 220 12.53 -56.58 18.17
CA ARG C 220 11.71 -56.90 19.32
C ARG C 220 10.39 -57.56 18.88
N ASP C 221 10.54 -58.73 18.25
CA ASP C 221 9.42 -59.56 17.82
C ASP C 221 8.45 -58.79 16.91
N CYS C 222 9.02 -57.98 16.02
CA CYS C 222 8.20 -57.18 15.12
C CYS C 222 8.94 -56.92 13.81
#